data_1IO6
# 
_entry.id   1IO6 
# 
_audit_conform.dict_name       mmcif_pdbx.dic 
_audit_conform.dict_version    5.383 
_audit_conform.dict_location   http://mmcif.pdb.org/dictionaries/ascii/mmcif_pdbx.dic 
# 
loop_
_database_2.database_id 
_database_2.database_code 
_database_2.pdbx_database_accession 
_database_2.pdbx_DOI 
PDB   1IO6         pdb_00001io6 10.2210/pdb1io6/pdb 
RCSB  RCSB005113   ?            ?                   
WWPDB D_1000005113 ?            ?                   
# 
loop_
_pdbx_audit_revision_history.ordinal 
_pdbx_audit_revision_history.data_content_type 
_pdbx_audit_revision_history.major_revision 
_pdbx_audit_revision_history.minor_revision 
_pdbx_audit_revision_history.revision_date 
1 'Structure model' 1 0 2001-02-14 
2 'Structure model' 1 1 2008-04-27 
3 'Structure model' 1 2 2011-07-13 
4 'Structure model' 1 3 2022-02-23 
5 'Structure model' 1 4 2023-12-27 
# 
_pdbx_audit_revision_details.ordinal             1 
_pdbx_audit_revision_details.revision_ordinal    1 
_pdbx_audit_revision_details.data_content_type   'Structure model' 
_pdbx_audit_revision_details.provider            repository 
_pdbx_audit_revision_details.type                'Initial release' 
_pdbx_audit_revision_details.description         ? 
_pdbx_audit_revision_details.details             ? 
# 
loop_
_pdbx_audit_revision_group.ordinal 
_pdbx_audit_revision_group.revision_ordinal 
_pdbx_audit_revision_group.data_content_type 
_pdbx_audit_revision_group.group 
1 2 'Structure model' 'Version format compliance' 
2 3 'Structure model' 'Version format compliance' 
3 4 'Structure model' 'Database references'       
4 4 'Structure model' 'Derived calculations'      
5 5 'Structure model' 'Data collection'           
# 
loop_
_pdbx_audit_revision_category.ordinal 
_pdbx_audit_revision_category.revision_ordinal 
_pdbx_audit_revision_category.data_content_type 
_pdbx_audit_revision_category.category 
1 4 'Structure model' database_2            
2 4 'Structure model' pdbx_struct_assembly  
3 4 'Structure model' pdbx_struct_oper_list 
4 4 'Structure model' struct_ref_seq_dif    
5 5 'Structure model' chem_comp_atom        
6 5 'Structure model' chem_comp_bond        
# 
loop_
_pdbx_audit_revision_item.ordinal 
_pdbx_audit_revision_item.revision_ordinal 
_pdbx_audit_revision_item.data_content_type 
_pdbx_audit_revision_item.item 
1 4 'Structure model' '_database_2.pdbx_DOI'                
2 4 'Structure model' '_database_2.pdbx_database_accession' 
3 4 'Structure model' '_struct_ref_seq_dif.details'         
# 
_pdbx_database_status.status_code                     REL 
_pdbx_database_status.entry_id                        1IO6 
_pdbx_database_status.recvd_initial_deposition_date   2001-01-25 
_pdbx_database_status.deposit_site                    RCSB 
_pdbx_database_status.process_site                    PDBJ 
_pdbx_database_status.SG_entry                        . 
_pdbx_database_status.pdb_format_compatible           Y 
_pdbx_database_status.status_code_mr                  ? 
_pdbx_database_status.status_code_sf                  ? 
_pdbx_database_status.status_code_cs                  ? 
_pdbx_database_status.status_code_nmr_data            ? 
_pdbx_database_status.methods_development_category    ? 
# 
loop_
_audit_author.name 
_audit_author.pdbx_ordinal 
'Kawasaki, M.' 1 
'Ogura, K.'    2 
'Hatanaka, H.' 3 
'Inagaki, F.'  4 
# 
loop_
_citation.id 
_citation.title 
_citation.journal_abbrev 
_citation.journal_volume 
_citation.page_first 
_citation.page_last 
_citation.year 
_citation.journal_id_ASTM 
_citation.country 
_citation.journal_id_ISSN 
_citation.journal_id_CSD 
_citation.book_publisher 
_citation.pdbx_database_id_PubMed 
_citation.pdbx_database_id_DOI 
primary 
'Solution Structure of the C-Terminal SH3 Domain of Grb2 Complexed with a Ligand Peptide: A Ligand Exchange Model of the SH3 Domain' 
'To be Published' ? ?    ?    ?    ?      ?  ?         0353 ? ? ? 
1       'Solution Structure and Ligand-Binding Site of the C-Terminal SH3 Domain of Grb2' Structure         2 1029 1040 1994 
STRUE6 UK 0969-2126 2005 ? ? ? 
# 
loop_
_citation_author.citation_id 
_citation_author.name 
_citation_author.ordinal 
_citation_author.identifier_ORCID 
primary 'Kawasaki, M.'     1  ? 
primary 'Ogura, K.'        2  ? 
primary 'Yuzawa, S.'       3  ? 
primary 'Terasawa, H.'     4  ? 
primary 'Hatanaka, H.'     5  ? 
primary 'Mandiyan, V.'     6  ? 
primary 'Schlessinger, J.' 7  ? 
primary 'Inagaki, F.'      8  ? 
1       'Kohda, D.'        9  ? 
1       'Terasawa, H.'     10 ? 
1       'Ichikawa, S.'     11 ? 
1       'Ogura, K.'        12 ? 
1       'Hatanaka, H.'     13 ? 
1       'Mandiyan, V.'     14 ? 
1       'Ullrich, A.'      15 ? 
1       'Schlessinger, J.' 16 ? 
1       'Inagaki, F.'      17 ? 
# 
loop_
_entity.id 
_entity.type 
_entity.src_method 
_entity.pdbx_description 
_entity.formula_weight 
_entity.pdbx_number_of_molecules 
_entity.pdbx_ec 
_entity.pdbx_mutation 
_entity.pdbx_fragment 
_entity.details 
1 polymer man 'GROWTH FACTOR RECEPTOR-BOUND PROTEIN 2' 6785.427 1 ? ? 'C-TERMINAL SH3(RESIDUE 159-215)' ? 
2 polymer syn 'A LIGAND PEPTIDE'                       1248.498 1 ? ? ?                                 ? 
# 
_entity_name_com.entity_id   1 
_entity_name_com.name        GRB2-C-SH3 
# 
loop_
_entity_poly.entity_id 
_entity_poly.type 
_entity_poly.nstd_linkage 
_entity_poly.nstd_monomer 
_entity_poly.pdbx_seq_one_letter_code 
_entity_poly.pdbx_seq_one_letter_code_can 
_entity_poly.pdbx_strand_id 
_entity_poly.pdbx_target_identifier 
1 'polypeptide(L)' no no GSTYVQALFDFDPQEDGELGFRRGDFIHVMDNSDPNWWKGACHGQTGMFPRNYVTPVNR 
GSTYVQALFDFDPQEDGELGFRRGDFIHVMDNSDPNWWKGACHGQTGMFPRNYVTPVNR A ? 
2 'polypeptide(L)' no no RHYRPLPPLP                                                  RHYRPLPPLP B ? 
# 
loop_
_entity_poly_seq.entity_id 
_entity_poly_seq.num 
_entity_poly_seq.mon_id 
_entity_poly_seq.hetero 
1 1  GLY n 
1 2  SER n 
1 3  THR n 
1 4  TYR n 
1 5  VAL n 
1 6  GLN n 
1 7  ALA n 
1 8  LEU n 
1 9  PHE n 
1 10 ASP n 
1 11 PHE n 
1 12 ASP n 
1 13 PRO n 
1 14 GLN n 
1 15 GLU n 
1 16 ASP n 
1 17 GLY n 
1 18 GLU n 
1 19 LEU n 
1 20 GLY n 
1 21 PHE n 
1 22 ARG n 
1 23 ARG n 
1 24 GLY n 
1 25 ASP n 
1 26 PHE n 
1 27 ILE n 
1 28 HIS n 
1 29 VAL n 
1 30 MET n 
1 31 ASP n 
1 32 ASN n 
1 33 SER n 
1 34 ASP n 
1 35 PRO n 
1 36 ASN n 
1 37 TRP n 
1 38 TRP n 
1 39 LYS n 
1 40 GLY n 
1 41 ALA n 
1 42 CYS n 
1 43 HIS n 
1 44 GLY n 
1 45 GLN n 
1 46 THR n 
1 47 GLY n 
1 48 MET n 
1 49 PHE n 
1 50 PRO n 
1 51 ARG n 
1 52 ASN n 
1 53 TYR n 
1 54 VAL n 
1 55 THR n 
1 56 PRO n 
1 57 VAL n 
1 58 ASN n 
1 59 ARG n 
2 1  ARG n 
2 2  HIS n 
2 3  TYR n 
2 4  ARG n 
2 5  PRO n 
2 6  LEU n 
2 7  PRO n 
2 8  PRO n 
2 9  LEU n 
2 10 PRO n 
# 
_entity_src_gen.entity_id                          1 
_entity_src_gen.pdbx_src_id                        1 
_entity_src_gen.pdbx_alt_source_flag               sample 
_entity_src_gen.pdbx_seq_type                      ? 
_entity_src_gen.pdbx_beg_seq_num                   ? 
_entity_src_gen.pdbx_end_seq_num                   ? 
_entity_src_gen.gene_src_common_name               human 
_entity_src_gen.gene_src_genus                     Homo 
_entity_src_gen.pdbx_gene_src_gene                 ? 
_entity_src_gen.gene_src_species                   ? 
_entity_src_gen.gene_src_strain                    ? 
_entity_src_gen.gene_src_tissue                    ? 
_entity_src_gen.gene_src_tissue_fraction           ? 
_entity_src_gen.gene_src_details                   ? 
_entity_src_gen.pdbx_gene_src_fragment             ? 
_entity_src_gen.pdbx_gene_src_scientific_name      'Homo sapiens' 
_entity_src_gen.pdbx_gene_src_ncbi_taxonomy_id     9606 
_entity_src_gen.pdbx_gene_src_variant              ? 
_entity_src_gen.pdbx_gene_src_cell_line            ? 
_entity_src_gen.pdbx_gene_src_atcc                 ? 
_entity_src_gen.pdbx_gene_src_organ                ? 
_entity_src_gen.pdbx_gene_src_organelle            ? 
_entity_src_gen.pdbx_gene_src_cell                 ? 
_entity_src_gen.pdbx_gene_src_cellular_location    ? 
_entity_src_gen.host_org_common_name               ? 
_entity_src_gen.pdbx_host_org_scientific_name      'Escherichia coli BL21(DE3)' 
_entity_src_gen.pdbx_host_org_ncbi_taxonomy_id     469008 
_entity_src_gen.host_org_genus                     Escherichia 
_entity_src_gen.pdbx_host_org_gene                 ? 
_entity_src_gen.pdbx_host_org_organ                ? 
_entity_src_gen.host_org_species                   'Escherichia coli' 
_entity_src_gen.pdbx_host_org_tissue               ? 
_entity_src_gen.pdbx_host_org_tissue_fraction      ? 
_entity_src_gen.pdbx_host_org_strain               'BL21 (DE3)' 
_entity_src_gen.pdbx_host_org_variant              ? 
_entity_src_gen.pdbx_host_org_cell_line            ? 
_entity_src_gen.pdbx_host_org_atcc                 ? 
_entity_src_gen.pdbx_host_org_culture_collection   ? 
_entity_src_gen.pdbx_host_org_cell                 ? 
_entity_src_gen.pdbx_host_org_organelle            ? 
_entity_src_gen.pdbx_host_org_cellular_location    ? 
_entity_src_gen.pdbx_host_org_vector_type          PLASMID 
_entity_src_gen.pdbx_host_org_vector               ? 
_entity_src_gen.host_org_details                   ? 
_entity_src_gen.expression_system_id               ? 
_entity_src_gen.plasmid_name                       PGEX-2T 
_entity_src_gen.plasmid_details                    ? 
_entity_src_gen.pdbx_description                   ? 
# 
_pdbx_entity_src_syn.entity_id              2 
_pdbx_entity_src_syn.pdbx_src_id            1 
_pdbx_entity_src_syn.pdbx_alt_source_flag   sample 
_pdbx_entity_src_syn.pdbx_beg_seq_num       ? 
_pdbx_entity_src_syn.pdbx_end_seq_num       ? 
_pdbx_entity_src_syn.organism_scientific    ? 
_pdbx_entity_src_syn.organism_common_name   ? 
_pdbx_entity_src_syn.ncbi_taxonomy_id       ? 
_pdbx_entity_src_syn.details                
;THE PEPTIDE WAS CHEMICALLY SYNTHESIZED BY THE SOLID-PHASE FMOC STRATEGY. THE SEQUENCE OF THIS PEPTIDE IS ARTIFICIAL AND IS NOT NATURALLY FOUND.
;
# 
loop_
_chem_comp.id 
_chem_comp.type 
_chem_comp.mon_nstd_flag 
_chem_comp.name 
_chem_comp.pdbx_synonyms 
_chem_comp.formula 
_chem_comp.formula_weight 
ALA 'L-peptide linking' y ALANINE         ? 'C3 H7 N O2'     89.093  
ARG 'L-peptide linking' y ARGININE        ? 'C6 H15 N4 O2 1' 175.209 
ASN 'L-peptide linking' y ASPARAGINE      ? 'C4 H8 N2 O3'    132.118 
ASP 'L-peptide linking' y 'ASPARTIC ACID' ? 'C4 H7 N O4'     133.103 
CYS 'L-peptide linking' y CYSTEINE        ? 'C3 H7 N O2 S'   121.158 
GLN 'L-peptide linking' y GLUTAMINE       ? 'C5 H10 N2 O3'   146.144 
GLU 'L-peptide linking' y 'GLUTAMIC ACID' ? 'C5 H9 N O4'     147.129 
GLY 'peptide linking'   y GLYCINE         ? 'C2 H5 N O2'     75.067  
HIS 'L-peptide linking' y HISTIDINE       ? 'C6 H10 N3 O2 1' 156.162 
ILE 'L-peptide linking' y ISOLEUCINE      ? 'C6 H13 N O2'    131.173 
LEU 'L-peptide linking' y LEUCINE         ? 'C6 H13 N O2'    131.173 
LYS 'L-peptide linking' y LYSINE          ? 'C6 H15 N2 O2 1' 147.195 
MET 'L-peptide linking' y METHIONINE      ? 'C5 H11 N O2 S'  149.211 
PHE 'L-peptide linking' y PHENYLALANINE   ? 'C9 H11 N O2'    165.189 
PRO 'L-peptide linking' y PROLINE         ? 'C5 H9 N O2'     115.130 
SER 'L-peptide linking' y SERINE          ? 'C3 H7 N O3'     105.093 
THR 'L-peptide linking' y THREONINE       ? 'C4 H9 N O3'     119.119 
TRP 'L-peptide linking' y TRYPTOPHAN      ? 'C11 H12 N2 O2'  204.225 
TYR 'L-peptide linking' y TYROSINE        ? 'C9 H11 N O3'    181.189 
VAL 'L-peptide linking' y VALINE          ? 'C5 H11 N O2'    117.146 
# 
loop_
_pdbx_poly_seq_scheme.asym_id 
_pdbx_poly_seq_scheme.entity_id 
_pdbx_poly_seq_scheme.seq_id 
_pdbx_poly_seq_scheme.mon_id 
_pdbx_poly_seq_scheme.ndb_seq_num 
_pdbx_poly_seq_scheme.pdb_seq_num 
_pdbx_poly_seq_scheme.auth_seq_num 
_pdbx_poly_seq_scheme.pdb_mon_id 
_pdbx_poly_seq_scheme.auth_mon_id 
_pdbx_poly_seq_scheme.pdb_strand_id 
_pdbx_poly_seq_scheme.pdb_ins_code 
_pdbx_poly_seq_scheme.hetero 
A 1 1  GLY 1  1  1  GLY GLY A . n 
A 1 2  SER 2  2  2  SER SER A . n 
A 1 3  THR 3  3  3  THR THR A . n 
A 1 4  TYR 4  4  4  TYR TYR A . n 
A 1 5  VAL 5  5  5  VAL VAL A . n 
A 1 6  GLN 6  6  6  GLN GLN A . n 
A 1 7  ALA 7  7  7  ALA ALA A . n 
A 1 8  LEU 8  8  8  LEU LEU A . n 
A 1 9  PHE 9  9  9  PHE PHE A . n 
A 1 10 ASP 10 10 10 ASP ASP A . n 
A 1 11 PHE 11 11 11 PHE PHE A . n 
A 1 12 ASP 12 12 12 ASP ASP A . n 
A 1 13 PRO 13 13 13 PRO PRO A . n 
A 1 14 GLN 14 14 14 GLN GLN A . n 
A 1 15 GLU 15 15 15 GLU GLU A . n 
A 1 16 ASP 16 16 16 ASP ASP A . n 
A 1 17 GLY 17 17 17 GLY GLY A . n 
A 1 18 GLU 18 18 18 GLU GLU A . n 
A 1 19 LEU 19 19 19 LEU LEU A . n 
A 1 20 GLY 20 20 20 GLY GLY A . n 
A 1 21 PHE 21 21 21 PHE PHE A . n 
A 1 22 ARG 22 22 22 ARG ARG A . n 
A 1 23 ARG 23 23 23 ARG ARG A . n 
A 1 24 GLY 24 24 24 GLY GLY A . n 
A 1 25 ASP 25 25 25 ASP ASP A . n 
A 1 26 PHE 26 26 26 PHE PHE A . n 
A 1 27 ILE 27 27 27 ILE ILE A . n 
A 1 28 HIS 28 28 28 HIS HIS A . n 
A 1 29 VAL 29 29 29 VAL VAL A . n 
A 1 30 MET 30 30 30 MET MET A . n 
A 1 31 ASP 31 31 31 ASP ASP A . n 
A 1 32 ASN 32 32 32 ASN ASN A . n 
A 1 33 SER 33 33 33 SER SER A . n 
A 1 34 ASP 34 34 34 ASP ASP A . n 
A 1 35 PRO 35 35 35 PRO PRO A . n 
A 1 36 ASN 36 36 36 ASN ASN A . n 
A 1 37 TRP 37 37 37 TRP TRP A . n 
A 1 38 TRP 38 38 38 TRP TRP A . n 
A 1 39 LYS 39 39 39 LYS LYS A . n 
A 1 40 GLY 40 40 40 GLY GLY A . n 
A 1 41 ALA 41 41 41 ALA ALA A . n 
A 1 42 CYS 42 42 42 CYS CYS A . n 
A 1 43 HIS 43 43 43 HIS HIS A . n 
A 1 44 GLY 44 44 44 GLY GLY A . n 
A 1 45 GLN 45 45 45 GLN GLN A . n 
A 1 46 THR 46 46 46 THR THR A . n 
A 1 47 GLY 47 47 47 GLY GLY A . n 
A 1 48 MET 48 48 48 MET MET A . n 
A 1 49 PHE 49 49 49 PHE PHE A . n 
A 1 50 PRO 50 50 50 PRO PRO A . n 
A 1 51 ARG 51 51 51 ARG ARG A . n 
A 1 52 ASN 52 52 52 ASN ASN A . n 
A 1 53 TYR 53 53 53 TYR TYR A . n 
A 1 54 VAL 54 54 54 VAL VAL A . n 
A 1 55 THR 55 55 55 THR THR A . n 
A 1 56 PRO 56 56 56 PRO PRO A . n 
A 1 57 VAL 57 57 57 VAL VAL A . n 
A 1 58 ASN 58 58 58 ASN ASN A . n 
A 1 59 ARG 59 59 59 ARG ARG A . n 
B 2 1  ARG 1  1  1  ARG ARG B . n 
B 2 2  HIS 2  2  2  HIS HIS B . n 
B 2 3  TYR 3  3  3  TYR TYR B . n 
B 2 4  ARG 4  4  4  ARG ARG B . n 
B 2 5  PRO 5  5  5  PRO PRO B . n 
B 2 6  LEU 6  6  6  LEU LEU B . n 
B 2 7  PRO 7  7  7  PRO PRO B . n 
B 2 8  PRO 8  8  8  PRO PRO B . n 
B 2 9  LEU 9  9  9  LEU LEU B . n 
B 2 10 PRO 10 10 10 PRO PRO B . n 
# 
_cell.entry_id           1IO6 
_cell.length_a           1.000 
_cell.length_b           1.000 
_cell.length_c           1.000 
_cell.angle_alpha        90.00 
_cell.angle_beta         90.00 
_cell.angle_gamma        90.00 
_cell.Z_PDB              1 
_cell.pdbx_unique_axis   ? 
# 
_symmetry.entry_id                         1IO6 
_symmetry.space_group_name_H-M             'P 1' 
_symmetry.pdbx_full_space_group_name_H-M   ? 
_symmetry.cell_setting                     ? 
_symmetry.Int_Tables_number                1 
# 
_exptl.entry_id          1IO6 
_exptl.method            'SOLUTION NMR' 
_exptl.crystals_number   ? 
# 
_struct.entry_id                  1IO6 
_struct.title                     
'GROWTH FACTOR RECEPTOR-BOUND PROTEIN 2 (GRB2) C-TERMINAL SH3 DOMAIN COMPLEXED WITH A LIGAND PEPTIDE (NMR, MINIMIZED MEAN STRUCTURE)' 
_struct.pdbx_model_details        ? 
_struct.pdbx_CASP_flag            ? 
_struct.pdbx_model_type_details   'minimized average' 
# 
_struct_keywords.entry_id        1IO6 
_struct_keywords.pdbx_keywords   'SIGNALING PROTEIN' 
_struct_keywords.text            
'SIGNAL TRANSDUCTION, SH3 DOMAIN, PROLINE-RICH PEPTIDE, COMPLEX (SH3 DOMAIN-PEPTIDE), SIGNALING PROTEIN' 
# 
loop_
_struct_asym.id 
_struct_asym.pdbx_blank_PDB_chainid_flag 
_struct_asym.pdbx_modified 
_struct_asym.entity_id 
_struct_asym.details 
A N N 1 ? 
B N N 2 ? 
# 
loop_
_struct_ref.id 
_struct_ref.db_name 
_struct_ref.db_code 
_struct_ref.entity_id 
_struct_ref.pdbx_seq_one_letter_code 
_struct_ref.pdbx_align_begin 
_struct_ref.pdbx_db_accession 
_struct_ref.pdbx_db_isoform 
1 UNP GRB2_HUMAN 1 TYVQALFDFDPQEDGELGFRRGDFIHVMDNSDPNWWKGACHGQTGMFPRNYVTPVNR 159 P62993 ? 
2 PDB 1IO6       2 ?                                                         ?   1IO6   ? 
# 
loop_
_struct_ref_seq.align_id 
_struct_ref_seq.ref_id 
_struct_ref_seq.pdbx_PDB_id_code 
_struct_ref_seq.pdbx_strand_id 
_struct_ref_seq.seq_align_beg 
_struct_ref_seq.pdbx_seq_align_beg_ins_code 
_struct_ref_seq.seq_align_end 
_struct_ref_seq.pdbx_seq_align_end_ins_code 
_struct_ref_seq.pdbx_db_accession 
_struct_ref_seq.db_align_beg 
_struct_ref_seq.pdbx_db_align_beg_ins_code 
_struct_ref_seq.db_align_end 
_struct_ref_seq.pdbx_db_align_end_ins_code 
_struct_ref_seq.pdbx_auth_seq_align_beg 
_struct_ref_seq.pdbx_auth_seq_align_end 
1 1 1IO6 A 3 ? 59 ? P62993 159 ? 215 ? 3 59 
2 2 1IO6 B 1 ? 10 ? 1IO6   1   ? 10  ? 1 10 
# 
loop_
_struct_ref_seq_dif.align_id 
_struct_ref_seq_dif.pdbx_pdb_id_code 
_struct_ref_seq_dif.mon_id 
_struct_ref_seq_dif.pdbx_pdb_strand_id 
_struct_ref_seq_dif.seq_num 
_struct_ref_seq_dif.pdbx_pdb_ins_code 
_struct_ref_seq_dif.pdbx_seq_db_name 
_struct_ref_seq_dif.pdbx_seq_db_accession_code 
_struct_ref_seq_dif.db_mon_id 
_struct_ref_seq_dif.pdbx_seq_db_seq_num 
_struct_ref_seq_dif.details 
_struct_ref_seq_dif.pdbx_auth_seq_num 
_struct_ref_seq_dif.pdbx_ordinal 
1 1IO6 GLY A 1 ? UNP P62993 ? ? 'cloning artifact' 1 1 
1 1IO6 SER A 2 ? UNP P62993 ? ? 'cloning artifact' 2 2 
# 
_pdbx_struct_assembly.id                   1 
_pdbx_struct_assembly.details              author_defined_assembly 
_pdbx_struct_assembly.method_details       ? 
_pdbx_struct_assembly.oligomeric_details   dimeric 
_pdbx_struct_assembly.oligomeric_count     2 
# 
_pdbx_struct_assembly_gen.assembly_id       1 
_pdbx_struct_assembly_gen.oper_expression   1 
_pdbx_struct_assembly_gen.asym_id_list      A,B 
# 
_pdbx_struct_oper_list.id                   1 
_pdbx_struct_oper_list.type                 'identity operation' 
_pdbx_struct_oper_list.name                 1_555 
_pdbx_struct_oper_list.symmetry_operation   x,y,z 
_pdbx_struct_oper_list.matrix[1][1]         1.0000000000 
_pdbx_struct_oper_list.matrix[1][2]         0.0000000000 
_pdbx_struct_oper_list.matrix[1][3]         0.0000000000 
_pdbx_struct_oper_list.vector[1]            0.0000000000 
_pdbx_struct_oper_list.matrix[2][1]         0.0000000000 
_pdbx_struct_oper_list.matrix[2][2]         1.0000000000 
_pdbx_struct_oper_list.matrix[2][3]         0.0000000000 
_pdbx_struct_oper_list.vector[2]            0.0000000000 
_pdbx_struct_oper_list.matrix[3][1]         0.0000000000 
_pdbx_struct_oper_list.matrix[3][2]         0.0000000000 
_pdbx_struct_oper_list.matrix[3][3]         1.0000000000 
_pdbx_struct_oper_list.vector[3]            0.0000000000 
# 
_struct_biol.id   1 
# 
_struct_conf.conf_type_id            HELX_P 
_struct_conf.id                      HELX_P1 
_struct_conf.pdbx_PDB_helix_id       GH 
_struct_conf.beg_label_comp_id       ARG 
_struct_conf.beg_label_asym_id       A 
_struct_conf.beg_label_seq_id        51 
_struct_conf.pdbx_beg_PDB_ins_code   ? 
_struct_conf.end_label_comp_id       TYR 
_struct_conf.end_label_asym_id       A 
_struct_conf.end_label_seq_id        53 
_struct_conf.pdbx_end_PDB_ins_code   ? 
_struct_conf.beg_auth_comp_id        ARG 
_struct_conf.beg_auth_asym_id        A 
_struct_conf.beg_auth_seq_id         51 
_struct_conf.end_auth_comp_id        TYR 
_struct_conf.end_auth_asym_id        A 
_struct_conf.end_auth_seq_id         53 
_struct_conf.pdbx_PDB_helix_class    5 
_struct_conf.details                 '3/10 HELIX' 
_struct_conf.pdbx_PDB_helix_length   3 
# 
_struct_conf_type.id          HELX_P 
_struct_conf_type.criteria    ? 
_struct_conf_type.reference   ? 
# 
loop_
_struct_sheet.id 
_struct_sheet.type 
_struct_sheet.number_strands 
_struct_sheet.details 
B1 ? 3 ? 
B2 ? 2 ? 
B3 ? 3 ? 
# 
loop_
_struct_sheet_order.sheet_id 
_struct_sheet_order.range_id_1 
_struct_sheet_order.range_id_2 
_struct_sheet_order.offset 
_struct_sheet_order.sense 
B1 1 2 ? anti-parallel 
B1 2 3 ? anti-parallel 
B2 1 2 ? anti-parallel 
B3 1 2 ? anti-parallel 
B3 2 3 ? anti-parallel 
# 
loop_
_struct_sheet_range.sheet_id 
_struct_sheet_range.id 
_struct_sheet_range.beg_label_comp_id 
_struct_sheet_range.beg_label_asym_id 
_struct_sheet_range.beg_label_seq_id 
_struct_sheet_range.pdbx_beg_PDB_ins_code 
_struct_sheet_range.end_label_comp_id 
_struct_sheet_range.end_label_asym_id 
_struct_sheet_range.end_label_seq_id 
_struct_sheet_range.pdbx_end_PDB_ins_code 
_struct_sheet_range.beg_auth_comp_id 
_struct_sheet_range.beg_auth_asym_id 
_struct_sheet_range.beg_auth_seq_id 
_struct_sheet_range.end_auth_comp_id 
_struct_sheet_range.end_auth_asym_id 
_struct_sheet_range.end_auth_seq_id 
B1 1 ASP A 25 ? VAL A 29 ? ASP A 25 VAL A 29 
B1 2 TYR A 4  ? ALA A 7  ? TYR A 4  ALA A 7  
B1 3 VAL A 54 ? PRO A 56 ? VAL A 54 PRO A 56 
B2 1 PHE A 9  ? ASP A 12 ? PHE A 9  ASP A 12 
B2 2 GLY A 20 ? ARG A 22 ? GLY A 20 ARG A 22 
B3 1 ASP A 31 ? ASN A 32 ? ASP A 31 ASN A 32 
B3 2 TRP A 37 ? CYS A 42 ? TRP A 37 CYS A 42 
B3 3 GLN A 45 ? PRO A 50 ? GLN A 45 PRO A 50 
# 
loop_
_pdbx_struct_sheet_hbond.sheet_id 
_pdbx_struct_sheet_hbond.range_id_1 
_pdbx_struct_sheet_hbond.range_id_2 
_pdbx_struct_sheet_hbond.range_1_label_atom_id 
_pdbx_struct_sheet_hbond.range_1_label_comp_id 
_pdbx_struct_sheet_hbond.range_1_label_asym_id 
_pdbx_struct_sheet_hbond.range_1_label_seq_id 
_pdbx_struct_sheet_hbond.range_1_PDB_ins_code 
_pdbx_struct_sheet_hbond.range_1_auth_atom_id 
_pdbx_struct_sheet_hbond.range_1_auth_comp_id 
_pdbx_struct_sheet_hbond.range_1_auth_asym_id 
_pdbx_struct_sheet_hbond.range_1_auth_seq_id 
_pdbx_struct_sheet_hbond.range_2_label_atom_id 
_pdbx_struct_sheet_hbond.range_2_label_comp_id 
_pdbx_struct_sheet_hbond.range_2_label_asym_id 
_pdbx_struct_sheet_hbond.range_2_label_seq_id 
_pdbx_struct_sheet_hbond.range_2_PDB_ins_code 
_pdbx_struct_sheet_hbond.range_2_auth_atom_id 
_pdbx_struct_sheet_hbond.range_2_auth_comp_id 
_pdbx_struct_sheet_hbond.range_2_auth_asym_id 
_pdbx_struct_sheet_hbond.range_2_auth_seq_id 
B1 1 2 N ILE A 27 ? N ILE A 27 O VAL A 5  ? O VAL A 5  
B1 2 3 N GLN A 6  ? N GLN A 6  O THR A 55 ? O THR A 55 
B2 1 2 N PHE A 11 ? N PHE A 11 O PHE A 21 ? O PHE A 21 
B3 1 2 O ASP A 31 ? O ASP A 31 N LYS A 39 ? N LYS A 39 
B3 2 3 O TRP A 38 ? O TRP A 38 N PHE A 49 ? N PHE A 49 
# 
loop_
_pdbx_validate_torsion.id 
_pdbx_validate_torsion.PDB_model_num 
_pdbx_validate_torsion.auth_comp_id 
_pdbx_validate_torsion.auth_asym_id 
_pdbx_validate_torsion.auth_seq_id 
_pdbx_validate_torsion.PDB_ins_code 
_pdbx_validate_torsion.label_alt_id 
_pdbx_validate_torsion.phi 
_pdbx_validate_torsion.psi 
1  1 THR A 3  ? ? -45.68  92.45   
2  1 VAL A 5  ? ? -151.37 -145.39 
3  1 GLN A 6  ? ? -167.29 118.58  
4  1 ALA A 7  ? ? -60.11  98.24   
5  1 GLU A 15 ? ? -113.39 -146.91 
6  1 ARG A 23 ? ? -38.07  125.37  
7  1 VAL A 29 ? ? -41.10  103.63  
8  1 ASP A 31 ? ? -160.09 88.81   
9  1 ASN A 32 ? ? -85.19  32.42   
10 1 ALA A 41 ? ? -114.06 -167.24 
11 1 CYS A 42 ? ? -158.92 -52.87  
12 1 HIS A 43 ? ? -159.76 47.98   
13 1 ASN A 58 ? ? 77.57   139.81  
14 1 ARG B 4  ? ? 73.58   145.82  
15 1 LEU B 6  ? ? -33.34  121.85  
# 
loop_
_pdbx_validate_planes.id 
_pdbx_validate_planes.PDB_model_num 
_pdbx_validate_planes.auth_comp_id 
_pdbx_validate_planes.auth_asym_id 
_pdbx_validate_planes.auth_seq_id 
_pdbx_validate_planes.PDB_ins_code 
_pdbx_validate_planes.label_alt_id 
_pdbx_validate_planes.rmsd 
_pdbx_validate_planes.type 
1 1 ARG A 22 ? ? 0.212 'SIDE CHAIN' 
2 1 ARG A 23 ? ? 0.129 'SIDE CHAIN' 
3 1 ARG A 51 ? ? 0.290 'SIDE CHAIN' 
4 1 ARG A 59 ? ? 0.124 'SIDE CHAIN' 
5 1 ARG B 1  ? ? 0.172 'SIDE CHAIN' 
6 1 ARG B 4  ? ? 0.243 'SIDE CHAIN' 
# 
_pdbx_nmr_ensemble.entry_id                                      1IO6 
_pdbx_nmr_ensemble.conformers_calculated_total_number            100 
_pdbx_nmr_ensemble.conformers_submitted_total_number             1 
_pdbx_nmr_ensemble.conformer_selection_criteria                  'LOWEST ENERGY' 
_pdbx_nmr_ensemble.average_constraints_per_residue               ? 
_pdbx_nmr_ensemble.average_constraint_violations_per_residue     ? 
_pdbx_nmr_ensemble.maximum_distance_constraint_violation         ? 
_pdbx_nmr_ensemble.average_distance_constraint_violation         ? 
_pdbx_nmr_ensemble.maximum_upper_distance_constraint_violation   ? 
_pdbx_nmr_ensemble.maximum_lower_distance_constraint_violation   ? 
_pdbx_nmr_ensemble.distance_constraint_violation_method          ? 
_pdbx_nmr_ensemble.maximum_torsion_angle_constraint_violation    ? 
_pdbx_nmr_ensemble.average_torsion_angle_constraint_violation    ? 
_pdbx_nmr_ensemble.torsion_angle_constraint_violation_method     ? 
# 
_pdbx_nmr_representative.entry_id             1IO6 
_pdbx_nmr_representative.conformer_id         1 
_pdbx_nmr_representative.selection_criteria   'minimized average structure' 
# 
_pdbx_nmr_exptl_sample_conditions.conditions_id       1 
_pdbx_nmr_exptl_sample_conditions.temperature         298. 
_pdbx_nmr_exptl_sample_conditions.pressure            ? 
_pdbx_nmr_exptl_sample_conditions.pH                  7.20 
_pdbx_nmr_exptl_sample_conditions.ionic_strength      ? 
_pdbx_nmr_exptl_sample_conditions.pressure_units      ? 
_pdbx_nmr_exptl_sample_conditions.temperature_units   K 
# 
_pdbx_nmr_details.entry_id   1IO6 
_pdbx_nmr_details.text       'MEAN STRUCTURE. NULL' 
# 
loop_
_pdbx_nmr_software.classification 
_pdbx_nmr_software.name 
_pdbx_nmr_software.version 
_pdbx_nmr_software.authors 
_pdbx_nmr_software.ordinal 
'structure solution' X-PLOR 3.1 BRUNGER 1 
refinement           X-PLOR 3.1 BRUNGER 2 
# 
loop_
_chem_comp_atom.comp_id 
_chem_comp_atom.atom_id 
_chem_comp_atom.type_symbol 
_chem_comp_atom.pdbx_aromatic_flag 
_chem_comp_atom.pdbx_stereo_config 
_chem_comp_atom.pdbx_ordinal 
ALA N    N N N 1   
ALA CA   C N S 2   
ALA C    C N N 3   
ALA O    O N N 4   
ALA CB   C N N 5   
ALA OXT  O N N 6   
ALA H    H N N 7   
ALA H2   H N N 8   
ALA HA   H N N 9   
ALA HB1  H N N 10  
ALA HB2  H N N 11  
ALA HB3  H N N 12  
ALA HXT  H N N 13  
ARG N    N N N 14  
ARG CA   C N S 15  
ARG C    C N N 16  
ARG O    O N N 17  
ARG CB   C N N 18  
ARG CG   C N N 19  
ARG CD   C N N 20  
ARG NE   N N N 21  
ARG CZ   C N N 22  
ARG NH1  N N N 23  
ARG NH2  N N N 24  
ARG OXT  O N N 25  
ARG H    H N N 26  
ARG H2   H N N 27  
ARG HA   H N N 28  
ARG HB2  H N N 29  
ARG HB3  H N N 30  
ARG HG2  H N N 31  
ARG HG3  H N N 32  
ARG HD2  H N N 33  
ARG HD3  H N N 34  
ARG HE   H N N 35  
ARG HH11 H N N 36  
ARG HH12 H N N 37  
ARG HH21 H N N 38  
ARG HH22 H N N 39  
ARG HXT  H N N 40  
ASN N    N N N 41  
ASN CA   C N S 42  
ASN C    C N N 43  
ASN O    O N N 44  
ASN CB   C N N 45  
ASN CG   C N N 46  
ASN OD1  O N N 47  
ASN ND2  N N N 48  
ASN OXT  O N N 49  
ASN H    H N N 50  
ASN H2   H N N 51  
ASN HA   H N N 52  
ASN HB2  H N N 53  
ASN HB3  H N N 54  
ASN HD21 H N N 55  
ASN HD22 H N N 56  
ASN HXT  H N N 57  
ASP N    N N N 58  
ASP CA   C N S 59  
ASP C    C N N 60  
ASP O    O N N 61  
ASP CB   C N N 62  
ASP CG   C N N 63  
ASP OD1  O N N 64  
ASP OD2  O N N 65  
ASP OXT  O N N 66  
ASP H    H N N 67  
ASP H2   H N N 68  
ASP HA   H N N 69  
ASP HB2  H N N 70  
ASP HB3  H N N 71  
ASP HD2  H N N 72  
ASP HXT  H N N 73  
CYS N    N N N 74  
CYS CA   C N R 75  
CYS C    C N N 76  
CYS O    O N N 77  
CYS CB   C N N 78  
CYS SG   S N N 79  
CYS OXT  O N N 80  
CYS H    H N N 81  
CYS H2   H N N 82  
CYS HA   H N N 83  
CYS HB2  H N N 84  
CYS HB3  H N N 85  
CYS HG   H N N 86  
CYS HXT  H N N 87  
GLN N    N N N 88  
GLN CA   C N S 89  
GLN C    C N N 90  
GLN O    O N N 91  
GLN CB   C N N 92  
GLN CG   C N N 93  
GLN CD   C N N 94  
GLN OE1  O N N 95  
GLN NE2  N N N 96  
GLN OXT  O N N 97  
GLN H    H N N 98  
GLN H2   H N N 99  
GLN HA   H N N 100 
GLN HB2  H N N 101 
GLN HB3  H N N 102 
GLN HG2  H N N 103 
GLN HG3  H N N 104 
GLN HE21 H N N 105 
GLN HE22 H N N 106 
GLN HXT  H N N 107 
GLU N    N N N 108 
GLU CA   C N S 109 
GLU C    C N N 110 
GLU O    O N N 111 
GLU CB   C N N 112 
GLU CG   C N N 113 
GLU CD   C N N 114 
GLU OE1  O N N 115 
GLU OE2  O N N 116 
GLU OXT  O N N 117 
GLU H    H N N 118 
GLU H2   H N N 119 
GLU HA   H N N 120 
GLU HB2  H N N 121 
GLU HB3  H N N 122 
GLU HG2  H N N 123 
GLU HG3  H N N 124 
GLU HE2  H N N 125 
GLU HXT  H N N 126 
GLY N    N N N 127 
GLY CA   C N N 128 
GLY C    C N N 129 
GLY O    O N N 130 
GLY OXT  O N N 131 
GLY H    H N N 132 
GLY H2   H N N 133 
GLY HA2  H N N 134 
GLY HA3  H N N 135 
GLY HXT  H N N 136 
HIS N    N N N 137 
HIS CA   C N S 138 
HIS C    C N N 139 
HIS O    O N N 140 
HIS CB   C N N 141 
HIS CG   C Y N 142 
HIS ND1  N Y N 143 
HIS CD2  C Y N 144 
HIS CE1  C Y N 145 
HIS NE2  N Y N 146 
HIS OXT  O N N 147 
HIS H    H N N 148 
HIS H2   H N N 149 
HIS HA   H N N 150 
HIS HB2  H N N 151 
HIS HB3  H N N 152 
HIS HD1  H N N 153 
HIS HD2  H N N 154 
HIS HE1  H N N 155 
HIS HE2  H N N 156 
HIS HXT  H N N 157 
ILE N    N N N 158 
ILE CA   C N S 159 
ILE C    C N N 160 
ILE O    O N N 161 
ILE CB   C N S 162 
ILE CG1  C N N 163 
ILE CG2  C N N 164 
ILE CD1  C N N 165 
ILE OXT  O N N 166 
ILE H    H N N 167 
ILE H2   H N N 168 
ILE HA   H N N 169 
ILE HB   H N N 170 
ILE HG12 H N N 171 
ILE HG13 H N N 172 
ILE HG21 H N N 173 
ILE HG22 H N N 174 
ILE HG23 H N N 175 
ILE HD11 H N N 176 
ILE HD12 H N N 177 
ILE HD13 H N N 178 
ILE HXT  H N N 179 
LEU N    N N N 180 
LEU CA   C N S 181 
LEU C    C N N 182 
LEU O    O N N 183 
LEU CB   C N N 184 
LEU CG   C N N 185 
LEU CD1  C N N 186 
LEU CD2  C N N 187 
LEU OXT  O N N 188 
LEU H    H N N 189 
LEU H2   H N N 190 
LEU HA   H N N 191 
LEU HB2  H N N 192 
LEU HB3  H N N 193 
LEU HG   H N N 194 
LEU HD11 H N N 195 
LEU HD12 H N N 196 
LEU HD13 H N N 197 
LEU HD21 H N N 198 
LEU HD22 H N N 199 
LEU HD23 H N N 200 
LEU HXT  H N N 201 
LYS N    N N N 202 
LYS CA   C N S 203 
LYS C    C N N 204 
LYS O    O N N 205 
LYS CB   C N N 206 
LYS CG   C N N 207 
LYS CD   C N N 208 
LYS CE   C N N 209 
LYS NZ   N N N 210 
LYS OXT  O N N 211 
LYS H    H N N 212 
LYS H2   H N N 213 
LYS HA   H N N 214 
LYS HB2  H N N 215 
LYS HB3  H N N 216 
LYS HG2  H N N 217 
LYS HG3  H N N 218 
LYS HD2  H N N 219 
LYS HD3  H N N 220 
LYS HE2  H N N 221 
LYS HE3  H N N 222 
LYS HZ1  H N N 223 
LYS HZ2  H N N 224 
LYS HZ3  H N N 225 
LYS HXT  H N N 226 
MET N    N N N 227 
MET CA   C N S 228 
MET C    C N N 229 
MET O    O N N 230 
MET CB   C N N 231 
MET CG   C N N 232 
MET SD   S N N 233 
MET CE   C N N 234 
MET OXT  O N N 235 
MET H    H N N 236 
MET H2   H N N 237 
MET HA   H N N 238 
MET HB2  H N N 239 
MET HB3  H N N 240 
MET HG2  H N N 241 
MET HG3  H N N 242 
MET HE1  H N N 243 
MET HE2  H N N 244 
MET HE3  H N N 245 
MET HXT  H N N 246 
PHE N    N N N 247 
PHE CA   C N S 248 
PHE C    C N N 249 
PHE O    O N N 250 
PHE CB   C N N 251 
PHE CG   C Y N 252 
PHE CD1  C Y N 253 
PHE CD2  C Y N 254 
PHE CE1  C Y N 255 
PHE CE2  C Y N 256 
PHE CZ   C Y N 257 
PHE OXT  O N N 258 
PHE H    H N N 259 
PHE H2   H N N 260 
PHE HA   H N N 261 
PHE HB2  H N N 262 
PHE HB3  H N N 263 
PHE HD1  H N N 264 
PHE HD2  H N N 265 
PHE HE1  H N N 266 
PHE HE2  H N N 267 
PHE HZ   H N N 268 
PHE HXT  H N N 269 
PRO N    N N N 270 
PRO CA   C N S 271 
PRO C    C N N 272 
PRO O    O N N 273 
PRO CB   C N N 274 
PRO CG   C N N 275 
PRO CD   C N N 276 
PRO OXT  O N N 277 
PRO H    H N N 278 
PRO HA   H N N 279 
PRO HB2  H N N 280 
PRO HB3  H N N 281 
PRO HG2  H N N 282 
PRO HG3  H N N 283 
PRO HD2  H N N 284 
PRO HD3  H N N 285 
PRO HXT  H N N 286 
SER N    N N N 287 
SER CA   C N S 288 
SER C    C N N 289 
SER O    O N N 290 
SER CB   C N N 291 
SER OG   O N N 292 
SER OXT  O N N 293 
SER H    H N N 294 
SER H2   H N N 295 
SER HA   H N N 296 
SER HB2  H N N 297 
SER HB3  H N N 298 
SER HG   H N N 299 
SER HXT  H N N 300 
THR N    N N N 301 
THR CA   C N S 302 
THR C    C N N 303 
THR O    O N N 304 
THR CB   C N R 305 
THR OG1  O N N 306 
THR CG2  C N N 307 
THR OXT  O N N 308 
THR H    H N N 309 
THR H2   H N N 310 
THR HA   H N N 311 
THR HB   H N N 312 
THR HG1  H N N 313 
THR HG21 H N N 314 
THR HG22 H N N 315 
THR HG23 H N N 316 
THR HXT  H N N 317 
TRP N    N N N 318 
TRP CA   C N S 319 
TRP C    C N N 320 
TRP O    O N N 321 
TRP CB   C N N 322 
TRP CG   C Y N 323 
TRP CD1  C Y N 324 
TRP CD2  C Y N 325 
TRP NE1  N Y N 326 
TRP CE2  C Y N 327 
TRP CE3  C Y N 328 
TRP CZ2  C Y N 329 
TRP CZ3  C Y N 330 
TRP CH2  C Y N 331 
TRP OXT  O N N 332 
TRP H    H N N 333 
TRP H2   H N N 334 
TRP HA   H N N 335 
TRP HB2  H N N 336 
TRP HB3  H N N 337 
TRP HD1  H N N 338 
TRP HE1  H N N 339 
TRP HE3  H N N 340 
TRP HZ2  H N N 341 
TRP HZ3  H N N 342 
TRP HH2  H N N 343 
TRP HXT  H N N 344 
TYR N    N N N 345 
TYR CA   C N S 346 
TYR C    C N N 347 
TYR O    O N N 348 
TYR CB   C N N 349 
TYR CG   C Y N 350 
TYR CD1  C Y N 351 
TYR CD2  C Y N 352 
TYR CE1  C Y N 353 
TYR CE2  C Y N 354 
TYR CZ   C Y N 355 
TYR OH   O N N 356 
TYR OXT  O N N 357 
TYR H    H N N 358 
TYR H2   H N N 359 
TYR HA   H N N 360 
TYR HB2  H N N 361 
TYR HB3  H N N 362 
TYR HD1  H N N 363 
TYR HD2  H N N 364 
TYR HE1  H N N 365 
TYR HE2  H N N 366 
TYR HH   H N N 367 
TYR HXT  H N N 368 
VAL N    N N N 369 
VAL CA   C N S 370 
VAL C    C N N 371 
VAL O    O N N 372 
VAL CB   C N N 373 
VAL CG1  C N N 374 
VAL CG2  C N N 375 
VAL OXT  O N N 376 
VAL H    H N N 377 
VAL H2   H N N 378 
VAL HA   H N N 379 
VAL HB   H N N 380 
VAL HG11 H N N 381 
VAL HG12 H N N 382 
VAL HG13 H N N 383 
VAL HG21 H N N 384 
VAL HG22 H N N 385 
VAL HG23 H N N 386 
VAL HXT  H N N 387 
# 
loop_
_chem_comp_bond.comp_id 
_chem_comp_bond.atom_id_1 
_chem_comp_bond.atom_id_2 
_chem_comp_bond.value_order 
_chem_comp_bond.pdbx_aromatic_flag 
_chem_comp_bond.pdbx_stereo_config 
_chem_comp_bond.pdbx_ordinal 
ALA N   CA   sing N N 1   
ALA N   H    sing N N 2   
ALA N   H2   sing N N 3   
ALA CA  C    sing N N 4   
ALA CA  CB   sing N N 5   
ALA CA  HA   sing N N 6   
ALA C   O    doub N N 7   
ALA C   OXT  sing N N 8   
ALA CB  HB1  sing N N 9   
ALA CB  HB2  sing N N 10  
ALA CB  HB3  sing N N 11  
ALA OXT HXT  sing N N 12  
ARG N   CA   sing N N 13  
ARG N   H    sing N N 14  
ARG N   H2   sing N N 15  
ARG CA  C    sing N N 16  
ARG CA  CB   sing N N 17  
ARG CA  HA   sing N N 18  
ARG C   O    doub N N 19  
ARG C   OXT  sing N N 20  
ARG CB  CG   sing N N 21  
ARG CB  HB2  sing N N 22  
ARG CB  HB3  sing N N 23  
ARG CG  CD   sing N N 24  
ARG CG  HG2  sing N N 25  
ARG CG  HG3  sing N N 26  
ARG CD  NE   sing N N 27  
ARG CD  HD2  sing N N 28  
ARG CD  HD3  sing N N 29  
ARG NE  CZ   sing N N 30  
ARG NE  HE   sing N N 31  
ARG CZ  NH1  sing N N 32  
ARG CZ  NH2  doub N N 33  
ARG NH1 HH11 sing N N 34  
ARG NH1 HH12 sing N N 35  
ARG NH2 HH21 sing N N 36  
ARG NH2 HH22 sing N N 37  
ARG OXT HXT  sing N N 38  
ASN N   CA   sing N N 39  
ASN N   H    sing N N 40  
ASN N   H2   sing N N 41  
ASN CA  C    sing N N 42  
ASN CA  CB   sing N N 43  
ASN CA  HA   sing N N 44  
ASN C   O    doub N N 45  
ASN C   OXT  sing N N 46  
ASN CB  CG   sing N N 47  
ASN CB  HB2  sing N N 48  
ASN CB  HB3  sing N N 49  
ASN CG  OD1  doub N N 50  
ASN CG  ND2  sing N N 51  
ASN ND2 HD21 sing N N 52  
ASN ND2 HD22 sing N N 53  
ASN OXT HXT  sing N N 54  
ASP N   CA   sing N N 55  
ASP N   H    sing N N 56  
ASP N   H2   sing N N 57  
ASP CA  C    sing N N 58  
ASP CA  CB   sing N N 59  
ASP CA  HA   sing N N 60  
ASP C   O    doub N N 61  
ASP C   OXT  sing N N 62  
ASP CB  CG   sing N N 63  
ASP CB  HB2  sing N N 64  
ASP CB  HB3  sing N N 65  
ASP CG  OD1  doub N N 66  
ASP CG  OD2  sing N N 67  
ASP OD2 HD2  sing N N 68  
ASP OXT HXT  sing N N 69  
CYS N   CA   sing N N 70  
CYS N   H    sing N N 71  
CYS N   H2   sing N N 72  
CYS CA  C    sing N N 73  
CYS CA  CB   sing N N 74  
CYS CA  HA   sing N N 75  
CYS C   O    doub N N 76  
CYS C   OXT  sing N N 77  
CYS CB  SG   sing N N 78  
CYS CB  HB2  sing N N 79  
CYS CB  HB3  sing N N 80  
CYS SG  HG   sing N N 81  
CYS OXT HXT  sing N N 82  
GLN N   CA   sing N N 83  
GLN N   H    sing N N 84  
GLN N   H2   sing N N 85  
GLN CA  C    sing N N 86  
GLN CA  CB   sing N N 87  
GLN CA  HA   sing N N 88  
GLN C   O    doub N N 89  
GLN C   OXT  sing N N 90  
GLN CB  CG   sing N N 91  
GLN CB  HB2  sing N N 92  
GLN CB  HB3  sing N N 93  
GLN CG  CD   sing N N 94  
GLN CG  HG2  sing N N 95  
GLN CG  HG3  sing N N 96  
GLN CD  OE1  doub N N 97  
GLN CD  NE2  sing N N 98  
GLN NE2 HE21 sing N N 99  
GLN NE2 HE22 sing N N 100 
GLN OXT HXT  sing N N 101 
GLU N   CA   sing N N 102 
GLU N   H    sing N N 103 
GLU N   H2   sing N N 104 
GLU CA  C    sing N N 105 
GLU CA  CB   sing N N 106 
GLU CA  HA   sing N N 107 
GLU C   O    doub N N 108 
GLU C   OXT  sing N N 109 
GLU CB  CG   sing N N 110 
GLU CB  HB2  sing N N 111 
GLU CB  HB3  sing N N 112 
GLU CG  CD   sing N N 113 
GLU CG  HG2  sing N N 114 
GLU CG  HG3  sing N N 115 
GLU CD  OE1  doub N N 116 
GLU CD  OE2  sing N N 117 
GLU OE2 HE2  sing N N 118 
GLU OXT HXT  sing N N 119 
GLY N   CA   sing N N 120 
GLY N   H    sing N N 121 
GLY N   H2   sing N N 122 
GLY CA  C    sing N N 123 
GLY CA  HA2  sing N N 124 
GLY CA  HA3  sing N N 125 
GLY C   O    doub N N 126 
GLY C   OXT  sing N N 127 
GLY OXT HXT  sing N N 128 
HIS N   CA   sing N N 129 
HIS N   H    sing N N 130 
HIS N   H2   sing N N 131 
HIS CA  C    sing N N 132 
HIS CA  CB   sing N N 133 
HIS CA  HA   sing N N 134 
HIS C   O    doub N N 135 
HIS C   OXT  sing N N 136 
HIS CB  CG   sing N N 137 
HIS CB  HB2  sing N N 138 
HIS CB  HB3  sing N N 139 
HIS CG  ND1  sing Y N 140 
HIS CG  CD2  doub Y N 141 
HIS ND1 CE1  doub Y N 142 
HIS ND1 HD1  sing N N 143 
HIS CD2 NE2  sing Y N 144 
HIS CD2 HD2  sing N N 145 
HIS CE1 NE2  sing Y N 146 
HIS CE1 HE1  sing N N 147 
HIS NE2 HE2  sing N N 148 
HIS OXT HXT  sing N N 149 
ILE N   CA   sing N N 150 
ILE N   H    sing N N 151 
ILE N   H2   sing N N 152 
ILE CA  C    sing N N 153 
ILE CA  CB   sing N N 154 
ILE CA  HA   sing N N 155 
ILE C   O    doub N N 156 
ILE C   OXT  sing N N 157 
ILE CB  CG1  sing N N 158 
ILE CB  CG2  sing N N 159 
ILE CB  HB   sing N N 160 
ILE CG1 CD1  sing N N 161 
ILE CG1 HG12 sing N N 162 
ILE CG1 HG13 sing N N 163 
ILE CG2 HG21 sing N N 164 
ILE CG2 HG22 sing N N 165 
ILE CG2 HG23 sing N N 166 
ILE CD1 HD11 sing N N 167 
ILE CD1 HD12 sing N N 168 
ILE CD1 HD13 sing N N 169 
ILE OXT HXT  sing N N 170 
LEU N   CA   sing N N 171 
LEU N   H    sing N N 172 
LEU N   H2   sing N N 173 
LEU CA  C    sing N N 174 
LEU CA  CB   sing N N 175 
LEU CA  HA   sing N N 176 
LEU C   O    doub N N 177 
LEU C   OXT  sing N N 178 
LEU CB  CG   sing N N 179 
LEU CB  HB2  sing N N 180 
LEU CB  HB3  sing N N 181 
LEU CG  CD1  sing N N 182 
LEU CG  CD2  sing N N 183 
LEU CG  HG   sing N N 184 
LEU CD1 HD11 sing N N 185 
LEU CD1 HD12 sing N N 186 
LEU CD1 HD13 sing N N 187 
LEU CD2 HD21 sing N N 188 
LEU CD2 HD22 sing N N 189 
LEU CD2 HD23 sing N N 190 
LEU OXT HXT  sing N N 191 
LYS N   CA   sing N N 192 
LYS N   H    sing N N 193 
LYS N   H2   sing N N 194 
LYS CA  C    sing N N 195 
LYS CA  CB   sing N N 196 
LYS CA  HA   sing N N 197 
LYS C   O    doub N N 198 
LYS C   OXT  sing N N 199 
LYS CB  CG   sing N N 200 
LYS CB  HB2  sing N N 201 
LYS CB  HB3  sing N N 202 
LYS CG  CD   sing N N 203 
LYS CG  HG2  sing N N 204 
LYS CG  HG3  sing N N 205 
LYS CD  CE   sing N N 206 
LYS CD  HD2  sing N N 207 
LYS CD  HD3  sing N N 208 
LYS CE  NZ   sing N N 209 
LYS CE  HE2  sing N N 210 
LYS CE  HE3  sing N N 211 
LYS NZ  HZ1  sing N N 212 
LYS NZ  HZ2  sing N N 213 
LYS NZ  HZ3  sing N N 214 
LYS OXT HXT  sing N N 215 
MET N   CA   sing N N 216 
MET N   H    sing N N 217 
MET N   H2   sing N N 218 
MET CA  C    sing N N 219 
MET CA  CB   sing N N 220 
MET CA  HA   sing N N 221 
MET C   O    doub N N 222 
MET C   OXT  sing N N 223 
MET CB  CG   sing N N 224 
MET CB  HB2  sing N N 225 
MET CB  HB3  sing N N 226 
MET CG  SD   sing N N 227 
MET CG  HG2  sing N N 228 
MET CG  HG3  sing N N 229 
MET SD  CE   sing N N 230 
MET CE  HE1  sing N N 231 
MET CE  HE2  sing N N 232 
MET CE  HE3  sing N N 233 
MET OXT HXT  sing N N 234 
PHE N   CA   sing N N 235 
PHE N   H    sing N N 236 
PHE N   H2   sing N N 237 
PHE CA  C    sing N N 238 
PHE CA  CB   sing N N 239 
PHE CA  HA   sing N N 240 
PHE C   O    doub N N 241 
PHE C   OXT  sing N N 242 
PHE CB  CG   sing N N 243 
PHE CB  HB2  sing N N 244 
PHE CB  HB3  sing N N 245 
PHE CG  CD1  doub Y N 246 
PHE CG  CD2  sing Y N 247 
PHE CD1 CE1  sing Y N 248 
PHE CD1 HD1  sing N N 249 
PHE CD2 CE2  doub Y N 250 
PHE CD2 HD2  sing N N 251 
PHE CE1 CZ   doub Y N 252 
PHE CE1 HE1  sing N N 253 
PHE CE2 CZ   sing Y N 254 
PHE CE2 HE2  sing N N 255 
PHE CZ  HZ   sing N N 256 
PHE OXT HXT  sing N N 257 
PRO N   CA   sing N N 258 
PRO N   CD   sing N N 259 
PRO N   H    sing N N 260 
PRO CA  C    sing N N 261 
PRO CA  CB   sing N N 262 
PRO CA  HA   sing N N 263 
PRO C   O    doub N N 264 
PRO C   OXT  sing N N 265 
PRO CB  CG   sing N N 266 
PRO CB  HB2  sing N N 267 
PRO CB  HB3  sing N N 268 
PRO CG  CD   sing N N 269 
PRO CG  HG2  sing N N 270 
PRO CG  HG3  sing N N 271 
PRO CD  HD2  sing N N 272 
PRO CD  HD3  sing N N 273 
PRO OXT HXT  sing N N 274 
SER N   CA   sing N N 275 
SER N   H    sing N N 276 
SER N   H2   sing N N 277 
SER CA  C    sing N N 278 
SER CA  CB   sing N N 279 
SER CA  HA   sing N N 280 
SER C   O    doub N N 281 
SER C   OXT  sing N N 282 
SER CB  OG   sing N N 283 
SER CB  HB2  sing N N 284 
SER CB  HB3  sing N N 285 
SER OG  HG   sing N N 286 
SER OXT HXT  sing N N 287 
THR N   CA   sing N N 288 
THR N   H    sing N N 289 
THR N   H2   sing N N 290 
THR CA  C    sing N N 291 
THR CA  CB   sing N N 292 
THR CA  HA   sing N N 293 
THR C   O    doub N N 294 
THR C   OXT  sing N N 295 
THR CB  OG1  sing N N 296 
THR CB  CG2  sing N N 297 
THR CB  HB   sing N N 298 
THR OG1 HG1  sing N N 299 
THR CG2 HG21 sing N N 300 
THR CG2 HG22 sing N N 301 
THR CG2 HG23 sing N N 302 
THR OXT HXT  sing N N 303 
TRP N   CA   sing N N 304 
TRP N   H    sing N N 305 
TRP N   H2   sing N N 306 
TRP CA  C    sing N N 307 
TRP CA  CB   sing N N 308 
TRP CA  HA   sing N N 309 
TRP C   O    doub N N 310 
TRP C   OXT  sing N N 311 
TRP CB  CG   sing N N 312 
TRP CB  HB2  sing N N 313 
TRP CB  HB3  sing N N 314 
TRP CG  CD1  doub Y N 315 
TRP CG  CD2  sing Y N 316 
TRP CD1 NE1  sing Y N 317 
TRP CD1 HD1  sing N N 318 
TRP CD2 CE2  doub Y N 319 
TRP CD2 CE3  sing Y N 320 
TRP NE1 CE2  sing Y N 321 
TRP NE1 HE1  sing N N 322 
TRP CE2 CZ2  sing Y N 323 
TRP CE3 CZ3  doub Y N 324 
TRP CE3 HE3  sing N N 325 
TRP CZ2 CH2  doub Y N 326 
TRP CZ2 HZ2  sing N N 327 
TRP CZ3 CH2  sing Y N 328 
TRP CZ3 HZ3  sing N N 329 
TRP CH2 HH2  sing N N 330 
TRP OXT HXT  sing N N 331 
TYR N   CA   sing N N 332 
TYR N   H    sing N N 333 
TYR N   H2   sing N N 334 
TYR CA  C    sing N N 335 
TYR CA  CB   sing N N 336 
TYR CA  HA   sing N N 337 
TYR C   O    doub N N 338 
TYR C   OXT  sing N N 339 
TYR CB  CG   sing N N 340 
TYR CB  HB2  sing N N 341 
TYR CB  HB3  sing N N 342 
TYR CG  CD1  doub Y N 343 
TYR CG  CD2  sing Y N 344 
TYR CD1 CE1  sing Y N 345 
TYR CD1 HD1  sing N N 346 
TYR CD2 CE2  doub Y N 347 
TYR CD2 HD2  sing N N 348 
TYR CE1 CZ   doub Y N 349 
TYR CE1 HE1  sing N N 350 
TYR CE2 CZ   sing Y N 351 
TYR CE2 HE2  sing N N 352 
TYR CZ  OH   sing N N 353 
TYR OH  HH   sing N N 354 
TYR OXT HXT  sing N N 355 
VAL N   CA   sing N N 356 
VAL N   H    sing N N 357 
VAL N   H2   sing N N 358 
VAL CA  C    sing N N 359 
VAL CA  CB   sing N N 360 
VAL CA  HA   sing N N 361 
VAL C   O    doub N N 362 
VAL C   OXT  sing N N 363 
VAL CB  CG1  sing N N 364 
VAL CB  CG2  sing N N 365 
VAL CB  HB   sing N N 366 
VAL CG1 HG11 sing N N 367 
VAL CG1 HG12 sing N N 368 
VAL CG1 HG13 sing N N 369 
VAL CG2 HG21 sing N N 370 
VAL CG2 HG22 sing N N 371 
VAL CG2 HG23 sing N N 372 
VAL OXT HXT  sing N N 373 
# 
_atom_sites.entry_id                    1IO6 
_atom_sites.fract_transf_matrix[1][1]   1.000000 
_atom_sites.fract_transf_matrix[1][2]   0.000000 
_atom_sites.fract_transf_matrix[1][3]   0.000000 
_atom_sites.fract_transf_matrix[2][1]   0.000000 
_atom_sites.fract_transf_matrix[2][2]   1.000000 
_atom_sites.fract_transf_matrix[2][3]   0.000000 
_atom_sites.fract_transf_matrix[3][1]   0.000000 
_atom_sites.fract_transf_matrix[3][2]   0.000000 
_atom_sites.fract_transf_matrix[3][3]   1.000000 
_atom_sites.fract_transf_vector[1]      0.00000 
_atom_sites.fract_transf_vector[2]      0.00000 
_atom_sites.fract_transf_vector[3]      0.00000 
# 
loop_
_atom_type.symbol 
C 
H 
N 
O 
S 
# 
loop_
_atom_site.group_PDB 
_atom_site.id 
_atom_site.type_symbol 
_atom_site.label_atom_id 
_atom_site.label_alt_id 
_atom_site.label_comp_id 
_atom_site.label_asym_id 
_atom_site.label_entity_id 
_atom_site.label_seq_id 
_atom_site.pdbx_PDB_ins_code 
_atom_site.Cartn_x 
_atom_site.Cartn_y 
_atom_site.Cartn_z 
_atom_site.occupancy 
_atom_site.B_iso_or_equiv 
_atom_site.pdbx_formal_charge 
_atom_site.auth_seq_id 
_atom_site.auth_comp_id 
_atom_site.auth_asym_id 
_atom_site.auth_atom_id 
_atom_site.pdbx_PDB_model_num 
ATOM 1    N N    . GLY A 1 1  ? -9.434  6.358   14.993  1.00 0.00 ? 1  GLY A N    1 
ATOM 2    C CA   . GLY A 1 1  ? -8.451  6.003   13.878  1.00 0.00 ? 1  GLY A CA   1 
ATOM 3    C C    . GLY A 1 1  ? -8.874  6.155   12.457  1.00 0.00 ? 1  GLY A C    1 
ATOM 4    O O    . GLY A 1 1  ? -10.048 6.137   12.143  1.00 0.00 ? 1  GLY A O    1 
ATOM 5    H H1   . GLY A 1 1  ? -9.056  6.035   15.906  1.00 0.00 ? 1  GLY A H1   1 
ATOM 6    H H2   . GLY A 1 1  ? -9.569  7.390   15.020  1.00 0.00 ? 1  GLY A H2   1 
ATOM 7    H H3   . GLY A 1 1  ? -10.346 5.894   14.813  1.00 0.00 ? 1  GLY A H3   1 
ATOM 8    H HA2  . GLY A 1 1  ? -7.863  6.752   13.671  1.00 0.00 ? 1  GLY A HA2  1 
ATOM 9    H HA3  . GLY A 1 1  ? -7.871  5.052   14.224  1.00 0.00 ? 1  GLY A HA3  1 
ATOM 10   N N    . SER A 1 2  ? -7.938  6.309   11.561  1.00 0.00 ? 2  SER A N    1 
ATOM 11   C CA   . SER A 1 2  ? -8.300  6.467   10.124  1.00 0.00 ? 2  SER A CA   1 
ATOM 12   C C    . SER A 1 2  ? -7.616  5.374   9.300   1.00 0.00 ? 2  SER A C    1 
ATOM 13   O O    . SER A 1 2  ? -6.404  5.288   9.252   1.00 0.00 ? 2  SER A O    1 
ATOM 14   C CB   . SER A 1 2  ? -7.845  7.842   9.631   1.00 0.00 ? 2  SER A CB   1 
ATOM 15   O OG   . SER A 1 2  ? -8.420  8.850   10.451  1.00 0.00 ? 2  SER A OG   1 
ATOM 16   H H    . SER A 1 2  ? -6.996  6.322   11.832  1.00 0.00 ? 2  SER A H    1 
ATOM 17   H HA   . SER A 1 2  ? -9.372  6.382   10.013  1.00 0.00 ? 2  SER A HA   1 
ATOM 18   H HB2  . SER A 1 2  ? -6.771  7.909   9.687   1.00 0.00 ? 2  SER A HB2  1 
ATOM 19   H HB3  . SER A 1 2  ? -8.158  7.976   8.604   1.00 0.00 ? 2  SER A HB3  1 
ATOM 20   H HG   . SER A 1 2  ? -9.307  8.568   10.691  1.00 0.00 ? 2  SER A HG   1 
ATOM 21   N N    . THR A 1 3  ? -8.382  4.538   8.654   1.00 0.00 ? 3  THR A N    1 
ATOM 22   C CA   . THR A 1 3  ? -7.779  3.447   7.835   1.00 0.00 ? 3  THR A CA   1 
ATOM 23   C C    . THR A 1 3  ? -6.645  3.988   6.985   1.00 0.00 ? 3  THR A C    1 
ATOM 24   O O    . THR A 1 3  ? -6.849  4.431   5.875   1.00 0.00 ? 3  THR A O    1 
ATOM 25   C CB   . THR A 1 3  ? -8.804  2.879   6.894   1.00 0.00 ? 3  THR A CB   1 
ATOM 26   O OG1  . THR A 1 3  ? -10.110 3.236   7.322   1.00 0.00 ? 3  THR A OG1  1 
ATOM 27   C CG2  . THR A 1 3  ? -8.656  1.360   6.843   1.00 0.00 ? 3  THR A CG2  1 
ATOM 28   H H    . THR A 1 3  ? -9.357  4.626   8.710   1.00 0.00 ? 3  THR A H    1 
ATOM 29   H HA   . THR A 1 3  ? -7.412  2.670   8.468   1.00 0.00 ? 3  THR A HA   1 
ATOM 30   H HB   . THR A 1 3  ? -8.606  3.286   5.929   1.00 0.00 ? 3  THR A HB   1 
ATOM 31   H HG1  . THR A 1 3  ? -10.734 2.931   6.658   1.00 0.00 ? 3  THR A HG1  1 
ATOM 32   H HG21 . THR A 1 3  ? -9.021  0.994   5.894   1.00 0.00 ? 3  THR A HG21 1 
ATOM 33   H HG22 . THR A 1 3  ? -7.613  1.100   6.953   1.00 0.00 ? 3  THR A HG22 1 
ATOM 34   H HG23 . THR A 1 3  ? -9.226  0.915   7.645   1.00 0.00 ? 3  THR A HG23 1 
ATOM 35   N N    . TYR A 1 4  ? -5.457  3.928   7.481   1.00 0.00 ? 4  TYR A N    1 
ATOM 36   C CA   . TYR A 1 4  ? -4.302  4.430   6.693   1.00 0.00 ? 4  TYR A CA   1 
ATOM 37   C C    . TYR A 1 4  ? -3.011  3.741   7.143   1.00 0.00 ? 4  TYR A C    1 
ATOM 38   O O    . TYR A 1 4  ? -3.001  2.923   8.042   1.00 0.00 ? 4  TYR A O    1 
ATOM 39   C CB   . TYR A 1 4  ? -4.149  5.937   6.911   1.00 0.00 ? 4  TYR A CB   1 
ATOM 40   C CG   . TYR A 1 4  ? -4.938  6.683   5.894   1.00 0.00 ? 4  TYR A CG   1 
ATOM 41   C CD1  . TYR A 1 4  ? -6.306  6.845   6.071   1.00 0.00 ? 4  TYR A CD1  1 
ATOM 42   C CD2  . TYR A 1 4  ? -4.298  7.227   4.784   1.00 0.00 ? 4  TYR A CD2  1 
ATOM 43   C CE1  . TYR A 1 4  ? -7.048  7.547   5.133   1.00 0.00 ? 4  TYR A CE1  1 
ATOM 44   C CE2  . TYR A 1 4  ? -5.032  7.938   3.844   1.00 0.00 ? 4  TYR A CE2  1 
ATOM 45   C CZ   . TYR A 1 4  ? -6.414  8.100   4.012   1.00 0.00 ? 4  TYR A CZ   1 
ATOM 46   O OH   . TYR A 1 4  ? -7.143  8.809   3.080   1.00 0.00 ? 4  TYR A OH   1 
ATOM 47   H H    . TYR A 1 4  ? -5.328  3.541   8.361   1.00 0.00 ? 4  TYR A H    1 
ATOM 48   H HA   . TYR A 1 4  ? -4.475  4.233   5.645   1.00 0.00 ? 4  TYR A HA   1 
ATOM 49   H HB2  . TYR A 1 4  ? -4.513  6.201   7.889   1.00 0.00 ? 4  TYR A HB2  1 
ATOM 50   H HB3  . TYR A 1 4  ? -3.112  6.217   6.819   1.00 0.00 ? 4  TYR A HB3  1 
ATOM 51   H HD1  . TYR A 1 4  ? -6.794  6.415   6.936   1.00 0.00 ? 4  TYR A HD1  1 
ATOM 52   H HD2  . TYR A 1 4  ? -3.233  7.095   4.651   1.00 0.00 ? 4  TYR A HD2  1 
ATOM 53   H HE1  . TYR A 1 4  ? -8.105  7.657   5.273   1.00 0.00 ? 4  TYR A HE1  1 
ATOM 54   H HE2  . TYR A 1 4  ? -4.535  8.357   2.993   1.00 0.00 ? 4  TYR A HE2  1 
ATOM 55   H HH   . TYR A 1 4  ? -7.612  9.509   3.540   1.00 0.00 ? 4  TYR A HH   1 
ATOM 56   N N    . VAL A 1 5  ? -1.924  4.089   6.516   1.00 0.00 ? 5  VAL A N    1 
ATOM 57   C CA   . VAL A 1 5  ? -0.604  3.496   6.874   1.00 0.00 ? 5  VAL A CA   1 
ATOM 58   C C    . VAL A 1 5  ? 0.483   4.529   6.546   1.00 0.00 ? 5  VAL A C    1 
ATOM 59   O O    . VAL A 1 5  ? 0.273   5.720   6.653   1.00 0.00 ? 5  VAL A O    1 
ATOM 60   C CB   . VAL A 1 5  ? -0.389  2.218   6.045   1.00 0.00 ? 5  VAL A CB   1 
ATOM 61   C CG1  . VAL A 1 5  ? -1.403  1.157   6.469   1.00 0.00 ? 5  VAL A CG1  1 
ATOM 62   C CG2  . VAL A 1 5  ? -0.600  2.556   4.575   1.00 0.00 ? 5  VAL A CG2  1 
ATOM 63   H H    . VAL A 1 5  ? -1.975  4.753   5.802   1.00 0.00 ? 5  VAL A H    1 
ATOM 64   H HA   . VAL A 1 5  ? -0.578  3.264   7.929   1.00 0.00 ? 5  VAL A HA   1 
ATOM 65   H HB   . VAL A 1 5  ? 0.614   1.828   6.186   1.00 0.00 ? 5  VAL A HB   1 
ATOM 66   H HG11 . VAL A 1 5  ? -1.371  0.331   5.773   1.00 0.00 ? 5  VAL A HG11 1 
ATOM 67   H HG12 . VAL A 1 5  ? -1.162  0.802   7.459   1.00 0.00 ? 5  VAL A HG12 1 
ATOM 68   H HG13 . VAL A 1 5  ? -2.393  1.587   6.471   1.00 0.00 ? 5  VAL A HG13 1 
ATOM 69   H HG21 . VAL A 1 5  ? -1.557  2.174   4.255   1.00 0.00 ? 5  VAL A HG21 1 
ATOM 70   H HG22 . VAL A 1 5  ? -0.580  3.630   4.447   1.00 0.00 ? 5  VAL A HG22 1 
ATOM 71   H HG23 . VAL A 1 5  ? 0.186   2.108   3.980   1.00 0.00 ? 5  VAL A HG23 1 
ATOM 72   N N    . GLN A 1 6  ? 1.622   4.081   6.120   1.00 0.00 ? 6  GLN A N    1 
ATOM 73   C CA   . GLN A 1 6  ? 2.721   5.003   5.749   1.00 0.00 ? 6  GLN A CA   1 
ATOM 74   C C    . GLN A 1 6  ? 3.765   4.189   5.008   1.00 0.00 ? 6  GLN A C    1 
ATOM 75   O O    . GLN A 1 6  ? 4.317   3.250   5.531   1.00 0.00 ? 6  GLN A O    1 
ATOM 76   C CB   . GLN A 1 6  ? 3.362   5.628   6.985   1.00 0.00 ? 6  GLN A CB   1 
ATOM 77   C CG   . GLN A 1 6  ? 2.606   6.888   7.378   1.00 0.00 ? 6  GLN A CG   1 
ATOM 78   C CD   . GLN A 1 6  ? 3.482   7.737   8.300   1.00 0.00 ? 6  GLN A CD   1 
ATOM 79   O OE1  . GLN A 1 6  ? 3.176   7.908   9.464   1.00 0.00 ? 6  GLN A OE1  1 
ATOM 80   N NE2  . GLN A 1 6  ? 4.569   8.283   7.825   1.00 0.00 ? 6  GLN A NE2  1 
ATOM 81   H H    . GLN A 1 6  ? 1.752   3.133   6.016   1.00 0.00 ? 6  GLN A H    1 
ATOM 82   H HA   . GLN A 1 6  ? 2.331   5.767   5.101   1.00 0.00 ? 6  GLN A HA   1 
ATOM 83   H HB2  . GLN A 1 6  ? 3.342   4.922   7.800   1.00 0.00 ? 6  GLN A HB2  1 
ATOM 84   H HB3  . GLN A 1 6  ? 4.385   5.886   6.754   1.00 0.00 ? 6  GLN A HB3  1 
ATOM 85   H HG2  . GLN A 1 6  ? 2.370   7.447   6.487   1.00 0.00 ? 6  GLN A HG2  1 
ATOM 86   H HG3  . GLN A 1 6  ? 1.695   6.619   7.893   1.00 0.00 ? 6  GLN A HG3  1 
ATOM 87   H HE21 . GLN A 1 6  ? 4.815   8.145   6.886   1.00 0.00 ? 6  GLN A HE21 1 
ATOM 88   H HE22 . GLN A 1 6  ? 5.138   8.829   8.406   1.00 0.00 ? 6  GLN A HE22 1 
ATOM 89   N N    . ALA A 1 7  ? 4.018   4.522   3.789   1.00 0.00 ? 7  ALA A N    1 
ATOM 90   C CA   . ALA A 1 7  ? 4.996   3.738   2.997   1.00 0.00 ? 7  ALA A CA   1 
ATOM 91   C C    . ALA A 1 7  ? 6.382   3.755   3.643   1.00 0.00 ? 7  ALA A C    1 
ATOM 92   O O    . ALA A 1 7  ? 7.154   4.674   3.460   1.00 0.00 ? 7  ALA A O    1 
ATOM 93   C CB   . ALA A 1 7  ? 5.083   4.324   1.586   1.00 0.00 ? 7  ALA A CB   1 
ATOM 94   H H    . ALA A 1 7  ? 3.546   5.274   3.385   1.00 0.00 ? 7  ALA A H    1 
ATOM 95   H HA   . ALA A 1 7  ? 4.653   2.716   2.940   1.00 0.00 ? 7  ALA A HA   1 
ATOM 96   H HB1  . ALA A 1 7  ? 6.087   4.678   1.404   1.00 0.00 ? 7  ALA A HB1  1 
ATOM 97   H HB2  . ALA A 1 7  ? 4.833   3.563   0.864   1.00 0.00 ? 7  ALA A HB2  1 
ATOM 98   H HB3  . ALA A 1 7  ? 4.389   5.149   1.496   1.00 0.00 ? 7  ALA A HB3  1 
ATOM 99   N N    . LEU A 1 8  ? 6.712   2.722   4.372   1.00 0.00 ? 8  LEU A N    1 
ATOM 100  C CA   . LEU A 1 8  ? 8.057   2.657   4.998   1.00 0.00 ? 8  LEU A CA   1 
ATOM 101  C C    . LEU A 1 8  ? 9.103   2.754   3.895   1.00 0.00 ? 8  LEU A C    1 
ATOM 102  O O    . LEU A 1 8  ? 10.226  3.158   4.114   1.00 0.00 ? 8  LEU A O    1 
ATOM 103  C CB   . LEU A 1 8  ? 8.242   1.315   5.695   1.00 0.00 ? 8  LEU A CB   1 
ATOM 104  C CG   . LEU A 1 8  ? 7.062   1.048   6.610   1.00 0.00 ? 8  LEU A CG   1 
ATOM 105  C CD1  . LEU A 1 8  ? 6.666   -0.422  6.493   1.00 0.00 ? 8  LEU A CD1  1 
ATOM 106  C CD2  . LEU A 1 8  ? 7.471   1.374   8.045   1.00 0.00 ? 8  LEU A CD2  1 
ATOM 107  H H    . LEU A 1 8  ? 6.085   1.984   4.491   1.00 0.00 ? 8  LEU A H    1 
ATOM 108  H HA   . LEU A 1 8  ? 8.170   3.458   5.708   1.00 0.00 ? 8  LEU A HA   1 
ATOM 109  H HB2  . LEU A 1 8  ? 8.307   0.531   4.954   1.00 0.00 ? 8  LEU A HB2  1 
ATOM 110  H HB3  . LEU A 1 8  ? 9.150   1.334   6.278   1.00 0.00 ? 8  LEU A HB3  1 
ATOM 111  H HG   . LEU A 1 8  ? 6.232   1.669   6.315   1.00 0.00 ? 8  LEU A HG   1 
ATOM 112  H HD11 . LEU A 1 8  ? 7.467   -1.043  6.867   1.00 0.00 ? 8  LEU A HD11 1 
ATOM 113  H HD12 . LEU A 1 8  ? 5.771   -0.603  7.067   1.00 0.00 ? 8  LEU A HD12 1 
ATOM 114  H HD13 . LEU A 1 8  ? 6.485   -0.659  5.452   1.00 0.00 ? 8  LEU A HD13 1 
ATOM 115  H HD21 . LEU A 1 8  ? 6.640   1.199   8.708   1.00 0.00 ? 8  LEU A HD21 1 
ATOM 116  H HD22 . LEU A 1 8  ? 8.301   0.748   8.334   1.00 0.00 ? 8  LEU A HD22 1 
ATOM 117  H HD23 . LEU A 1 8  ? 7.766   2.412   8.101   1.00 0.00 ? 8  LEU A HD23 1 
ATOM 118  N N    . PHE A 1 9  ? 8.731   2.364   2.708   1.00 0.00 ? 9  PHE A N    1 
ATOM 119  C CA   . PHE A 1 9  ? 9.670   2.399   1.575   1.00 0.00 ? 9  PHE A CA   1 
ATOM 120  C C    . PHE A 1 9  ? 8.920   2.842   0.333   1.00 0.00 ? 9  PHE A C    1 
ATOM 121  O O    . PHE A 1 9  ? 7.852   2.353   0.024   1.00 0.00 ? 9  PHE A O    1 
ATOM 122  C CB   . PHE A 1 9  ? 10.227  1.009   1.329   1.00 0.00 ? 9  PHE A CB   1 
ATOM 123  C CG   . PHE A 1 9  ? 10.838  0.530   2.604   1.00 0.00 ? 9  PHE A CG   1 
ATOM 124  C CD1  . PHE A 1 9  ? 11.792  1.324   3.230   1.00 0.00 ? 9  PHE A CD1  1 
ATOM 125  C CD2  . PHE A 1 9  ? 10.444  -0.684  3.171   1.00 0.00 ? 9  PHE A CD2  1 
ATOM 126  C CE1  . PHE A 1 9  ? 12.364  0.913   4.425   1.00 0.00 ? 9  PHE A CE1  1 
ATOM 127  C CE2  . PHE A 1 9  ? 11.015  -1.103  4.377   1.00 0.00 ? 9  PHE A CE2  1 
ATOM 128  C CZ   . PHE A 1 9  ? 11.978  -0.304  5.005   1.00 0.00 ? 9  PHE A CZ   1 
ATOM 129  H H    . PHE A 1 9  ? 7.827   2.041   2.562   1.00 0.00 ? 9  PHE A H    1 
ATOM 130  H HA   . PHE A 1 9  ? 10.487  3.076   1.801   1.00 0.00 ? 9  PHE A HA   1 
ATOM 131  H HB2  . PHE A 1 9  ? 9.430   0.345   1.027   1.00 0.00 ? 9  PHE A HB2  1 
ATOM 132  H HB3  . PHE A 1 9  ? 10.980  1.058   0.558   1.00 0.00 ? 9  PHE A HB3  1 
ATOM 133  H HD1  . PHE A 1 9  ? 12.092  2.261   2.784   1.00 0.00 ? 9  PHE A HD1  1 
ATOM 134  H HD2  . PHE A 1 9  ? 9.701   -1.296  2.681   1.00 0.00 ? 9  PHE A HD2  1 
ATOM 135  H HE1  . PHE A 1 9  ? 13.096  1.537   4.900   1.00 0.00 ? 9  PHE A HE1  1 
ATOM 136  H HE2  . PHE A 1 9  ? 10.712  -2.037  4.822   1.00 0.00 ? 9  PHE A HE2  1 
ATOM 137  H HZ   . PHE A 1 9  ? 12.421  -0.626  5.936   1.00 0.00 ? 9  PHE A HZ   1 
ATOM 138  N N    . ASP A 1 10 ? 9.478   3.747   -0.379  1.00 0.00 ? 10 ASP A N    1 
ATOM 139  C CA   . ASP A 1 10 ? 8.817   4.228   -1.622  1.00 0.00 ? 10 ASP A CA   1 
ATOM 140  C C    . ASP A 1 10 ? 8.335   3.013   -2.414  1.00 0.00 ? 10 ASP A C    1 
ATOM 141  O O    . ASP A 1 10 ? 9.037   2.027   -2.536  1.00 0.00 ? 10 ASP A O    1 
ATOM 142  C CB   . ASP A 1 10 ? 9.813   5.031   -2.459  1.00 0.00 ? 10 ASP A CB   1 
ATOM 143  C CG   . ASP A 1 10 ? 10.569  4.088   -3.398  1.00 0.00 ? 10 ASP A CG   1 
ATOM 144  O OD1  . ASP A 1 10 ? 10.078  3.852   -4.489  1.00 0.00 ? 10 ASP A OD1  1 
ATOM 145  O OD2  . ASP A 1 10 ? 11.625  3.617   -3.008  1.00 0.00 ? 10 ASP A OD2  1 
ATOM 146  H H    . ASP A 1 10 ? 10.335  4.102   -0.099  1.00 0.00 ? 10 ASP A H    1 
ATOM 147  H HA   . ASP A 1 10 ? 7.973   4.850   -1.361  1.00 0.00 ? 10 ASP A HA   1 
ATOM 148  H HB2  . ASP A 1 10 ? 9.279   5.771   -3.041  1.00 0.00 ? 10 ASP A HB2  1 
ATOM 149  H HB3  . ASP A 1 10 ? 10.517  5.525   -1.806  1.00 0.00 ? 10 ASP A HB3  1 
ATOM 150  N N    . PHE A 1 11 ? 7.143   3.057   -2.941  1.00 0.00 ? 11 PHE A N    1 
ATOM 151  C CA   . PHE A 1 11 ? 6.639   1.882   -3.704  1.00 0.00 ? 11 PHE A CA   1 
ATOM 152  C C    . PHE A 1 11 ? 6.448   2.241   -5.176  1.00 0.00 ? 11 PHE A C    1 
ATOM 153  O O    . PHE A 1 11 ? 6.246   3.386   -5.533  1.00 0.00 ? 11 PHE A O    1 
ATOM 154  C CB   . PHE A 1 11 ? 5.297   1.433   -3.124  1.00 0.00 ? 11 PHE A CB   1 
ATOM 155  C CG   . PHE A 1 11 ? 4.732   0.327   -3.981  1.00 0.00 ? 11 PHE A CG   1 
ATOM 156  C CD1  . PHE A 1 11 ? 5.169   -0.991  -3.801  1.00 0.00 ? 11 PHE A CD1  1 
ATOM 157  C CD2  . PHE A 1 11 ? 3.774   0.620   -4.959  1.00 0.00 ? 11 PHE A CD2  1 
ATOM 158  C CE1  . PHE A 1 11 ? 4.647   -2.016  -4.599  1.00 0.00 ? 11 PHE A CE1  1 
ATOM 159  C CE2  . PHE A 1 11 ? 3.252   -0.404  -5.757  1.00 0.00 ? 11 PHE A CE2  1 
ATOM 160  C CZ   . PHE A 1 11 ? 3.690   -1.725  -5.577  1.00 0.00 ? 11 PHE A CZ   1 
ATOM 161  H H    . PHE A 1 11 ? 6.580   3.852   -2.827  1.00 0.00 ? 11 PHE A H    1 
ATOM 162  H HA   . PHE A 1 11 ? 7.348   1.073   -3.623  1.00 0.00 ? 11 PHE A HA   1 
ATOM 163  H HB2  . PHE A 1 11 ? 5.441   1.074   -2.115  1.00 0.00 ? 11 PHE A HB2  1 
ATOM 164  H HB3  . PHE A 1 11 ? 4.612   2.268   -3.118  1.00 0.00 ? 11 PHE A HB3  1 
ATOM 165  H HD1  . PHE A 1 11 ? 5.908   -1.217  -3.047  1.00 0.00 ? 11 PHE A HD1  1 
ATOM 166  H HD2  . PHE A 1 11 ? 3.438   1.636   -5.097  1.00 0.00 ? 11 PHE A HD2  1 
ATOM 167  H HE1  . PHE A 1 11 ? 4.984   -3.033  -4.460  1.00 0.00 ? 11 PHE A HE1  1 
ATOM 168  H HE2  . PHE A 1 11 ? 2.513   -0.177  -6.511  1.00 0.00 ? 11 PHE A HE2  1 
ATOM 169  H HZ   . PHE A 1 11 ? 3.289   -2.518  -6.192  1.00 0.00 ? 11 PHE A HZ   1 
ATOM 170  N N    . ASP A 1 12 ? 6.494   1.256   -6.027  1.00 0.00 ? 12 ASP A N    1 
ATOM 171  C CA   . ASP A 1 12 ? 6.301   1.500   -7.482  1.00 0.00 ? 12 ASP A CA   1 
ATOM 172  C C    . ASP A 1 12 ? 5.293   0.485   -8.012  1.00 0.00 ? 12 ASP A C    1 
ATOM 173  O O    . ASP A 1 12 ? 5.161   -0.596  -7.472  1.00 0.00 ? 12 ASP A O    1 
ATOM 174  C CB   . ASP A 1 12 ? 7.635   1.331   -8.214  1.00 0.00 ? 12 ASP A CB   1 
ATOM 175  C CG   . ASP A 1 12 ? 8.787   1.640   -7.256  1.00 0.00 ? 12 ASP A CG   1 
ATOM 176  O OD1  . ASP A 1 12 ? 8.992   0.863   -6.337  1.00 0.00 ? 12 ASP A OD1  1 
ATOM 177  O OD2  . ASP A 1 12 ? 9.445   2.647   -7.457  1.00 0.00 ? 12 ASP A OD2  1 
ATOM 178  H H    . ASP A 1 12 ? 6.645   0.344   -5.705  1.00 0.00 ? 12 ASP A H    1 
ATOM 179  H HA   . ASP A 1 12 ? 5.922   2.500   -7.640  1.00 0.00 ? 12 ASP A HA   1 
ATOM 180  H HB2  . ASP A 1 12 ? 7.724   0.314   -8.569  1.00 0.00 ? 12 ASP A HB2  1 
ATOM 181  H HB3  . ASP A 1 12 ? 7.674   2.010   -9.052  1.00 0.00 ? 12 ASP A HB3  1 
ATOM 182  N N    . PRO A 1 13 ? 4.611   0.866   -9.050  1.00 0.00 ? 13 PRO A N    1 
ATOM 183  C CA   . PRO A 1 13 ? 3.596   0.015   -9.683  1.00 0.00 ? 13 PRO A CA   1 
ATOM 184  C C    . PRO A 1 13 ? 4.254   -1.090  -10.486 1.00 0.00 ? 13 PRO A C    1 
ATOM 185  O O    . PRO A 1 13 ? 5.032   -0.851  -11.387 1.00 0.00 ? 13 PRO A O    1 
ATOM 186  C CB   . PRO A 1 13 ? 2.813   0.982   -10.573 1.00 0.00 ? 13 PRO A CB   1 
ATOM 187  C CG   . PRO A 1 13 ? 3.749   2.189   -10.826 1.00 0.00 ? 13 PRO A CG   1 
ATOM 188  C CD   . PRO A 1 13 ? 4.793   2.180   -9.694  1.00 0.00 ? 13 PRO A CD   1 
ATOM 189  H HA   . PRO A 1 13 ? 2.950   -0.416  -8.946  1.00 0.00 ? 13 PRO A HA   1 
ATOM 190  H HB2  . PRO A 1 13 ? 2.557   0.500   -11.508 1.00 0.00 ? 13 PRO A HB2  1 
ATOM 191  H HB3  . PRO A 1 13 ? 1.920   1.313   -10.068 1.00 0.00 ? 13 PRO A HB3  1 
ATOM 192  H HG2  . PRO A 1 13 ? 4.236   2.085   -11.785 1.00 0.00 ? 13 PRO A HG2  1 
ATOM 193  H HG3  . PRO A 1 13 ? 3.186   3.108   -10.791 1.00 0.00 ? 13 PRO A HG3  1 
ATOM 194  H HD2  . PRO A 1 13 ? 5.792   2.271   -10.102 1.00 0.00 ? 13 PRO A HD2  1 
ATOM 195  H HD3  . PRO A 1 13 ? 4.596   2.972   -8.989  1.00 0.00 ? 13 PRO A HD3  1 
ATOM 196  N N    . GLN A 1 14 ? 3.949   -2.309  -10.150 1.00 0.00 ? 14 GLN A N    1 
ATOM 197  C CA   . GLN A 1 14 ? 4.559   -3.439  -10.874 1.00 0.00 ? 14 GLN A CA   1 
ATOM 198  C C    . GLN A 1 14 ? 3.551   -4.011  -11.873 1.00 0.00 ? 14 GLN A C    1 
ATOM 199  O O    . GLN A 1 14 ? 3.917   -4.586  -12.880 1.00 0.00 ? 14 GLN A O    1 
ATOM 200  C CB   . GLN A 1 14 ? 4.978   -4.516  -9.873  1.00 0.00 ? 14 GLN A CB   1 
ATOM 201  C CG   . GLN A 1 14 ? 6.072   -3.960  -8.959  1.00 0.00 ? 14 GLN A CG   1 
ATOM 202  C CD   . GLN A 1 14 ? 6.968   -5.101  -8.480  1.00 0.00 ? 14 GLN A CD   1 
ATOM 203  O OE1  . GLN A 1 14 ? 6.646   -6.259  -8.662  1.00 0.00 ? 14 GLN A OE1  1 
ATOM 204  N NE2  . GLN A 1 14 ? 8.088   -4.824  -7.871  1.00 0.00 ? 14 GLN A NE2  1 
ATOM 205  H H    . GLN A 1 14 ? 3.326   -2.475  -9.413  1.00 0.00 ? 14 GLN A H    1 
ATOM 206  H HA   . GLN A 1 14 ? 5.422   -3.077  -11.398 1.00 0.00 ? 14 GLN A HA   1 
ATOM 207  H HB2  . GLN A 1 14 ? 4.124   -4.806  -9.277  1.00 0.00 ? 14 GLN A HB2  1 
ATOM 208  H HB3  . GLN A 1 14 ? 5.358   -5.376  -10.404 1.00 0.00 ? 14 GLN A HB3  1 
ATOM 209  H HG2  . GLN A 1 14 ? 6.664   -3.239  -9.505  1.00 0.00 ? 14 GLN A HG2  1 
ATOM 210  H HG3  . GLN A 1 14 ? 5.617   -3.479  -8.106  1.00 0.00 ? 14 GLN A HG3  1 
ATOM 211  H HE21 . GLN A 1 14 ? 8.348   -3.890  -7.725  1.00 0.00 ? 14 GLN A HE21 1 
ATOM 212  H HE22 . GLN A 1 14 ? 8.670   -5.549  -7.560  1.00 0.00 ? 14 GLN A HE22 1 
ATOM 213  N N    . GLU A 1 15 ? 2.285   -3.851  -11.605 1.00 0.00 ? 15 GLU A N    1 
ATOM 214  C CA   . GLU A 1 15 ? 1.251   -4.375  -12.541 1.00 0.00 ? 15 GLU A CA   1 
ATOM 215  C C    . GLU A 1 15 ? 0.501   -3.195  -13.163 1.00 0.00 ? 15 GLU A C    1 
ATOM 216  O O    . GLU A 1 15 ? 1.063   -2.141  -13.385 1.00 0.00 ? 15 GLU A O    1 
ATOM 217  C CB   . GLU A 1 15 ? 0.274   -5.270  -11.772 1.00 0.00 ? 15 GLU A CB   1 
ATOM 218  C CG   . GLU A 1 15 ? 1.044   -6.415  -11.111 1.00 0.00 ? 15 GLU A CG   1 
ATOM 219  C CD   . GLU A 1 15 ? 0.408   -7.752  -11.499 1.00 0.00 ? 15 GLU A CD   1 
ATOM 220  O OE1  . GLU A 1 15 ? -0.763  -7.934  -11.209 1.00 0.00 ? 15 GLU A OE1  1 
ATOM 221  O OE2  . GLU A 1 15 ? 1.103   -8.569  -12.078 1.00 0.00 ? 15 GLU A OE2  1 
ATOM 222  H H    . GLU A 1 15 ? 2.013   -3.379  -10.791 1.00 0.00 ? 15 GLU A H    1 
ATOM 223  H HA   . GLU A 1 15 ? 1.730   -4.949  -13.320 1.00 0.00 ? 15 GLU A HA   1 
ATOM 224  H HB2  . GLU A 1 15 ? -0.227  -4.686  -11.014 1.00 0.00 ? 15 GLU A HB2  1 
ATOM 225  H HB3  . GLU A 1 15 ? -0.455  -5.678  -12.454 1.00 0.00 ? 15 GLU A HB3  1 
ATOM 226  H HG2  . GLU A 1 15 ? 2.072   -6.397  -11.443 1.00 0.00 ? 15 GLU A HG2  1 
ATOM 227  H HG3  . GLU A 1 15 ? 1.010   -6.301  -10.038 1.00 0.00 ? 15 GLU A HG3  1 
ATOM 228  N N    . ASP A 1 16 ? -0.763  -3.354  -13.449 1.00 0.00 ? 16 ASP A N    1 
ATOM 229  C CA   . ASP A 1 16 ? -1.532  -2.231  -14.055 1.00 0.00 ? 16 ASP A CA   1 
ATOM 230  C C    . ASP A 1 16 ? -2.689  -1.845  -13.133 1.00 0.00 ? 16 ASP A C    1 
ATOM 231  O O    . ASP A 1 16 ? -3.797  -2.325  -13.274 1.00 0.00 ? 16 ASP A O    1 
ATOM 232  C CB   . ASP A 1 16 ? -2.087  -2.665  -15.415 1.00 0.00 ? 16 ASP A CB   1 
ATOM 233  C CG   . ASP A 1 16 ? -1.657  -1.665  -16.489 1.00 0.00 ? 16 ASP A CG   1 
ATOM 234  O OD1  . ASP A 1 16 ? -0.735  -0.909  -16.234 1.00 0.00 ? 16 ASP A OD1  1 
ATOM 235  O OD2  . ASP A 1 16 ? -2.259  -1.671  -17.551 1.00 0.00 ? 16 ASP A OD2  1 
ATOM 236  H H    . ASP A 1 16 ? -1.207  -4.208  -13.265 1.00 0.00 ? 16 ASP A H    1 
ATOM 237  H HA   . ASP A 1 16 ? -0.880  -1.380  -14.188 1.00 0.00 ? 16 ASP A HA   1 
ATOM 238  H HB2  . ASP A 1 16 ? -1.707  -3.645  -15.662 1.00 0.00 ? 16 ASP A HB2  1 
ATOM 239  H HB3  . ASP A 1 16 ? -3.165  -2.699  -15.368 1.00 0.00 ? 16 ASP A HB3  1 
ATOM 240  N N    . GLY A 1 17 ? -2.444  -0.978  -12.189 1.00 0.00 ? 17 GLY A N    1 
ATOM 241  C CA   . GLY A 1 17 ? -3.532  -0.561  -11.261 1.00 0.00 ? 17 GLY A CA   1 
ATOM 242  C C    . GLY A 1 17 ? -3.034  -0.629  -9.816  1.00 0.00 ? 17 GLY A C    1 
ATOM 243  O O    . GLY A 1 17 ? -3.751  -0.305  -8.890  1.00 0.00 ? 17 GLY A O    1 
ATOM 244  H H    . GLY A 1 17 ? -1.545  -0.599  -12.092 1.00 0.00 ? 17 GLY A H    1 
ATOM 245  H HA2  . GLY A 1 17 ? -3.831  0.452   -11.493 1.00 0.00 ? 17 GLY A HA2  1 
ATOM 246  H HA3  . GLY A 1 17 ? -4.378  -1.220  -11.377 1.00 0.00 ? 17 GLY A HA3  1 
ATOM 247  N N    . GLU A 1 18 ? -1.811  -1.041  -9.611  1.00 0.00 ? 18 GLU A N    1 
ATOM 248  C CA   . GLU A 1 18 ? -1.281  -1.120  -8.219  1.00 0.00 ? 18 GLU A CA   1 
ATOM 249  C C    . GLU A 1 18 ? -1.031  0.292   -7.696  1.00 0.00 ? 18 GLU A C    1 
ATOM 250  O O    . GLU A 1 18 ? -0.624  1.172   -8.428  1.00 0.00 ? 18 GLU A O    1 
ATOM 251  C CB   . GLU A 1 18 ? 0.033   -1.903  -8.204  1.00 0.00 ? 18 GLU A CB   1 
ATOM 252  C CG   . GLU A 1 18 ? -0.150  -3.226  -8.946  1.00 0.00 ? 18 GLU A CG   1 
ATOM 253  C CD   . GLU A 1 18 ? -1.217  -4.065  -8.241  1.00 0.00 ? 18 GLU A CD   1 
ATOM 254  O OE1  . GLU A 1 18 ? -2.374  -3.682  -8.292  1.00 0.00 ? 18 GLU A OE1  1 
ATOM 255  O OE2  . GLU A 1 18 ? -0.859  -5.077  -7.662  1.00 0.00 ? 18 GLU A OE2  1 
ATOM 256  H H    . GLU A 1 18 ? -1.243  -1.294  -10.370 1.00 0.00 ? 18 GLU A H    1 
ATOM 257  H HA   . GLU A 1 18 ? -2.003  -1.615  -7.587  1.00 0.00 ? 18 GLU A HA   1 
ATOM 258  H HB2  . GLU A 1 18 ? 0.803   -1.320  -8.687  1.00 0.00 ? 18 GLU A HB2  1 
ATOM 259  H HB3  . GLU A 1 18 ? 0.319   -2.102  -7.182  1.00 0.00 ? 18 GLU A HB3  1 
ATOM 260  H HG2  . GLU A 1 18 ? -0.459  -3.029  -9.963  1.00 0.00 ? 18 GLU A HG2  1 
ATOM 261  H HG3  . GLU A 1 18 ? 0.785   -3.766  -8.951  1.00 0.00 ? 18 GLU A HG3  1 
ATOM 262  N N    . LEU A 1 19 ? -1.274  0.521   -6.435  1.00 0.00 ? 19 LEU A N    1 
ATOM 263  C CA   . LEU A 1 19 ? -1.051  1.881   -5.879  1.00 0.00 ? 19 LEU A CA   1 
ATOM 264  C C    . LEU A 1 19 ? 0.394   2.304   -6.119  1.00 0.00 ? 19 LEU A C    1 
ATOM 265  O O    . LEU A 1 19 ? 1.299   1.495   -6.128  1.00 0.00 ? 19 LEU A O    1 
ATOM 266  C CB   . LEU A 1 19 ? -1.337  1.889   -4.374  1.00 0.00 ? 19 LEU A CB   1 
ATOM 267  C CG   . LEU A 1 19 ? -1.640  3.320   -3.935  1.00 0.00 ? 19 LEU A CG   1 
ATOM 268  C CD1  . LEU A 1 19 ? -2.743  3.900   -4.818  1.00 0.00 ? 19 LEU A CD1  1 
ATOM 269  C CD2  . LEU A 1 19 ? -2.098  3.322   -2.475  1.00 0.00 ? 19 LEU A CD2  1 
ATOM 270  H H    . LEU A 1 19 ? -1.607  -0.197  -5.860  1.00 0.00 ? 19 LEU A H    1 
ATOM 271  H HA   . LEU A 1 19 ? -1.710  2.575   -6.375  1.00 0.00 ? 19 LEU A HA   1 
ATOM 272  H HB2  . LEU A 1 19 ? -2.188  1.256   -4.164  1.00 0.00 ? 19 LEU A HB2  1 
ATOM 273  H HB3  . LEU A 1 19 ? -0.471  1.528   -3.832  1.00 0.00 ? 19 LEU A HB3  1 
ATOM 274  H HG   . LEU A 1 19 ? -0.748  3.921   -4.035  1.00 0.00 ? 19 LEU A HG   1 
ATOM 275  H HD11 . LEU A 1 19 ? -3.446  4.440   -4.204  1.00 0.00 ? 19 LEU A HD11 1 
ATOM 276  H HD12 . LEU A 1 19 ? -2.305  4.571   -5.544  1.00 0.00 ? 19 LEU A HD12 1 
ATOM 277  H HD13 . LEU A 1 19 ? -3.255  3.096   -5.332  1.00 0.00 ? 19 LEU A HD13 1 
ATOM 278  H HD21 . LEU A 1 19 ? -3.171  3.431   -2.435  1.00 0.00 ? 19 LEU A HD21 1 
ATOM 279  H HD22 . LEU A 1 19 ? -1.811  2.394   -2.003  1.00 0.00 ? 19 LEU A HD22 1 
ATOM 280  H HD23 . LEU A 1 19 ? -1.634  4.146   -1.960  1.00 0.00 ? 19 LEU A HD23 1 
ATOM 281  N N    . GLY A 1 20 ? 0.612   3.571   -6.309  1.00 0.00 ? 20 GLY A N    1 
ATOM 282  C CA   . GLY A 1 20 ? 1.994   4.060   -6.543  1.00 0.00 ? 20 GLY A CA   1 
ATOM 283  C C    . GLY A 1 20 ? 2.298   5.181   -5.553  1.00 0.00 ? 20 GLY A C    1 
ATOM 284  O O    . GLY A 1 20 ? 1.579   6.157   -5.469  1.00 0.00 ? 20 GLY A O    1 
ATOM 285  H H    . GLY A 1 20 ? -0.134  4.206   -6.294  1.00 0.00 ? 20 GLY A H    1 
ATOM 286  H HA2  . GLY A 1 20 ? 2.691   3.246   -6.399  1.00 0.00 ? 20 GLY A HA2  1 
ATOM 287  H HA3  . GLY A 1 20 ? 2.077   4.438   -7.550  1.00 0.00 ? 20 GLY A HA3  1 
ATOM 288  N N    . PHE A 1 21 ? 3.349   5.051   -4.794  1.00 0.00 ? 21 PHE A N    1 
ATOM 289  C CA   . PHE A 1 21 ? 3.677   6.114   -3.808  1.00 0.00 ? 21 PHE A CA   1 
ATOM 290  C C    . PHE A 1 21 ? 5.169   6.120   -3.516  1.00 0.00 ? 21 PHE A C    1 
ATOM 291  O O    . PHE A 1 21 ? 5.947   5.405   -4.118  1.00 0.00 ? 21 PHE A O    1 
ATOM 292  C CB   . PHE A 1 21 ? 2.923   5.854   -2.507  1.00 0.00 ? 21 PHE A CB   1 
ATOM 293  C CG   . PHE A 1 21 ? 2.931   4.378   -2.201  1.00 0.00 ? 21 PHE A CG   1 
ATOM 294  C CD1  . PHE A 1 21 ? 2.061   3.525   -2.885  1.00 0.00 ? 21 PHE A CD1  1 
ATOM 295  C CD2  . PHE A 1 21 ? 3.800   3.863   -1.228  1.00 0.00 ? 21 PHE A CD2  1 
ATOM 296  C CE1  . PHE A 1 21 ? 2.055   2.155   -2.602  1.00 0.00 ? 21 PHE A CE1  1 
ATOM 297  C CE2  . PHE A 1 21 ? 3.795   2.491   -0.945  1.00 0.00 ? 21 PHE A CE2  1 
ATOM 298  C CZ   . PHE A 1 21 ? 2.922   1.637   -1.631  1.00 0.00 ? 21 PHE A CZ   1 
ATOM 299  H H    . PHE A 1 21 ? 3.917   4.255   -4.868  1.00 0.00 ? 21 PHE A H    1 
ATOM 300  H HA   . PHE A 1 21 ? 3.390   7.080   -4.197  1.00 0.00 ? 21 PHE A HA   1 
ATOM 301  H HB2  . PHE A 1 21 ? 3.407   6.386   -1.709  1.00 0.00 ? 21 PHE A HB2  1 
ATOM 302  H HB3  . PHE A 1 21 ? 1.905   6.197   -2.605  1.00 0.00 ? 21 PHE A HB3  1 
ATOM 303  H HD1  . PHE A 1 21 ? 1.394   3.926   -3.635  1.00 0.00 ? 21 PHE A HD1  1 
ATOM 304  H HD2  . PHE A 1 21 ? 4.477   4.524   -0.698  1.00 0.00 ? 21 PHE A HD2  1 
ATOM 305  H HE1  . PHE A 1 21 ? 1.383   1.497   -3.132  1.00 0.00 ? 21 PHE A HE1  1 
ATOM 306  H HE2  . PHE A 1 21 ? 4.463   2.090   -0.197  1.00 0.00 ? 21 PHE A HE2  1 
ATOM 307  H HZ   . PHE A 1 21 ? 2.917   0.580   -1.413  1.00 0.00 ? 21 PHE A HZ   1 
ATOM 308  N N    . ARG A 1 22 ? 5.562   6.929   -2.583  1.00 0.00 ? 22 ARG A N    1 
ATOM 309  C CA   . ARG A 1 22 ? 6.989   7.021   -2.208  1.00 0.00 ? 22 ARG A CA   1 
ATOM 310  C C    . ARG A 1 22 ? 7.070   7.076   -0.676  1.00 0.00 ? 22 ARG A C    1 
ATOM 311  O O    . ARG A 1 22 ? 6.131   7.464   -0.013  1.00 0.00 ? 22 ARG A O    1 
ATOM 312  C CB   . ARG A 1 22 ? 7.582   8.260   -2.873  1.00 0.00 ? 22 ARG A CB   1 
ATOM 313  C CG   . ARG A 1 22 ? 7.228   9.483   -2.061  1.00 0.00 ? 22 ARG A CG   1 
ATOM 314  C CD   . ARG A 1 22 ? 8.253   9.602   -0.952  1.00 0.00 ? 22 ARG A CD   1 
ATOM 315  N NE   . ARG A 1 22 ? 9.291   10.598  -1.334  1.00 0.00 ? 22 ARG A NE   1 
ATOM 316  C CZ   . ARG A 1 22 ? 10.555  10.302  -1.198  1.00 0.00 ? 22 ARG A CZ   1 
ATOM 317  N NH1  . ARG A 1 22 ? 10.987  9.121   -1.544  1.00 0.00 ? 22 ARG A NH1  1 
ATOM 318  N NH2  . ARG A 1 22 ? 11.383  11.186  -0.713  1.00 0.00 ? 22 ARG A NH2  1 
ATOM 319  H H    . ARG A 1 22 ? 4.903   7.487   -2.120  1.00 0.00 ? 22 ARG A H    1 
ATOM 320  H HA   . ARG A 1 22 ? 7.515   6.155   -2.550  1.00 0.00 ? 22 ARG A HA   1 
ATOM 321  H HB2  . ARG A 1 22 ? 8.657   8.161   -2.926  1.00 0.00 ? 22 ARG A HB2  1 
ATOM 322  H HB3  . ARG A 1 22 ? 7.180   8.362   -3.870  1.00 0.00 ? 22 ARG A HB3  1 
ATOM 323  H HG2  . ARG A 1 22 ? 7.255   10.360  -2.692  1.00 0.00 ? 22 ARG A HG2  1 
ATOM 324  H HG3  . ARG A 1 22 ? 6.241   9.361   -1.639  1.00 0.00 ? 22 ARG A HG3  1 
ATOM 325  H HD2  . ARG A 1 22 ? 7.766   9.914   -0.046  1.00 0.00 ? 22 ARG A HD2  1 
ATOM 326  H HD3  . ARG A 1 22 ? 8.718   8.632   -0.810  1.00 0.00 ? 22 ARG A HD3  1 
ATOM 327  H HE   . ARG A 1 22 ? 9.028   11.472  -1.688  1.00 0.00 ? 22 ARG A HE   1 
ATOM 328  H HH11 . ARG A 1 22 ? 10.350  8.443   -1.913  1.00 0.00 ? 22 ARG A HH11 1 
ATOM 329  H HH12 . ARG A 1 22 ? 11.954  8.891   -1.439  1.00 0.00 ? 22 ARG A HH12 1 
ATOM 330  H HH21 . ARG A 1 22 ? 11.051  12.090  -0.446  1.00 0.00 ? 22 ARG A HH21 1 
ATOM 331  H HH22 . ARG A 1 22 ? 12.352  10.959  -0.608  1.00 0.00 ? 22 ARG A HH22 1 
ATOM 332  N N    . ARG A 1 23 ? 8.166   6.645   -0.110  1.00 0.00 ? 23 ARG A N    1 
ATOM 333  C CA   . ARG A 1 23 ? 8.299   6.614   1.380   1.00 0.00 ? 23 ARG A CA   1 
ATOM 334  C C    . ARG A 1 23 ? 7.641   7.833   2.031   1.00 0.00 ? 23 ARG A C    1 
ATOM 335  O O    . ARG A 1 23 ? 7.953   8.963   1.726   1.00 0.00 ? 23 ARG A O    1 
ATOM 336  C CB   . ARG A 1 23 ? 9.778   6.587   1.759   1.00 0.00 ? 23 ARG A CB   1 
ATOM 337  C CG   . ARG A 1 23 ? 9.928   6.075   3.193   1.00 0.00 ? 23 ARG A CG   1 
ATOM 338  C CD   . ARG A 1 23 ? 11.399  5.767   3.475   1.00 0.00 ? 23 ARG A CD   1 
ATOM 339  N NE   . ARG A 1 23 ? 11.991  6.869   4.284   1.00 0.00 ? 23 ARG A NE   1 
ATOM 340  C CZ   . ARG A 1 23 ? 13.129  7.402   3.930   1.00 0.00 ? 23 ARG A CZ   1 
ATOM 341  N NH1  . ARG A 1 23 ? 13.975  6.717   3.211   1.00 0.00 ? 23 ARG A NH1  1 
ATOM 342  N NH2  . ARG A 1 23 ? 13.420  8.621   4.296   1.00 0.00 ? 23 ARG A NH2  1 
ATOM 343  H H    . ARG A 1 23 ? 8.897   6.309   -0.667  1.00 0.00 ? 23 ARG A H    1 
ATOM 344  H HA   . ARG A 1 23 ? 7.823   5.718   1.751   1.00 0.00 ? 23 ARG A HA   1 
ATOM 345  H HB2  . ARG A 1 23 ? 10.312  5.935   1.083   1.00 0.00 ? 23 ARG A HB2  1 
ATOM 346  H HB3  . ARG A 1 23 ? 10.184  7.585   1.693   1.00 0.00 ? 23 ARG A HB3  1 
ATOM 347  H HG2  . ARG A 1 23 ? 9.577   6.828   3.883   1.00 0.00 ? 23 ARG A HG2  1 
ATOM 348  H HG3  . ARG A 1 23 ? 9.344   5.175   3.316   1.00 0.00 ? 23 ARG A HG3  1 
ATOM 349  H HD2  . ARG A 1 23 ? 11.475  4.839   4.022   1.00 0.00 ? 23 ARG A HD2  1 
ATOM 350  H HD3  . ARG A 1 23 ? 11.933  5.680   2.541   1.00 0.00 ? 23 ARG A HD3  1 
ATOM 351  H HE   . ARG A 1 23 ? 11.526  7.194   5.084   1.00 0.00 ? 23 ARG A HE   1 
ATOM 352  H HH11 . ARG A 1 23 ? 13.754  5.783   2.931   1.00 0.00 ? 23 ARG A HH11 1 
ATOM 353  H HH12 . ARG A 1 23 ? 14.847  7.126   2.940   1.00 0.00 ? 23 ARG A HH12 1 
ATOM 354  H HH21 . ARG A 1 23 ? 12.773  9.146   4.849   1.00 0.00 ? 23 ARG A HH21 1 
ATOM 355  H HH22 . ARG A 1 23 ? 14.292  9.030   4.025   1.00 0.00 ? 23 ARG A HH22 1 
ATOM 356  N N    . GLY A 1 24 ? 6.747   7.601   2.954   1.00 0.00 ? 24 GLY A N    1 
ATOM 357  C CA   . GLY A 1 24 ? 6.075   8.735   3.654   1.00 0.00 ? 24 GLY A CA   1 
ATOM 358  C C    . GLY A 1 24 ? 4.677   8.940   3.076   1.00 0.00 ? 24 GLY A C    1 
ATOM 359  O O    . GLY A 1 24 ? 3.910   9.751   3.556   1.00 0.00 ? 24 GLY A O    1 
ATOM 360  H H    . GLY A 1 24 ? 6.529   6.678   3.198   1.00 0.00 ? 24 GLY A H    1 
ATOM 361  H HA2  . GLY A 1 24 ? 5.995   8.508   4.710   1.00 0.00 ? 24 GLY A HA2  1 
ATOM 362  H HA3  . GLY A 1 24 ? 6.653   9.636   3.521   1.00 0.00 ? 24 GLY A HA3  1 
ATOM 363  N N    . ASP A 1 25 ? 4.331   8.206   2.057   1.00 0.00 ? 25 ASP A N    1 
ATOM 364  C CA   . ASP A 1 25 ? 2.978   8.357   1.465   1.00 0.00 ? 25 ASP A CA   1 
ATOM 365  C C    . ASP A 1 25 ? 1.983   7.591   2.322   1.00 0.00 ? 25 ASP A C    1 
ATOM 366  O O    . ASP A 1 25 ? 2.052   6.385   2.443   1.00 0.00 ? 25 ASP A O    1 
ATOM 367  C CB   . ASP A 1 25 ? 2.965   7.787   0.054   1.00 0.00 ? 25 ASP A CB   1 
ATOM 368  C CG   . ASP A 1 25 ? 3.418   8.860   -0.938  1.00 0.00 ? 25 ASP A CG   1 
ATOM 369  O OD1  . ASP A 1 25 ? 4.057   9.805   -0.505  1.00 0.00 ? 25 ASP A OD1  1 
ATOM 370  O OD2  . ASP A 1 25 ? 3.119   8.719   -2.111  1.00 0.00 ? 25 ASP A OD2  1 
ATOM 371  H H    . ASP A 1 25 ? 4.958   7.551   1.690   1.00 0.00 ? 25 ASP A H    1 
ATOM 372  H HA   . ASP A 1 25 ? 2.707   9.400   1.438   1.00 0.00 ? 25 ASP A HA   1 
ATOM 373  H HB2  . ASP A 1 25 ? 3.635   6.941   0.007   1.00 0.00 ? 25 ASP A HB2  1 
ATOM 374  H HB3  . ASP A 1 25 ? 1.962   7.468   -0.194  1.00 0.00 ? 25 ASP A HB3  1 
ATOM 375  N N    . PHE A 1 26 ? 1.062   8.275   2.926   1.00 0.00 ? 26 PHE A N    1 
ATOM 376  C CA   . PHE A 1 26 ? 0.081   7.570   3.783   1.00 0.00 ? 26 PHE A CA   1 
ATOM 377  C C    . PHE A 1 26 ? -0.875  6.782   2.908   1.00 0.00 ? 26 PHE A C    1 
ATOM 378  O O    . PHE A 1 26 ? -1.739  7.336   2.258   1.00 0.00 ? 26 PHE A O    1 
ATOM 379  C CB   . PHE A 1 26 ? -0.715  8.574   4.610   1.00 0.00 ? 26 PHE A CB   1 
ATOM 380  C CG   . PHE A 1 26 ? 0.111   9.021   5.779   1.00 0.00 ? 26 PHE A CG   1 
ATOM 381  C CD1  . PHE A 1 26 ? 1.454   9.355   5.599   1.00 0.00 ? 26 PHE A CD1  1 
ATOM 382  C CD2  . PHE A 1 26 ? -0.467  9.095   7.047   1.00 0.00 ? 26 PHE A CD2  1 
ATOM 383  C CE1  . PHE A 1 26 ? 2.222   9.759   6.688   1.00 0.00 ? 26 PHE A CE1  1 
ATOM 384  C CE2  . PHE A 1 26 ? 0.300   9.501   8.138   1.00 0.00 ? 26 PHE A CE2  1 
ATOM 385  C CZ   . PHE A 1 26 ? 1.647   9.834   7.962   1.00 0.00 ? 26 PHE A CZ   1 
ATOM 386  H H    . PHE A 1 26 ? 1.023   9.247   2.822   1.00 0.00 ? 26 PHE A H    1 
ATOM 387  H HA   . PHE A 1 26 ? 0.606   6.892   4.438   1.00 0.00 ? 26 PHE A HA   1 
ATOM 388  H HB2  . PHE A 1 26 ? -0.969  9.426   4.000   1.00 0.00 ? 26 PHE A HB2  1 
ATOM 389  H HB3  . PHE A 1 26 ? -1.617  8.101   4.972   1.00 0.00 ? 26 PHE A HB3  1 
ATOM 390  H HD1  . PHE A 1 26 ? 1.901   9.301   4.619   1.00 0.00 ? 26 PHE A HD1  1 
ATOM 391  H HD2  . PHE A 1 26 ? -1.506  8.836   7.183   1.00 0.00 ? 26 PHE A HD2  1 
ATOM 392  H HE1  . PHE A 1 26 ? 3.258   10.006  6.545   1.00 0.00 ? 26 PHE A HE1  1 
ATOM 393  H HE2  . PHE A 1 26 ? -0.146  9.556   9.114   1.00 0.00 ? 26 PHE A HE2  1 
ATOM 394  H HZ   . PHE A 1 26 ? 2.243   10.149  8.806   1.00 0.00 ? 26 PHE A HZ   1 
ATOM 395  N N    . ILE A 1 27 ? -0.731  5.494   2.882   1.00 0.00 ? 27 ILE A N    1 
ATOM 396  C CA   . ILE A 1 27 ? -1.639  4.690   2.043   1.00 0.00 ? 27 ILE A CA   1 
ATOM 397  C C    . ILE A 1 27 ? -2.991  4.574   2.735   1.00 0.00 ? 27 ILE A C    1 
ATOM 398  O O    . ILE A 1 27 ? -3.104  4.041   3.820   1.00 0.00 ? 27 ILE A O    1 
ATOM 399  C CB   . ILE A 1 27 ? -0.998  3.319   1.779   1.00 0.00 ? 27 ILE A CB   1 
ATOM 400  C CG1  . ILE A 1 27 ? -0.479  3.303   0.350   1.00 0.00 ? 27 ILE A CG1  1 
ATOM 401  C CG2  . ILE A 1 27 ? -1.981  2.156   1.959   1.00 0.00 ? 27 ILE A CG2  1 
ATOM 402  C CD1  . ILE A 1 27 ? 1.009   3.635   0.377   1.00 0.00 ? 27 ILE A CD1  1 
ATOM 403  H H    . ILE A 1 27 ? -0.028  5.060   3.409   1.00 0.00 ? 27 ILE A H    1 
ATOM 404  H HA   . ILE A 1 27 ? -1.772  5.198   1.112   1.00 0.00 ? 27 ILE A HA   1 
ATOM 405  H HB   . ILE A 1 27 ? -0.164  3.186   2.446   1.00 0.00 ? 27 ILE A HB   1 
ATOM 406  H HG12 . ILE A 1 27 ? -0.636  2.324   -0.082  1.00 0.00 ? 27 ILE A HG12 1 
ATOM 407  H HG13 . ILE A 1 27 ? -1.001  4.043   -0.235  1.00 0.00 ? 27 ILE A HG13 1 
ATOM 408  H HG21 . ILE A 1 27 ? -2.897  2.496   2.404   1.00 0.00 ? 27 ILE A HG21 1 
ATOM 409  H HG22 . ILE A 1 27 ? -2.196  1.722   0.993   1.00 0.00 ? 27 ILE A HG22 1 
ATOM 410  H HG23 . ILE A 1 27 ? -1.528  1.409   2.599   1.00 0.00 ? 27 ILE A HG23 1 
ATOM 411  H HD11 . ILE A 1 27 ? 1.287   4.107   -0.554  1.00 0.00 ? 27 ILE A HD11 1 
ATOM 412  H HD12 . ILE A 1 27 ? 1.213   4.309   1.209   1.00 0.00 ? 27 ILE A HD12 1 
ATOM 413  H HD13 . ILE A 1 27 ? 1.576   2.725   0.504   1.00 0.00 ? 27 ILE A HD13 1 
ATOM 414  N N    . HIS A 1 28 ? -4.017  5.069   2.104   1.00 0.00 ? 28 HIS A N    1 
ATOM 415  C CA   . HIS A 1 28 ? -5.375  4.994   2.699   1.00 0.00 ? 28 HIS A CA   1 
ATOM 416  C C    . HIS A 1 28 ? -5.879  3.553   2.607   1.00 0.00 ? 28 HIS A C    1 
ATOM 417  O O    . HIS A 1 28 ? -6.653  3.220   1.733   1.00 0.00 ? 28 HIS A O    1 
ATOM 418  C CB   . HIS A 1 28 ? -6.315  5.917   1.921   1.00 0.00 ? 28 HIS A CB   1 
ATOM 419  C CG   . HIS A 1 28 ? -7.683  5.892   2.541   1.00 0.00 ? 28 HIS A CG   1 
ATOM 420  N ND1  . HIS A 1 28 ? -8.593  6.927   2.384   1.00 0.00 ? 28 HIS A ND1  1 
ATOM 421  C CD2  . HIS A 1 28 ? -8.308  4.961   3.323   1.00 0.00 ? 28 HIS A CD2  1 
ATOM 422  C CE1  . HIS A 1 28 ? -9.707  6.593   3.061   1.00 0.00 ? 28 HIS A CE1  1 
ATOM 423  N NE2  . HIS A 1 28 ? -9.586  5.402   3.653   1.00 0.00 ? 28 HIS A NE2  1 
ATOM 424  H H    . HIS A 1 28 ? -3.894  5.492   1.230   1.00 0.00 ? 28 HIS A H    1 
ATOM 425  H HA   . HIS A 1 28 ? -5.337  5.300   3.728   1.00 0.00 ? 28 HIS A HA   1 
ATOM 426  H HB2  . HIS A 1 28 ? -5.929  6.925   1.940   1.00 0.00 ? 28 HIS A HB2  1 
ATOM 427  H HB3  . HIS A 1 28 ? -6.380  5.579   0.904   1.00 0.00 ? 28 HIS A HB3  1 
ATOM 428  H HD1  . HIS A 1 28 ? -8.455  7.747   1.865   1.00 0.00 ? 28 HIS A HD1  1 
ATOM 429  H HD2  . HIS A 1 28 ? -7.877  4.023   3.625   1.00 0.00 ? 28 HIS A HD2  1 
ATOM 430  H HE1  . HIS A 1 28 ? -10.590 7.213   3.121   1.00 0.00 ? 28 HIS A HE1  1 
ATOM 431  N N    . VAL A 1 29 ? -5.450  2.697   3.502   1.00 0.00 ? 29 VAL A N    1 
ATOM 432  C CA   . VAL A 1 29 ? -5.913  1.280   3.455   1.00 0.00 ? 29 VAL A CA   1 
ATOM 433  C C    . VAL A 1 29 ? -7.403  1.268   3.125   1.00 0.00 ? 29 VAL A C    1 
ATOM 434  O O    . VAL A 1 29 ? -8.247  1.578   3.942   1.00 0.00 ? 29 VAL A O    1 
ATOM 435  C CB   . VAL A 1 29 ? -5.655  0.601   4.800   1.00 0.00 ? 29 VAL A CB   1 
ATOM 436  C CG1  . VAL A 1 29 ? -5.954  -0.896  4.675   1.00 0.00 ? 29 VAL A CG1  1 
ATOM 437  C CG2  . VAL A 1 29 ? -4.184  0.798   5.196   1.00 0.00 ? 29 VAL A CG2  1 
ATOM 438  H H    . VAL A 1 29 ? -4.832  2.986   4.201   1.00 0.00 ? 29 VAL A H    1 
ATOM 439  H HA   . VAL A 1 29 ? -5.373  0.756   2.679   1.00 0.00 ? 29 VAL A HA   1 
ATOM 440  H HB   . VAL A 1 29 ? -6.296  1.035   5.554   1.00 0.00 ? 29 VAL A HB   1 
ATOM 441  H HG11 . VAL A 1 29 ? -5.291  -1.337  3.941   1.00 0.00 ? 29 VAL A HG11 1 
ATOM 442  H HG12 . VAL A 1 29 ? -5.803  -1.375  5.630   1.00 0.00 ? 29 VAL A HG12 1 
ATOM 443  H HG13 . VAL A 1 29 ? -6.978  -1.034  4.361   1.00 0.00 ? 29 VAL A HG13 1 
ATOM 444  H HG21 . VAL A 1 29 ? -3.543  0.448   4.395   1.00 0.00 ? 29 VAL A HG21 1 
ATOM 445  H HG22 . VAL A 1 29 ? -3.993  1.848   5.377   1.00 0.00 ? 29 VAL A HG22 1 
ATOM 446  H HG23 . VAL A 1 29 ? -3.974  0.235   6.093   1.00 0.00 ? 29 VAL A HG23 1 
ATOM 447  N N    . MET A 1 30 ? -7.714  0.945   1.905   1.00 0.00 ? 30 MET A N    1 
ATOM 448  C CA   . MET A 1 30 ? -9.128  0.936   1.448   1.00 0.00 ? 30 MET A CA   1 
ATOM 449  C C    . MET A 1 30 ? -9.695  -0.482  1.538   1.00 0.00 ? 30 MET A C    1 
ATOM 450  O O    . MET A 1 30 ? -10.893 -0.680  1.579   1.00 0.00 ? 30 MET A O    1 
ATOM 451  C CB   . MET A 1 30 ? -9.156  1.437   0.000   1.00 0.00 ? 30 MET A CB   1 
ATOM 452  C CG   . MET A 1 30 ? -10.546 1.909   -0.375  1.00 0.00 ? 30 MET A CG   1 
ATOM 453  S SD   . MET A 1 30 ? -10.685 3.688   -0.072  1.00 0.00 ? 30 MET A SD   1 
ATOM 454  C CE   . MET A 1 30 ? -9.279  4.206   -1.090  1.00 0.00 ? 30 MET A CE   1 
ATOM 455  H H    . MET A 1 30 ? -7.004  0.724   1.275   1.00 0.00 ? 30 MET A H    1 
ATOM 456  H HA   . MET A 1 30 ? -9.711  1.601   2.068   1.00 0.00 ? 30 MET A HA   1 
ATOM 457  H HB2  . MET A 1 30 ? -8.467  2.261   -0.104  1.00 0.00 ? 30 MET A HB2  1 
ATOM 458  H HB3  . MET A 1 30 ? -8.863  0.641   -0.668  1.00 0.00 ? 30 MET A HB3  1 
ATOM 459  H HG2  . MET A 1 30 ? -10.704 1.708   -1.421  1.00 0.00 ? 30 MET A HG2  1 
ATOM 460  H HG3  . MET A 1 30 ? -11.275 1.380   0.213   1.00 0.00 ? 30 MET A HG3  1 
ATOM 461  H HE1  . MET A 1 30 ? -8.411  4.342   -0.461  1.00 0.00 ? 30 MET A HE1  1 
ATOM 462  H HE2  . MET A 1 30 ? -9.069  3.449   -1.830  1.00 0.00 ? 30 MET A HE2  1 
ATOM 463  H HE3  . MET A 1 30 ? -9.519  5.136   -1.589  1.00 0.00 ? 30 MET A HE3  1 
ATOM 464  N N    . ASP A 1 31 ? -8.846  -1.473  1.576   1.00 0.00 ? 31 ASP A N    1 
ATOM 465  C CA   . ASP A 1 31 ? -9.336  -2.873  1.672   1.00 0.00 ? 31 ASP A CA   1 
ATOM 466  C C    . ASP A 1 31 ? -8.204  -3.761  2.190   1.00 0.00 ? 31 ASP A C    1 
ATOM 467  O O    . ASP A 1 31 ? -7.440  -4.314  1.427   1.00 0.00 ? 31 ASP A O    1 
ATOM 468  C CB   . ASP A 1 31 ? -9.777  -3.355  0.289   1.00 0.00 ? 31 ASP A CB   1 
ATOM 469  C CG   . ASP A 1 31 ? -11.037 -4.213  0.425   1.00 0.00 ? 31 ASP A CG   1 
ATOM 470  O OD1  . ASP A 1 31 ? -11.718 -4.075  1.427   1.00 0.00 ? 31 ASP A OD1  1 
ATOM 471  O OD2  . ASP A 1 31 ? -11.296 -4.992  -0.477  1.00 0.00 ? 31 ASP A OD2  1 
ATOM 472  H H    . ASP A 1 31 ? -7.883  -1.297  1.547   1.00 0.00 ? 31 ASP A H    1 
ATOM 473  H HA   . ASP A 1 31 ? -10.170 -2.916  2.356   1.00 0.00 ? 31 ASP A HA   1 
ATOM 474  H HB2  . ASP A 1 31 ? -9.988  -2.501  -0.338  1.00 0.00 ? 31 ASP A HB2  1 
ATOM 475  H HB3  . ASP A 1 31 ? -8.989  -3.943  -0.156  1.00 0.00 ? 31 ASP A HB3  1 
ATOM 476  N N    . ASN A 1 32 ? -8.087  -3.898  3.483   1.00 0.00 ? 32 ASN A N    1 
ATOM 477  C CA   . ASN A 1 32 ? -6.997  -4.744  4.045   1.00 0.00 ? 32 ASN A CA   1 
ATOM 478  C C    . ASN A 1 32 ? -7.439  -6.209  4.089   1.00 0.00 ? 32 ASN A C    1 
ATOM 479  O O    . ASN A 1 32 ? -7.039  -6.958  4.958   1.00 0.00 ? 32 ASN A O    1 
ATOM 480  C CB   . ASN A 1 32 ? -6.659  -4.271  5.461   1.00 0.00 ? 32 ASN A CB   1 
ATOM 481  C CG   . ASN A 1 32 ? -7.820  -4.600  6.403   1.00 0.00 ? 32 ASN A CG   1 
ATOM 482  O OD1  . ASN A 1 32 ? -8.912  -4.092  6.241   1.00 0.00 ? 32 ASN A OD1  1 
ATOM 483  N ND2  . ASN A 1 32 ? -7.628  -5.435  7.387   1.00 0.00 ? 32 ASN A ND2  1 
ATOM 484  H H    . ASN A 1 32 ? -8.711  -3.439  4.084   1.00 0.00 ? 32 ASN A H    1 
ATOM 485  H HA   . ASN A 1 32 ? -6.122  -4.656  3.421   1.00 0.00 ? 32 ASN A HA   1 
ATOM 486  H HB2  . ASN A 1 32 ? -5.763  -4.770  5.803   1.00 0.00 ? 32 ASN A HB2  1 
ATOM 487  H HB3  . ASN A 1 32 ? -6.495  -3.204  5.454   1.00 0.00 ? 32 ASN A HB3  1 
ATOM 488  H HD21 . ASN A 1 32 ? -6.748  -5.846  7.517   1.00 0.00 ? 32 ASN A HD21 1 
ATOM 489  H HD22 . ASN A 1 32 ? -8.365  -5.653  7.995   1.00 0.00 ? 32 ASN A HD22 1 
ATOM 490  N N    . SER A 1 33 ? -8.251  -6.632  3.157   1.00 0.00 ? 33 SER A N    1 
ATOM 491  C CA   . SER A 1 33 ? -8.697  -8.052  3.153   1.00 0.00 ? 33 SER A CA   1 
ATOM 492  C C    . SER A 1 33 ? -7.536  -8.941  2.706   1.00 0.00 ? 33 SER A C    1 
ATOM 493  O O    . SER A 1 33 ? -7.601  -10.152 2.785   1.00 0.00 ? 33 SER A O    1 
ATOM 494  C CB   . SER A 1 33 ? -9.872  -8.220  2.189   1.00 0.00 ? 33 SER A CB   1 
ATOM 495  O OG   . SER A 1 33 ? -10.777 -9.179  2.719   1.00 0.00 ? 33 SER A OG   1 
ATOM 496  H H    . SER A 1 33 ? -8.559  -6.022  2.458   1.00 0.00 ? 33 SER A H    1 
ATOM 497  H HA   . SER A 1 33 ? -9.003  -8.334  4.148   1.00 0.00 ? 33 SER A HA   1 
ATOM 498  H HB2  . SER A 1 33 ? -10.381 -7.278  2.070   1.00 0.00 ? 33 SER A HB2  1 
ATOM 499  H HB3  . SER A 1 33 ? -9.502  -8.550  1.227   1.00 0.00 ? 33 SER A HB3  1 
ATOM 500  H HG   . SER A 1 33 ? -11.561 -9.183  2.166   1.00 0.00 ? 33 SER A HG   1 
ATOM 501  N N    . ASP A 1 34 ? -6.470  -8.346  2.240   1.00 0.00 ? 34 ASP A N    1 
ATOM 502  C CA   . ASP A 1 34 ? -5.300  -9.153  1.792   1.00 0.00 ? 34 ASP A CA   1 
ATOM 503  C C    . ASP A 1 34 ? -4.232  -9.147  2.884   1.00 0.00 ? 34 ASP A C    1 
ATOM 504  O O    . ASP A 1 34 ? -4.083  -8.176  3.599   1.00 0.00 ? 34 ASP A O    1 
ATOM 505  C CB   . ASP A 1 34 ? -4.718  -8.554  0.511   1.00 0.00 ? 34 ASP A CB   1 
ATOM 506  C CG   . ASP A 1 34 ? -4.343  -9.681  -0.450  1.00 0.00 ? 34 ASP A CG   1 
ATOM 507  O OD1  . ASP A 1 34 ? -5.104  -10.629 -0.545  1.00 0.00 ? 34 ASP A OD1  1 
ATOM 508  O OD2  . ASP A 1 34 ? -3.298  -9.580  -1.072  1.00 0.00 ? 34 ASP A OD2  1 
ATOM 509  H H    . ASP A 1 34 ? -6.438  -7.370  2.189   1.00 0.00 ? 34 ASP A H    1 
ATOM 510  H HA   . ASP A 1 34 ? -5.616  -10.167 1.605   1.00 0.00 ? 34 ASP A HA   1 
ATOM 511  H HB2  . ASP A 1 34 ? -5.452  -7.912  0.047   1.00 0.00 ? 34 ASP A HB2  1 
ATOM 512  H HB3  . ASP A 1 34 ? -3.836  -7.980  0.751   1.00 0.00 ? 34 ASP A HB3  1 
ATOM 513  N N    . PRO A 1 35 ? -3.526  -10.240 2.983   1.00 0.00 ? 35 PRO A N    1 
ATOM 514  C CA   . PRO A 1 35 ? -2.464  -10.412 3.983   1.00 0.00 ? 35 PRO A CA   1 
ATOM 515  C C    . PRO A 1 35 ? -1.171  -9.708  3.552   1.00 0.00 ? 35 PRO A C    1 
ATOM 516  O O    . PRO A 1 35 ? -0.325  -9.406  4.370   1.00 0.00 ? 35 PRO A O    1 
ATOM 517  C CB   . PRO A 1 35 ? -2.262  -11.925 4.037   1.00 0.00 ? 35 PRO A CB   1 
ATOM 518  C CG   . PRO A 1 35 ? -2.788  -12.480 2.696   1.00 0.00 ? 35 PRO A CG   1 
ATOM 519  C CD   . PRO A 1 35 ? -3.725  -11.410 2.108   1.00 0.00 ? 35 PRO A CD   1 
ATOM 520  H HA   . PRO A 1 35 ? -2.791  -10.058 4.940   1.00 0.00 ? 35 PRO A HA   1 
ATOM 521  H HB2  . PRO A 1 35 ? -1.211  -12.154 4.150   1.00 0.00 ? 35 PRO A HB2  1 
ATOM 522  H HB3  . PRO A 1 35 ? -2.826  -12.349 4.853   1.00 0.00 ? 35 PRO A HB3  1 
ATOM 523  H HG2  . PRO A 1 35 ? -1.962  -12.660 2.026   1.00 0.00 ? 35 PRO A HG2  1 
ATOM 524  H HG3  . PRO A 1 35 ? -3.337  -13.391 2.865   1.00 0.00 ? 35 PRO A HG3  1 
ATOM 525  H HD2  . PRO A 1 35 ? -3.442  -11.180 1.091   1.00 0.00 ? 35 PRO A HD2  1 
ATOM 526  H HD3  . PRO A 1 35 ? -4.752  -11.739 2.153   1.00 0.00 ? 35 PRO A HD3  1 
ATOM 527  N N    . ASN A 1 36 ? -0.996  -9.454  2.281   1.00 0.00 ? 36 ASN A N    1 
ATOM 528  C CA   . ASN A 1 36 ? 0.262   -8.787  1.836   1.00 0.00 ? 36 ASN A CA   1 
ATOM 529  C C    . ASN A 1 36 ? -0.038  -7.666  0.835   1.00 0.00 ? 36 ASN A C    1 
ATOM 530  O O    . ASN A 1 36 ? 0.838   -6.909  0.483   1.00 0.00 ? 36 ASN A O    1 
ATOM 531  C CB   . ASN A 1 36 ? 1.174   -9.821  1.174   1.00 0.00 ? 36 ASN A CB   1 
ATOM 532  C CG   . ASN A 1 36 ? 0.641   -11.226 1.456   1.00 0.00 ? 36 ASN A CG   1 
ATOM 533  O OD1  . ASN A 1 36 ? -0.329  -11.653 0.861   1.00 0.00 ? 36 ASN A OD1  1 
ATOM 534  N ND2  . ASN A 1 36 ? 1.239   -11.970 2.347   1.00 0.00 ? 36 ASN A ND2  1 
ATOM 535  H H    . ASN A 1 36 ? -1.677  -9.714  1.626   1.00 0.00 ? 36 ASN A H    1 
ATOM 536  H HA   . ASN A 1 36 ? 0.767   -8.366  2.698   1.00 0.00 ? 36 ASN A HA   1 
ATOM 537  H HB2  . ASN A 1 36 ? 1.196   -9.650  0.108   1.00 0.00 ? 36 ASN A HB2  1 
ATOM 538  H HB3  . ASN A 1 36 ? 2.173   -9.729  1.574   1.00 0.00 ? 36 ASN A HB3  1 
ATOM 539  H HD21 . ASN A 1 36 ? 2.021   -11.626 2.827   1.00 0.00 ? 36 ASN A HD21 1 
ATOM 540  H HD22 . ASN A 1 36 ? 0.907   -12.872 2.534   1.00 0.00 ? 36 ASN A HD22 1 
ATOM 541  N N    . TRP A 1 37 ? -1.255  -7.543  0.373   1.00 0.00 ? 37 TRP A N    1 
ATOM 542  C CA   . TRP A 1 37 ? -1.570  -6.452  -0.599  1.00 0.00 ? 37 TRP A CA   1 
ATOM 543  C C    . TRP A 1 37 ? -2.879  -5.780  -0.199  1.00 0.00 ? 37 TRP A C    1 
ATOM 544  O O    . TRP A 1 37 ? -3.951  -6.280  -0.480  1.00 0.00 ? 37 TRP A O    1 
ATOM 545  C CB   . TRP A 1 37 ? -1.724  -7.024  -2.009  1.00 0.00 ? 37 TRP A CB   1 
ATOM 546  C CG   . TRP A 1 37 ? -0.373  -7.154  -2.621  1.00 0.00 ? 37 TRP A CG   1 
ATOM 547  C CD1  . TRP A 1 37 ? 0.416   -8.233  -2.493  1.00 0.00 ? 37 TRP A CD1  1 
ATOM 548  C CD2  . TRP A 1 37 ? 0.358   -6.199  -3.443  1.00 0.00 ? 37 TRP A CD2  1 
ATOM 549  N NE1  . TRP A 1 37 ? 1.608   -7.999  -3.155  1.00 0.00 ? 37 TRP A NE1  1 
ATOM 550  C CE2  . TRP A 1 37 ? 1.618   -6.759  -3.763  1.00 0.00 ? 37 TRP A CE2  1 
ATOM 551  C CE3  . TRP A 1 37 ? 0.061   -4.914  -3.933  1.00 0.00 ? 37 TRP A CE3  1 
ATOM 552  C CZ2  . TRP A 1 37 ? 2.550   -6.068  -4.535  1.00 0.00 ? 37 TRP A CZ2  1 
ATOM 553  C CZ3  . TRP A 1 37 ? 0.998   -4.220  -4.717  1.00 0.00 ? 37 TRP A CZ3  1 
ATOM 554  C CH2  . TRP A 1 37 ? 2.240   -4.796  -5.013  1.00 0.00 ? 37 TRP A CH2  1 
ATOM 555  H H    . TRP A 1 37 ? -1.958  -8.158  0.665   1.00 0.00 ? 37 TRP A H    1 
ATOM 556  H HA   . TRP A 1 37 ? -0.765  -5.723  -0.592  1.00 0.00 ? 37 TRP A HA   1 
ATOM 557  H HB2  . TRP A 1 37 ? -2.194  -7.993  -1.952  1.00 0.00 ? 37 TRP A HB2  1 
ATOM 558  H HB3  . TRP A 1 37 ? -2.330  -6.361  -2.606  1.00 0.00 ? 37 TRP A HB3  1 
ATOM 559  H HD1  . TRP A 1 37 ? 0.156   -9.128  -1.956  1.00 0.00 ? 37 TRP A HD1  1 
ATOM 560  H HE1  . TRP A 1 37 ? 2.362   -8.623  -3.203  1.00 0.00 ? 37 TRP A HE1  1 
ATOM 561  H HE3  . TRP A 1 37 ? -0.896  -4.461  -3.710  1.00 0.00 ? 37 TRP A HE3  1 
ATOM 562  H HZ2  . TRP A 1 37 ? 3.506   -6.510  -4.759  1.00 0.00 ? 37 TRP A HZ2  1 
ATOM 563  H HZ3  . TRP A 1 37 ? 0.762   -3.236  -5.090  1.00 0.00 ? 37 TRP A HZ3  1 
ATOM 564  H HH2  . TRP A 1 37 ? 2.956   -4.258  -5.614  1.00 0.00 ? 37 TRP A HH2  1 
ATOM 565  N N    . TRP A 1 38 ? -2.813  -4.655  0.449   1.00 0.00 ? 38 TRP A N    1 
ATOM 566  C CA   . TRP A 1 38 ? -4.068  -3.973  0.851   1.00 0.00 ? 38 TRP A CA   1 
ATOM 567  C C    . TRP A 1 38 ? -4.521  -3.044  -0.263  1.00 0.00 ? 38 TRP A C    1 
ATOM 568  O O    . TRP A 1 38 ? -3.784  -2.195  -0.725  1.00 0.00 ? 38 TRP A O    1 
ATOM 569  C CB   . TRP A 1 38 ? -3.843  -3.151  2.115   1.00 0.00 ? 38 TRP A CB   1 
ATOM 570  C CG   . TRP A 1 38 ? -3.529  -4.041  3.251   1.00 0.00 ? 38 TRP A CG   1 
ATOM 571  C CD1  . TRP A 1 38 ? -3.894  -5.334  3.408   1.00 0.00 ? 38 TRP A CD1  1 
ATOM 572  C CD2  . TRP A 1 38 ? -2.753  -3.688  4.393   1.00 0.00 ? 38 TRP A CD2  1 
ATOM 573  N NE1  . TRP A 1 38 ? -3.365  -5.792  4.606   1.00 0.00 ? 38 TRP A NE1  1 
ATOM 574  C CE2  . TRP A 1 38 ? -2.646  -4.799  5.247   1.00 0.00 ? 38 TRP A CE2  1 
ATOM 575  C CE3  . TRP A 1 38 ? -2.134  -2.497  4.747   1.00 0.00 ? 38 TRP A CE3  1 
ATOM 576  C CZ2  . TRP A 1 38 ? -1.927  -4.721  6.438   1.00 0.00 ? 38 TRP A CZ2  1 
ATOM 577  C CZ3  . TRP A 1 38 ? -1.413  -2.400  5.922   1.00 0.00 ? 38 TRP A CZ3  1 
ATOM 578  C CH2  . TRP A 1 38 ? -1.300  -3.513  6.778   1.00 0.00 ? 38 TRP A CH2  1 
ATOM 579  H H    . TRP A 1 38 ? -1.942  -4.260  0.667   1.00 0.00 ? 38 TRP A H    1 
ATOM 580  H HA   . TRP A 1 38 ? -4.836  -4.707  1.033   1.00 0.00 ? 38 TRP A HA   1 
ATOM 581  H HB2  . TRP A 1 38 ? -3.001  -2.478  1.976   1.00 0.00 ? 38 TRP A HB2  1 
ATOM 582  H HB3  . TRP A 1 38 ? -4.727  -2.577  2.344   1.00 0.00 ? 38 TRP A HB3  1 
ATOM 583  H HD1  . TRP A 1 38 ? -4.494  -5.910  2.719   1.00 0.00 ? 38 TRP A HD1  1 
ATOM 584  H HE1  . TRP A 1 38 ? -3.473  -6.697  4.966   1.00 0.00 ? 38 TRP A HE1  1 
ATOM 585  H HE3  . TRP A 1 38 ? -2.220  -1.640  4.100   1.00 0.00 ? 38 TRP A HE3  1 
ATOM 586  H HZ2  . TRP A 1 38 ? -1.849  -5.581  7.086   1.00 0.00 ? 38 TRP A HZ2  1 
ATOM 587  H HZ3  . TRP A 1 38 ? -0.939  -1.470  6.159   1.00 0.00 ? 38 TRP A HZ3  1 
ATOM 588  H HH2  . TRP A 1 38 ? -0.727  -3.443  7.682   1.00 0.00 ? 38 TRP A HH2  1 
ATOM 589  N N    . LYS A 1 39 ? -5.742  -3.179  -0.673  1.00 0.00 ? 39 LYS A N    1 
ATOM 590  C CA   . LYS A 1 39 ? -6.271  -2.298  -1.721  1.00 0.00 ? 39 LYS A CA   1 
ATOM 591  C C    . LYS A 1 39 ? -6.530  -0.967  -1.084  1.00 0.00 ? 39 LYS A C    1 
ATOM 592  O O    . LYS A 1 39 ? -7.500  -0.784  -0.388  1.00 0.00 ? 39 LYS A O    1 
ATOM 593  C CB   . LYS A 1 39 ? -7.584  -2.829  -2.242  1.00 0.00 ? 39 LYS A CB   1 
ATOM 594  C CG   . LYS A 1 39 ? -7.879  -2.136  -3.559  1.00 0.00 ? 39 LYS A CG   1 
ATOM 595  C CD   . LYS A 1 39 ? -8.691  -0.878  -3.314  1.00 0.00 ? 39 LYS A CD   1 
ATOM 596  C CE   . LYS A 1 39 ? -7.830  0.319   -3.682  1.00 0.00 ? 39 LYS A CE   1 
ATOM 597  N NZ   . LYS A 1 39 ? -8.432  0.997   -4.865  1.00 0.00 ? 39 LYS A NZ   1 
ATOM 598  H H    . LYS A 1 39 ? -6.316  -3.839  -0.271  1.00 0.00 ? 39 LYS A H    1 
ATOM 599  H HA   . LYS A 1 39 ? -5.560  -2.196  -2.527  1.00 0.00 ? 39 LYS A HA   1 
ATOM 600  H HB2  . LYS A 1 39 ? -7.513  -3.894  -2.387  1.00 0.00 ? 39 LYS A HB2  1 
ATOM 601  H HB3  . LYS A 1 39 ? -8.361  -2.601  -1.531  1.00 0.00 ? 39 LYS A HB3  1 
ATOM 602  H HG2  . LYS A 1 39 ? -6.944  -1.856  -4.018  1.00 0.00 ? 39 LYS A HG2  1 
ATOM 603  H HG3  . LYS A 1 39 ? -8.425  -2.800  -4.209  1.00 0.00 ? 39 LYS A HG3  1 
ATOM 604  H HD2  . LYS A 1 39 ? -9.574  -0.893  -3.936  1.00 0.00 ? 39 LYS A HD2  1 
ATOM 605  H HD3  . LYS A 1 39 ? -8.971  -0.817  -2.275  1.00 0.00 ? 39 LYS A HD3  1 
ATOM 606  H HE2  . LYS A 1 39 ? -7.785  1.003   -2.848  1.00 0.00 ? 39 LYS A HE2  1 
ATOM 607  H HE3  . LYS A 1 39 ? -6.831  -0.026  -3.924  1.00 0.00 ? 39 LYS A HE3  1 
ATOM 608  H HZ1  . LYS A 1 39 ? -8.993  0.311   -5.408  1.00 0.00 ? 39 LYS A HZ1  1 
ATOM 609  H HZ2  . LYS A 1 39 ? -9.048  1.770   -4.542  1.00 0.00 ? 39 LYS A HZ2  1 
ATOM 610  H HZ3  . LYS A 1 39 ? -7.680  1.380   -5.468  1.00 0.00 ? 39 LYS A HZ3  1 
ATOM 611  N N    . GLY A 1 40 ? -5.665  -0.054  -1.283  1.00 0.00 ? 40 GLY A N    1 
ATOM 612  C CA   . GLY A 1 40 ? -5.874  1.262   -0.637  1.00 0.00 ? 40 GLY A CA   1 
ATOM 613  C C    . GLY A 1 40 ? -5.425  2.428   -1.502  1.00 0.00 ? 40 GLY A C    1 
ATOM 614  O O    . GLY A 1 40 ? -5.186  2.308   -2.683  1.00 0.00 ? 40 GLY A O    1 
ATOM 615  H H    . GLY A 1 40 ? -4.884  -0.248  -1.824  1.00 0.00 ? 40 GLY A H    1 
ATOM 616  H HA2  . GLY A 1 40 ? -6.931  1.371   -0.440  1.00 0.00 ? 40 GLY A HA2  1 
ATOM 617  H HA3  . GLY A 1 40 ? -5.329  1.286   0.296   1.00 0.00 ? 40 GLY A HA3  1 
ATOM 618  N N    . ALA A 1 41 ? -5.342  3.573   -0.889  1.00 0.00 ? 41 ALA A N    1 
ATOM 619  C CA   . ALA A 1 41 ? -4.949  4.806   -1.608  1.00 0.00 ? 41 ALA A CA   1 
ATOM 620  C C    . ALA A 1 41 ? -3.610  5.295   -1.083  1.00 0.00 ? 41 ALA A C    1 
ATOM 621  O O    . ALA A 1 41 ? -2.929  4.587   -0.384  1.00 0.00 ? 41 ALA A O    1 
ATOM 622  C CB   . ALA A 1 41 ? -6.024  5.859   -1.348  1.00 0.00 ? 41 ALA A CB   1 
ATOM 623  H H    . ALA A 1 41 ? -5.559  3.623   0.061   1.00 0.00 ? 41 ALA A H    1 
ATOM 624  H HA   . ALA A 1 41 ? -4.870  4.610   -2.657  1.00 0.00 ? 41 ALA A HA   1 
ATOM 625  H HB1  . ALA A 1 41 ? -6.872  5.388   -0.861  1.00 0.00 ? 41 ALA A HB1  1 
ATOM 626  H HB2  . ALA A 1 41 ? -5.626  6.628   -0.699  1.00 0.00 ? 41 ALA A HB2  1 
ATOM 627  H HB3  . ALA A 1 41 ? -6.339  6.295   -2.281  1.00 0.00 ? 41 ALA A HB3  1 
ATOM 628  N N    . CYS A 1 42 ? -3.232  6.500   -1.418  1.00 0.00 ? 42 CYS A N    1 
ATOM 629  C CA   . CYS A 1 42 ? -1.929  7.039   -0.934  1.00 0.00 ? 42 CYS A CA   1 
ATOM 630  C C    . CYS A 1 42 ? -1.954  8.566   -1.002  1.00 0.00 ? 42 CYS A C    1 
ATOM 631  O O    . CYS A 1 42 ? -1.683  9.244   -0.030  1.00 0.00 ? 42 CYS A O    1 
ATOM 632  C CB   . CYS A 1 42 ? -0.793  6.505   -1.812  1.00 0.00 ? 42 CYS A CB   1 
ATOM 633  S SG   . CYS A 1 42 ? -1.359  6.384   -3.527  1.00 0.00 ? 42 CYS A SG   1 
ATOM 634  H H    . CYS A 1 42 ? -3.808  7.052   -1.989  1.00 0.00 ? 42 CYS A H    1 
ATOM 635  H HA   . CYS A 1 42 ? -1.770  6.730   0.086   1.00 0.00 ? 42 CYS A HA   1 
ATOM 636  H HB2  . CYS A 1 42 ? 0.050   7.178   -1.757  1.00 0.00 ? 42 CYS A HB2  1 
ATOM 637  H HB3  . CYS A 1 42 ? -0.496  5.528   -1.461  1.00 0.00 ? 42 CYS A HB3  1 
ATOM 638  H HG   . CYS A 1 42 ? -1.472  7.275   -3.866  1.00 0.00 ? 42 CYS A HG   1 
ATOM 639  N N    . HIS A 1 43 ? -2.282  9.118   -2.138  1.00 0.00 ? 43 HIS A N    1 
ATOM 640  C CA   . HIS A 1 43 ? -2.325  10.602  -2.254  1.00 0.00 ? 43 HIS A CA   1 
ATOM 641  C C    . HIS A 1 43 ? -3.188  11.000  -3.453  1.00 0.00 ? 43 HIS A C    1 
ATOM 642  O O    . HIS A 1 43 ? -2.802  11.820  -4.262  1.00 0.00 ? 43 HIS A O    1 
ATOM 643  C CB   . HIS A 1 43 ? -0.907  11.143  -2.442  1.00 0.00 ? 43 HIS A CB   1 
ATOM 644  C CG   . HIS A 1 43 ? -0.284  10.501  -3.649  1.00 0.00 ? 43 HIS A CG   1 
ATOM 645  N ND1  . HIS A 1 43 ? -0.032  11.206  -4.815  1.00 0.00 ? 43 HIS A ND1  1 
ATOM 646  C CD2  . HIS A 1 43 ? 0.140   9.218   -3.886  1.00 0.00 ? 43 HIS A CD2  1 
ATOM 647  C CE1  . HIS A 1 43 ? 0.521   10.350  -5.694  1.00 0.00 ? 43 HIS A CE1  1 
ATOM 648  N NE2  . HIS A 1 43 ? 0.649   9.124   -5.178  1.00 0.00 ? 43 HIS A NE2  1 
ATOM 649  H H    . HIS A 1 43 ? -2.501  8.557   -2.912  1.00 0.00 ? 43 HIS A H    1 
ATOM 650  H HA   . HIS A 1 43 ? -2.748  11.018  -1.354  1.00 0.00 ? 43 HIS A HA   1 
ATOM 651  H HB2  . HIS A 1 43 ? -0.944  12.214  -2.582  1.00 0.00 ? 43 HIS A HB2  1 
ATOM 652  H HB3  . HIS A 1 43 ? -0.315  10.914  -1.568  1.00 0.00 ? 43 HIS A HB3  1 
ATOM 653  H HD1  . HIS A 1 43 ? -0.223  12.154  -4.972  1.00 0.00 ? 43 HIS A HD1  1 
ATOM 654  H HD2  . HIS A 1 43 ? 0.089   8.405   -3.177  1.00 0.00 ? 43 HIS A HD2  1 
ATOM 655  H HE1  . HIS A 1 43 ? 0.825   10.621  -6.694  1.00 0.00 ? 43 HIS A HE1  1 
ATOM 656  N N    . GLY A 1 44 ? -4.356  10.430  -3.573  1.00 0.00 ? 44 GLY A N    1 
ATOM 657  C CA   . GLY A 1 44 ? -5.240  10.782  -4.718  1.00 0.00 ? 44 GLY A CA   1 
ATOM 658  C C    . GLY A 1 44 ? -5.446  9.554   -5.607  1.00 0.00 ? 44 GLY A C    1 
ATOM 659  O O    . GLY A 1 44 ? -6.409  9.464   -6.341  1.00 0.00 ? 44 GLY A O    1 
ATOM 660  H H    . GLY A 1 44 ? -4.651  9.772   -2.909  1.00 0.00 ? 44 GLY A H    1 
ATOM 661  H HA2  . GLY A 1 44 ? -6.196  11.121  -4.343  1.00 0.00 ? 44 GLY A HA2  1 
ATOM 662  H HA3  . GLY A 1 44 ? -4.781  11.569  -5.299  1.00 0.00 ? 44 GLY A HA3  1 
ATOM 663  N N    . GLN A 1 45 ? -4.550  8.606   -5.546  1.00 0.00 ? 45 GLN A N    1 
ATOM 664  C CA   . GLN A 1 45 ? -4.704  7.386   -6.389  1.00 0.00 ? 45 GLN A CA   1 
ATOM 665  C C    . GLN A 1 45 ? -4.943  6.174   -5.489  1.00 0.00 ? 45 GLN A C    1 
ATOM 666  O O    . GLN A 1 45 ? -4.567  6.166   -4.334  1.00 0.00 ? 45 GLN A O    1 
ATOM 667  C CB   . GLN A 1 45 ? -3.434  7.164   -7.215  1.00 0.00 ? 45 GLN A CB   1 
ATOM 668  C CG   . GLN A 1 45 ? -2.514  8.379   -7.083  1.00 0.00 ? 45 GLN A CG   1 
ATOM 669  C CD   . GLN A 1 45 ? -1.539  8.413   -8.260  1.00 0.00 ? 45 GLN A CD   1 
ATOM 670  O OE1  . GLN A 1 45 ? -1.948  8.528   -9.400  1.00 0.00 ? 45 GLN A OE1  1 
ATOM 671  N NE2  . GLN A 1 45 ? -0.258  8.316   -8.033  1.00 0.00 ? 45 GLN A NE2  1 
ATOM 672  H H    . GLN A 1 45 ? -3.781  8.694   -4.946  1.00 0.00 ? 45 GLN A H    1 
ATOM 673  H HA   . GLN A 1 45 ? -5.547  7.510   -7.052  1.00 0.00 ? 45 GLN A HA   1 
ATOM 674  H HB2  . GLN A 1 45 ? -2.922  6.282   -6.857  1.00 0.00 ? 45 GLN A HB2  1 
ATOM 675  H HB3  . GLN A 1 45 ? -3.700  7.029   -8.252  1.00 0.00 ? 45 GLN A HB3  1 
ATOM 676  H HG2  . GLN A 1 45 ? -3.109  9.282   -7.080  1.00 0.00 ? 45 GLN A HG2  1 
ATOM 677  H HG3  . GLN A 1 45 ? -1.958  8.311   -6.160  1.00 0.00 ? 45 GLN A HG3  1 
ATOM 678  H HE21 . GLN A 1 45 ? 0.071   8.224   -7.115  1.00 0.00 ? 45 GLN A HE21 1 
ATOM 679  H HE22 . GLN A 1 45 ? 0.375   8.335   -8.781  1.00 0.00 ? 45 GLN A HE22 1 
ATOM 680  N N    . THR A 1 46 ? -5.571  5.154   -6.007  1.00 0.00 ? 46 THR A N    1 
ATOM 681  C CA   . THR A 1 46 ? -5.838  3.949   -5.189  1.00 0.00 ? 46 THR A CA   1 
ATOM 682  C C    . THR A 1 46 ? -5.465  2.702   -5.994  1.00 0.00 ? 46 THR A C    1 
ATOM 683  O O    . THR A 1 46 ? -5.132  2.784   -7.159  1.00 0.00 ? 46 THR A O    1 
ATOM 684  C CB   . THR A 1 46 ? -7.318  3.912   -4.835  1.00 0.00 ? 46 THR A CB   1 
ATOM 685  O OG1  . THR A 1 46 ? -8.091  4.210   -5.990  1.00 0.00 ? 46 THR A OG1  1 
ATOM 686  C CG2  . THR A 1 46 ? -7.607  4.938   -3.742  1.00 0.00 ? 46 THR A CG2  1 
ATOM 687  H H    . THR A 1 46 ? -5.875  5.181   -6.933  1.00 0.00 ? 46 THR A H    1 
ATOM 688  H HA   . THR A 1 46 ? -5.254  3.983   -4.287  1.00 0.00 ? 46 THR A HA   1 
ATOM 689  H HB   . THR A 1 46 ? -7.568  2.940   -4.477  1.00 0.00 ? 46 THR A HB   1 
ATOM 690  H HG1  . THR A 1 46 ? -9.006  3.986   -5.803  1.00 0.00 ? 46 THR A HG1  1 
ATOM 691  H HG21 . THR A 1 46 ? -7.328  4.527   -2.782  1.00 0.00 ? 46 THR A HG21 1 
ATOM 692  H HG22 . THR A 1 46 ? -7.035  5.833   -3.931  1.00 0.00 ? 46 THR A HG22 1 
ATOM 693  H HG23 . THR A 1 46 ? -8.660  5.177   -3.741  1.00 0.00 ? 46 THR A HG23 1 
ATOM 694  N N    . GLY A 1 47 ? -5.518  1.549   -5.388  1.00 0.00 ? 47 GLY A N    1 
ATOM 695  C CA   . GLY A 1 47 ? -5.166  0.309   -6.128  1.00 0.00 ? 47 GLY A CA   1 
ATOM 696  C C    . GLY A 1 47 ? -4.586  -0.726  -5.164  1.00 0.00 ? 47 GLY A C    1 
ATOM 697  O O    . GLY A 1 47 ? -4.851  -0.701  -3.979  1.00 0.00 ? 47 GLY A O    1 
ATOM 698  H H    . GLY A 1 47 ? -5.792  1.497   -4.451  1.00 0.00 ? 47 GLY A H    1 
ATOM 699  H HA2  . GLY A 1 47 ? -6.057  -0.092  -6.593  1.00 0.00 ? 47 GLY A HA2  1 
ATOM 700  H HA3  . GLY A 1 47 ? -4.430  0.544   -6.881  1.00 0.00 ? 47 GLY A HA3  1 
ATOM 701  N N    . MET A 1 48 ? -3.796  -1.643  -5.660  1.00 0.00 ? 48 MET A N    1 
ATOM 702  C CA   . MET A 1 48 ? -3.215  -2.672  -4.756  1.00 0.00 ? 48 MET A CA   1 
ATOM 703  C C    . MET A 1 48 ? -1.769  -2.331  -4.425  1.00 0.00 ? 48 MET A C    1 
ATOM 704  O O    . MET A 1 48 ? -0.955  -2.078  -5.289  1.00 0.00 ? 48 MET A O    1 
ATOM 705  C CB   . MET A 1 48 ? -3.239  -4.055  -5.416  1.00 0.00 ? 48 MET A CB   1 
ATOM 706  C CG   . MET A 1 48 ? -4.626  -4.367  -5.979  1.00 0.00 ? 48 MET A CG   1 
ATOM 707  S SD   . MET A 1 48 ? -5.913  -3.990  -4.760  1.00 0.00 ? 48 MET A SD   1 
ATOM 708  C CE   . MET A 1 48 ? -5.091  -4.609  -3.268  1.00 0.00 ? 48 MET A CE   1 
ATOM 709  H H    . MET A 1 48 ? -3.592  -1.653  -6.618  1.00 0.00 ? 48 MET A H    1 
ATOM 710  H HA   . MET A 1 48 ? -3.783  -2.701  -3.841  1.00 0.00 ? 48 MET A HA   1 
ATOM 711  H HB2  . MET A 1 48 ? -2.518  -4.076  -6.220  1.00 0.00 ? 48 MET A HB2  1 
ATOM 712  H HB3  . MET A 1 48 ? -2.974  -4.803  -4.686  1.00 0.00 ? 48 MET A HB3  1 
ATOM 713  H HG2  . MET A 1 48 ? -4.792  -3.771  -6.863  1.00 0.00 ? 48 MET A HG2  1 
ATOM 714  H HG3  . MET A 1 48 ? -4.676  -5.413  -6.240  1.00 0.00 ? 48 MET A HG3  1 
ATOM 715  H HE1  . MET A 1 48 ? -5.816  -5.112  -2.645  1.00 0.00 ? 48 MET A HE1  1 
ATOM 716  H HE2  . MET A 1 48 ? -4.308  -5.305  -3.534  1.00 0.00 ? 48 MET A HE2  1 
ATOM 717  H HE3  . MET A 1 48 ? -4.668  -3.775  -2.723  1.00 0.00 ? 48 MET A HE3  1 
ATOM 718  N N    . PHE A 1 49 ? -1.447  -2.362  -3.170  1.00 0.00 ? 49 PHE A N    1 
ATOM 719  C CA   . PHE A 1 49 ? -0.059  -2.082  -2.735  1.00 0.00 ? 49 PHE A CA   1 
ATOM 720  C C    . PHE A 1 49 ? 0.278   -3.090  -1.645  1.00 0.00 ? 49 PHE A C    1 
ATOM 721  O O    . PHE A 1 49 ? -0.604  -3.560  -0.955  1.00 0.00 ? 49 PHE A O    1 
ATOM 722  C CB   . PHE A 1 49 ? 0.030   -0.665  -2.172  1.00 0.00 ? 49 PHE A CB   1 
ATOM 723  C CG   . PHE A 1 49 ? -0.269  -0.694  -0.694  1.00 0.00 ? 49 PHE A CG   1 
ATOM 724  C CD1  . PHE A 1 49 ? -1.592  -0.610  -0.243  1.00 0.00 ? 49 PHE A CD1  1 
ATOM 725  C CD2  . PHE A 1 49 ? 0.779   -0.800  0.226   1.00 0.00 ? 49 PHE A CD2  1 
ATOM 726  C CE1  . PHE A 1 49 ? -1.865  -0.630  1.133   1.00 0.00 ? 49 PHE A CE1  1 
ATOM 727  C CE2  . PHE A 1 49 ? 0.508   -0.820  1.599   1.00 0.00 ? 49 PHE A CE2  1 
ATOM 728  C CZ   . PHE A 1 49 ? -0.813  -0.734  2.056   1.00 0.00 ? 49 PHE A CZ   1 
ATOM 729  H H    . PHE A 1 49 ? -2.125  -2.596  -2.503  1.00 0.00 ? 49 PHE A H    1 
ATOM 730  H HA   . PHE A 1 49 ? 0.621   -2.195  -3.567  1.00 0.00 ? 49 PHE A HA   1 
ATOM 731  H HB2  . PHE A 1 49 ? 1.026   -0.277  -2.330  1.00 0.00 ? 49 PHE A HB2  1 
ATOM 732  H HB3  . PHE A 1 49 ? -0.687  -0.032  -2.671  1.00 0.00 ? 49 PHE A HB3  1 
ATOM 733  H HD1  . PHE A 1 49 ? -2.404  -0.535  -0.958  1.00 0.00 ? 49 PHE A HD1  1 
ATOM 734  H HD2  . PHE A 1 49 ? 1.798   -0.866  -0.124  1.00 0.00 ? 49 PHE A HD2  1 
ATOM 735  H HE1  . PHE A 1 49 ? -2.884  -0.563  1.483   1.00 0.00 ? 49 PHE A HE1  1 
ATOM 736  H HE2  . PHE A 1 49 ? 1.319   -0.904  2.303   1.00 0.00 ? 49 PHE A HE2  1 
ATOM 737  H HZ   . PHE A 1 49 ? -1.022  -0.747  3.122   1.00 0.00 ? 49 PHE A HZ   1 
ATOM 738  N N    . PRO A 1 50 ? 1.530   -3.400  -1.511  1.00 0.00 ? 50 PRO A N    1 
ATOM 739  C CA   . PRO A 1 50 ? 1.971   -4.360  -0.497  1.00 0.00 ? 50 PRO A CA   1 
ATOM 740  C C    . PRO A 1 50 ? 1.863   -3.739  0.895   1.00 0.00 ? 50 PRO A C    1 
ATOM 741  O O    . PRO A 1 50 ? 2.501   -2.753  1.201   1.00 0.00 ? 50 PRO A O    1 
ATOM 742  C CB   . PRO A 1 50 ? 3.413   -4.666  -0.890  1.00 0.00 ? 50 PRO A CB   1 
ATOM 743  C CG   . PRO A 1 50 ? 3.889   -3.479  -1.760  1.00 0.00 ? 50 PRO A CG   1 
ATOM 744  C CD   . PRO A 1 50 ? 2.617   -2.829  -2.333  1.00 0.00 ? 50 PRO A CD   1 
ATOM 745  H HA   . PRO A 1 50 ? 1.380   -5.254  -0.557  1.00 0.00 ? 50 PRO A HA   1 
ATOM 746  H HB2  . PRO A 1 50 ? 4.025   -4.755  -0.003  1.00 0.00 ? 50 PRO A HB2  1 
ATOM 747  H HB3  . PRO A 1 50 ? 3.449   -5.577  -1.463  1.00 0.00 ? 50 PRO A HB3  1 
ATOM 748  H HG2  . PRO A 1 50 ? 4.433   -2.770  -1.154  1.00 0.00 ? 50 PRO A HG2  1 
ATOM 749  H HG3  . PRO A 1 50 ? 4.511   -3.834  -2.566  1.00 0.00 ? 50 PRO A HG3  1 
ATOM 750  H HD2  . PRO A 1 50 ? 2.658   -1.754  -2.225  1.00 0.00 ? 50 PRO A HD2  1 
ATOM 751  H HD3  . PRO A 1 50 ? 2.490   -3.106  -3.366  1.00 0.00 ? 50 PRO A HD3  1 
ATOM 752  N N    . ARG A 1 51 ? 1.036   -4.304  1.731   1.00 0.00 ? 51 ARG A N    1 
ATOM 753  C CA   . ARG A 1 51 ? 0.860   -3.746  3.098   1.00 0.00 ? 51 ARG A CA   1 
ATOM 754  C C    . ARG A 1 51 ? 2.218   -3.614  3.785   1.00 0.00 ? 51 ARG A C    1 
ATOM 755  O O    . ARG A 1 51 ? 2.367   -2.900  4.756   1.00 0.00 ? 51 ARG A O    1 
ATOM 756  C CB   . ARG A 1 51 ? -0.046  -4.670  3.918   1.00 0.00 ? 51 ARG A CB   1 
ATOM 757  C CG   . ARG A 1 51 ? 0.744   -5.824  4.540   1.00 0.00 ? 51 ARG A CG   1 
ATOM 758  C CD   . ARG A 1 51 ? 1.473   -5.352  5.797   1.00 0.00 ? 51 ARG A CD   1 
ATOM 759  N NE   . ARG A 1 51 ? 0.924   -6.060  6.987   1.00 0.00 ? 51 ARG A NE   1 
ATOM 760  C CZ   . ARG A 1 51 ? 1.732   -6.599  7.859   1.00 0.00 ? 51 ARG A CZ   1 
ATOM 761  N NH1  . ARG A 1 51 ? 2.493   -5.840  8.598   1.00 0.00 ? 51 ARG A NH1  1 
ATOM 762  N NH2  . ARG A 1 51 ? 1.776   -7.896  7.993   1.00 0.00 ? 51 ARG A NH2  1 
ATOM 763  H H    . ARG A 1 51 ? 0.519   -5.087  1.454   1.00 0.00 ? 51 ARG A H    1 
ATOM 764  H HA   . ARG A 1 51 ? 0.391   -2.771  3.024   1.00 0.00 ? 51 ARG A HA   1 
ATOM 765  H HB2  . ARG A 1 51 ? -0.494  -4.104  4.702   1.00 0.00 ? 51 ARG A HB2  1 
ATOM 766  H HB3  . ARG A 1 51 ? -0.816  -5.071  3.279   1.00 0.00 ? 51 ARG A HB3  1 
ATOM 767  H HG2  . ARG A 1 51 ? 0.057   -6.608  4.813   1.00 0.00 ? 51 ARG A HG2  1 
ATOM 768  H HG3  . ARG A 1 51 ? 1.460   -6.198  3.827   1.00 0.00 ? 51 ARG A HG3  1 
ATOM 769  H HD2  . ARG A 1 51 ? 2.525   -5.573  5.700   1.00 0.00 ? 51 ARG A HD2  1 
ATOM 770  H HD3  . ARG A 1 51 ? 1.337   -4.289  5.915   1.00 0.00 ? 51 ARG A HD3  1 
ATOM 771  H HE   . ARG A 1 51 ? -0.046  -6.120  7.116   1.00 0.00 ? 51 ARG A HE   1 
ATOM 772  H HH11 . ARG A 1 51 ? 2.458   -4.846  8.497   1.00 0.00 ? 51 ARG A HH11 1 
ATOM 773  H HH12 . ARG A 1 51 ? 3.113   -6.253  9.266   1.00 0.00 ? 51 ARG A HH12 1 
ATOM 774  H HH21 . ARG A 1 51 ? 1.192   -8.476  7.428   1.00 0.00 ? 51 ARG A HH21 1 
ATOM 775  H HH22 . ARG A 1 51 ? 2.396   -8.308  8.661   1.00 0.00 ? 51 ARG A HH22 1 
ATOM 776  N N    . ASN A 1 52 ? 3.207   -4.312  3.309   1.00 0.00 ? 52 ASN A N    1 
ATOM 777  C CA   . ASN A 1 52 ? 4.544   -4.228  3.963   1.00 0.00 ? 52 ASN A CA   1 
ATOM 778  C C    . ASN A 1 52 ? 5.256   -2.950  3.536   1.00 0.00 ? 52 ASN A C    1 
ATOM 779  O O    . ASN A 1 52 ? 5.958   -2.335  4.313   1.00 0.00 ? 52 ASN A O    1 
ATOM 780  C CB   . ASN A 1 52 ? 5.387   -5.445  3.576   1.00 0.00 ? 52 ASN A CB   1 
ATOM 781  C CG   . ASN A 1 52 ? 6.134   -5.963  4.806   1.00 0.00 ? 52 ASN A CG   1 
ATOM 782  O OD1  . ASN A 1 52 ? 6.128   -5.335  5.845   1.00 0.00 ? 52 ASN A OD1  1 
ATOM 783  N ND2  . ASN A 1 52 ? 6.785   -7.092  4.730   1.00 0.00 ? 52 ASN A ND2  1 
ATOM 784  H H    . ASN A 1 52 ? 3.067   -4.899  2.537   1.00 0.00 ? 52 ASN A H    1 
ATOM 785  H HA   . ASN A 1 52 ? 4.405   -4.205  5.030   1.00 0.00 ? 52 ASN A HA   1 
ATOM 786  H HB2  . ASN A 1 52 ? 4.741   -6.222  3.193   1.00 0.00 ? 52 ASN A HB2  1 
ATOM 787  H HB3  . ASN A 1 52 ? 6.100   -5.162  2.817   1.00 0.00 ? 52 ASN A HB3  1 
ATOM 788  H HD21 . ASN A 1 52 ? 6.791   -7.600  3.892   1.00 0.00 ? 52 ASN A HD21 1 
ATOM 789  H HD22 . ASN A 1 52 ? 7.267   -7.433  5.512   1.00 0.00 ? 52 ASN A HD22 1 
ATOM 790  N N    . TYR A 1 53 ? 5.072   -2.526  2.319   1.00 0.00 ? 53 TYR A N    1 
ATOM 791  C CA   . TYR A 1 53 ? 5.734   -1.271  1.879   1.00 0.00 ? 53 TYR A CA   1 
ATOM 792  C C    . TYR A 1 53 ? 5.253   -0.126  2.772   1.00 0.00 ? 53 TYR A C    1 
ATOM 793  O O    . TYR A 1 53 ? 5.810   0.952   2.762   1.00 0.00 ? 53 TYR A O    1 
ATOM 794  C CB   . TYR A 1 53 ? 5.364   -0.973  0.426   1.00 0.00 ? 53 TYR A CB   1 
ATOM 795  C CG   . TYR A 1 53 ? 6.486   -1.414  -0.483  1.00 0.00 ? 53 TYR A CG   1 
ATOM 796  C CD1  . TYR A 1 53 ? 6.808   -2.772  -0.594  1.00 0.00 ? 53 TYR A CD1  1 
ATOM 797  C CD2  . TYR A 1 53 ? 7.205   -0.462  -1.216  1.00 0.00 ? 53 TYR A CD2  1 
ATOM 798  C CE1  . TYR A 1 53 ? 7.849   -3.177  -1.438  1.00 0.00 ? 53 TYR A CE1  1 
ATOM 799  C CE2  . TYR A 1 53 ? 8.246   -0.868  -2.060  1.00 0.00 ? 53 TYR A CE2  1 
ATOM 800  C CZ   . TYR A 1 53 ? 8.568   -2.226  -2.171  1.00 0.00 ? 53 TYR A CZ   1 
ATOM 801  O OH   . TYR A 1 53 ? 9.593   -2.625  -3.004  1.00 0.00 ? 53 TYR A OH   1 
ATOM 802  H H    . TYR A 1 53 ? 4.495   -3.023  1.705   1.00 0.00 ? 53 TYR A H    1 
ATOM 803  H HA   . TYR A 1 53 ? 6.806   -1.374  1.969   1.00 0.00 ? 53 TYR A HA   1 
ATOM 804  H HB2  . TYR A 1 53 ? 4.460   -1.503  0.171   1.00 0.00 ? 53 TYR A HB2  1 
ATOM 805  H HB3  . TYR A 1 53 ? 5.202   0.088   0.307   1.00 0.00 ? 53 TYR A HB3  1 
ATOM 806  H HD1  . TYR A 1 53 ? 6.254   -3.507  -0.029  1.00 0.00 ? 53 TYR A HD1  1 
ATOM 807  H HD2  . TYR A 1 53 ? 6.957   0.586   -1.130  1.00 0.00 ? 53 TYR A HD2  1 
ATOM 808  H HE1  . TYR A 1 53 ? 8.098   -4.225  -1.524  1.00 0.00 ? 53 TYR A HE1  1 
ATOM 809  H HE2  . TYR A 1 53 ? 8.800   -0.133  -2.625  1.00 0.00 ? 53 TYR A HE2  1 
ATOM 810  H HH   . TYR A 1 53 ? 10.226  -1.906  -3.062  1.00 0.00 ? 53 TYR A HH   1 
ATOM 811  N N    . VAL A 1 54 ? 4.218   -0.356  3.540   1.00 0.00 ? 54 VAL A N    1 
ATOM 812  C CA   . VAL A 1 54 ? 3.688   0.707   4.439   1.00 0.00 ? 54 VAL A CA   1 
ATOM 813  C C    . VAL A 1 54 ? 3.623   0.202   5.870   1.00 0.00 ? 54 VAL A C    1 
ATOM 814  O O    . VAL A 1 54 ? 3.904   -0.941  6.171   1.00 0.00 ? 54 VAL A O    1 
ATOM 815  C CB   . VAL A 1 54 ? 2.258   1.044   4.057   1.00 0.00 ? 54 VAL A CB   1 
ATOM 816  C CG1  . VAL A 1 54 ? 2.156   1.290   2.553   1.00 0.00 ? 54 VAL A CG1  1 
ATOM 817  C CG2  . VAL A 1 54 ? 1.369   -0.133  4.477   1.00 0.00 ? 54 VAL A CG2  1 
ATOM 818  H H    . VAL A 1 54 ? 3.780   -1.229  3.522   1.00 0.00 ? 54 VAL A H    1 
ATOM 819  H HA   . VAL A 1 54 ? 4.296   1.590   4.384   1.00 0.00 ? 54 VAL A HA   1 
ATOM 820  H HB   . VAL A 1 54 ? 1.948   1.933   4.586   1.00 0.00 ? 54 VAL A HB   1 
ATOM 821  H HG11 . VAL A 1 54 ? 2.655   0.494   2.021   1.00 0.00 ? 54 VAL A HG11 1 
ATOM 822  H HG12 . VAL A 1 54 ? 1.116   1.325   2.265   1.00 0.00 ? 54 VAL A HG12 1 
ATOM 823  H HG13 . VAL A 1 54 ? 2.625   2.235   2.316   1.00 0.00 ? 54 VAL A HG13 1 
ATOM 824  H HG21 . VAL A 1 54 ? 1.791   -1.055  4.098   1.00 0.00 ? 54 VAL A HG21 1 
ATOM 825  H HG22 . VAL A 1 54 ? 1.320   -0.185  5.560   1.00 0.00 ? 54 VAL A HG22 1 
ATOM 826  H HG23 . VAL A 1 54 ? 0.376   0.001   4.078   1.00 0.00 ? 54 VAL A HG23 1 
ATOM 827  N N    . THR A 1 55 ? 3.193   1.060   6.735   1.00 0.00 ? 55 THR A N    1 
ATOM 828  C CA   . THR A 1 55 ? 3.016   0.701   8.155   1.00 0.00 ? 55 THR A CA   1 
ATOM 829  C C    . THR A 1 55 ? 1.713   1.341   8.629   1.00 0.00 ? 55 THR A C    1 
ATOM 830  O O    . THR A 1 55 ? 1.374   2.430   8.209   1.00 0.00 ? 55 THR A O    1 
ATOM 831  C CB   . THR A 1 55 ? 4.187   1.232   8.982   1.00 0.00 ? 55 THR A CB   1 
ATOM 832  O OG1  . THR A 1 55 ? 3.743   1.510   10.302  1.00 0.00 ? 55 THR A OG1  1 
ATOM 833  C CG2  . THR A 1 55 ? 4.723   2.514   8.339   1.00 0.00 ? 55 THR A CG2  1 
ATOM 834  H H    . THR A 1 55 ? 2.950   1.952   6.434   1.00 0.00 ? 55 THR A H    1 
ATOM 835  H HA   . THR A 1 55 ? 2.947   -0.368  8.247   1.00 0.00 ? 55 THR A HA   1 
ATOM 836  H HB   . THR A 1 55 ? 4.970   0.492   9.011   1.00 0.00 ? 55 THR A HB   1 
ATOM 837  H HG1  . THR A 1 55 ? 4.394   1.159   10.914  1.00 0.00 ? 55 THR A HG1  1 
ATOM 838  H HG21 . THR A 1 55 ? 5.666   2.778   8.792   1.00 0.00 ? 55 THR A HG21 1 
ATOM 839  H HG22 . THR A 1 55 ? 4.863   2.354   7.281   1.00 0.00 ? 55 THR A HG22 1 
ATOM 840  H HG23 . THR A 1 55 ? 4.014   3.315   8.490   1.00 0.00 ? 55 THR A HG23 1 
ATOM 841  N N    . PRO A 1 56 ? 1.018   0.647   9.480   1.00 0.00 ? 56 PRO A N    1 
ATOM 842  C CA   . PRO A 1 56 ? -0.261  1.125   10.018  1.00 0.00 ? 56 PRO A CA   1 
ATOM 843  C C    . PRO A 1 56 ? -0.048  2.318   10.942  1.00 0.00 ? 56 PRO A C    1 
ATOM 844  O O    . PRO A 1 56 ? 0.829   2.329   11.781  1.00 0.00 ? 56 PRO A O    1 
ATOM 845  C CB   . PRO A 1 56 ? -0.824  -0.085  10.758  1.00 0.00 ? 56 PRO A CB   1 
ATOM 846  C CG   . PRO A 1 56 ? 0.380   -1.013  11.049  1.00 0.00 ? 56 PRO A CG   1 
ATOM 847  C CD   . PRO A 1 56 ? 1.451   -0.663  9.996   1.00 0.00 ? 56 PRO A CD   1 
ATOM 848  H HA   . PRO A 1 56 ? -0.925  1.395   9.213   1.00 0.00 ? 56 PRO A HA   1 
ATOM 849  H HB2  . PRO A 1 56 ? -1.284  0.237   11.681  1.00 0.00 ? 56 PRO A HB2  1 
ATOM 850  H HB3  . PRO A 1 56 ? -1.540  -0.597  10.139  1.00 0.00 ? 56 PRO A HB3  1 
ATOM 851  H HG2  . PRO A 1 56 ? 0.758   -0.829  12.046  1.00 0.00 ? 56 PRO A HG2  1 
ATOM 852  H HG3  . PRO A 1 56 ? 0.088   -2.045  10.944  1.00 0.00 ? 56 PRO A HG3  1 
ATOM 853  H HD2  . PRO A 1 56 ? 2.427   -0.591  10.455  1.00 0.00 ? 56 PRO A HD2  1 
ATOM 854  H HD3  . PRO A 1 56 ? 1.456   -1.390  9.196   1.00 0.00 ? 56 PRO A HD3  1 
ATOM 855  N N    . VAL A 1 57 ? -0.842  3.331   10.765  1.00 0.00 ? 57 VAL A N    1 
ATOM 856  C CA   . VAL A 1 57 ? -0.701  4.551   11.595  1.00 0.00 ? 57 VAL A CA   1 
ATOM 857  C C    . VAL A 1 57 ? -1.860  4.632   12.588  1.00 0.00 ? 57 VAL A C    1 
ATOM 858  O O    . VAL A 1 57 ? -2.773  3.831   12.556  1.00 0.00 ? 57 VAL A O    1 
ATOM 859  C CB   . VAL A 1 57 ? -0.718  5.763   10.665  1.00 0.00 ? 57 VAL A CB   1 
ATOM 860  C CG1  . VAL A 1 57 ? 0.315   6.786   11.136  1.00 0.00 ? 57 VAL A CG1  1 
ATOM 861  C CG2  . VAL A 1 57 ? -0.369  5.301   9.244   1.00 0.00 ? 57 VAL A CG2  1 
ATOM 862  H H    . VAL A 1 57 ? -1.529  3.294   10.067  1.00 0.00 ? 57 VAL A H    1 
ATOM 863  H HA   . VAL A 1 57 ? 0.235   4.519   12.130  1.00 0.00 ? 57 VAL A HA   1 
ATOM 864  H HB   . VAL A 1 57 ? -1.702  6.210   10.668  1.00 0.00 ? 57 VAL A HB   1 
ATOM 865  H HG11 . VAL A 1 57 ? -0.018  7.232   12.062  1.00 0.00 ? 57 VAL A HG11 1 
ATOM 866  H HG12 . VAL A 1 57 ? 1.263   6.293   11.294  1.00 0.00 ? 57 VAL A HG12 1 
ATOM 867  H HG13 . VAL A 1 57 ? 0.429   7.555   10.386  1.00 0.00 ? 57 VAL A HG13 1 
ATOM 868  H HG21 . VAL A 1 57 ? 0.107   6.109   8.707   1.00 0.00 ? 57 VAL A HG21 1 
ATOM 869  H HG22 . VAL A 1 57 ? 0.304   4.457   9.295   1.00 0.00 ? 57 VAL A HG22 1 
ATOM 870  H HG23 . VAL A 1 57 ? -1.272  5.009   8.730   1.00 0.00 ? 57 VAL A HG23 1 
ATOM 871  N N    . ASN A 1 58 ? -1.826  5.587   13.477  1.00 0.00 ? 58 ASN A N    1 
ATOM 872  C CA   . ASN A 1 58 ? -2.921  5.715   14.479  1.00 0.00 ? 58 ASN A CA   1 
ATOM 873  C C    . ASN A 1 58 ? -2.729  4.668   15.575  1.00 0.00 ? 58 ASN A C    1 
ATOM 874  O O    . ASN A 1 58 ? -2.370  3.537   15.310  1.00 0.00 ? 58 ASN A O    1 
ATOM 875  C CB   . ASN A 1 58 ? -4.271  5.488   13.799  1.00 0.00 ? 58 ASN A CB   1 
ATOM 876  C CG   . ASN A 1 58 ? -5.369  6.192   14.596  1.00 0.00 ? 58 ASN A CG   1 
ATOM 877  O OD1  . ASN A 1 58 ? -5.604  7.370   14.421  1.00 0.00 ? 58 ASN A OD1  1 
ATOM 878  N ND2  . ASN A 1 58 ? -6.056  5.512   15.473  1.00 0.00 ? 58 ASN A ND2  1 
ATOM 879  H H    . ASN A 1 58 ? -1.076  6.217   13.489  1.00 0.00 ? 58 ASN A H    1 
ATOM 880  H HA   . ASN A 1 58 ? -2.897  6.703   14.916  1.00 0.00 ? 58 ASN A HA   1 
ATOM 881  H HB2  . ASN A 1 58 ? -4.241  5.885   12.795  1.00 0.00 ? 58 ASN A HB2  1 
ATOM 882  H HB3  . ASN A 1 58 ? -4.479  4.428   13.762  1.00 0.00 ? 58 ASN A HB3  1 
ATOM 883  H HD21 . ASN A 1 58 ? -5.865  4.562   15.615  1.00 0.00 ? 58 ASN A HD21 1 
ATOM 884  H HD22 . ASN A 1 58 ? -6.763  5.952   15.989  1.00 0.00 ? 58 ASN A HD22 1 
ATOM 885  N N    . ARG A 1 59 ? -2.966  5.029   16.805  1.00 0.00 ? 59 ARG A N    1 
ATOM 886  C CA   . ARG A 1 59 ? -2.797  4.049   17.911  1.00 0.00 ? 59 ARG A CA   1 
ATOM 887  C C    . ARG A 1 59 ? -3.435  4.601   19.186  1.00 0.00 ? 59 ARG A C    1 
ATOM 888  O O    . ARG A 1 59 ? -3.799  3.805   20.035  1.00 0.00 ? 59 ARG A O    1 
ATOM 889  C CB   . ARG A 1 59 ? -1.306  3.802   18.150  1.00 0.00 ? 59 ARG A CB   1 
ATOM 890  C CG   . ARG A 1 59 ? -0.727  4.948   18.981  1.00 0.00 ? 59 ARG A CG   1 
ATOM 891  C CD   . ARG A 1 59 ? 0.701   5.243   18.520  1.00 0.00 ? 59 ARG A CD   1 
ATOM 892  N NE   . ARG A 1 59 ? 0.664   5.967   17.218  1.00 0.00 ? 59 ARG A NE   1 
ATOM 893  C CZ   . ARG A 1 59 ? -0.054  7.050   17.095  1.00 0.00 ? 59 ARG A CZ   1 
ATOM 894  N NH1  . ARG A 1 59 ? -0.355  7.758   18.150  1.00 0.00 ? 59 ARG A NH1  1 
ATOM 895  N NH2  . ARG A 1 59 ? -0.469  7.426   15.917  1.00 0.00 ? 59 ARG A NH2  1 
ATOM 896  O OXT  . ARG A 1 59 ? -3.547  5.811   19.293  1.00 0.00 ? 59 ARG A OXT  1 
ATOM 897  H H    . ARG A 1 59 ? -3.256  5.945   17.000  1.00 0.00 ? 59 ARG A H    1 
ATOM 898  H HA   . ARG A 1 59 ? -3.277  3.120   17.640  1.00 0.00 ? 59 ARG A HA   1 
ATOM 899  H HB2  . ARG A 1 59 ? -1.176  2.869   18.679  1.00 0.00 ? 59 ARG A HB2  1 
ATOM 900  H HB3  . ARG A 1 59 ? -0.792  3.753   17.201  1.00 0.00 ? 59 ARG A HB3  1 
ATOM 901  H HG2  . ARG A 1 59 ? -1.337  5.830   18.853  1.00 0.00 ? 59 ARG A HG2  1 
ATOM 902  H HG3  . ARG A 1 59 ? -0.715  4.666   20.023  1.00 0.00 ? 59 ARG A HG3  1 
ATOM 903  H HD2  . ARG A 1 59 ? 1.198   5.855   19.258  1.00 0.00 ? 59 ARG A HD2  1 
ATOM 904  H HD3  . ARG A 1 59 ? 1.241   4.314   18.400  1.00 0.00 ? 59 ARG A HD3  1 
ATOM 905  H HE   . ARG A 1 59 ? 1.178   5.630   16.455  1.00 0.00 ? 59 ARG A HE   1 
ATOM 906  H HH11 . ARG A 1 59 ? -0.035  7.469   19.052  1.00 0.00 ? 59 ARG A HH11 1 
ATOM 907  H HH12 . ARG A 1 59 ? -0.904  8.587   18.056  1.00 0.00 ? 59 ARG A HH12 1 
ATOM 908  H HH21 . ARG A 1 59 ? -0.238  6.885   15.108  1.00 0.00 ? 59 ARG A HH21 1 
ATOM 909  H HH22 . ARG A 1 59 ? -1.018  8.257   15.821  1.00 0.00 ? 59 ARG A HH22 1 
ATOM 910  N N    . ARG B 2 1  ? -7.476  -12.974 -7.763  1.00 0.00 ? 1  ARG B N    1 
ATOM 911  C CA   . ARG B 2 1  ? -7.061  -11.543 -7.812  1.00 0.00 ? 1  ARG B CA   1 
ATOM 912  C C    . ARG B 2 1  ? -5.600  -11.452 -8.252  1.00 0.00 ? 1  ARG B C    1 
ATOM 913  O O    . ARG B 2 1  ? -4.993  -12.433 -8.634  1.00 0.00 ? 1  ARG B O    1 
ATOM 914  C CB   . ARG B 2 1  ? -7.213  -10.920 -6.423  1.00 0.00 ? 1  ARG B CB   1 
ATOM 915  C CG   . ARG B 2 1  ? -8.488  -10.076 -6.382  1.00 0.00 ? 1  ARG B CG   1 
ATOM 916  C CD   . ARG B 2 1  ? -9.486  -10.706 -5.409  1.00 0.00 ? 1  ARG B CD   1 
ATOM 917  N NE   . ARG B 2 1  ? -10.874 -10.424 -5.871  1.00 0.00 ? 1  ARG B NE   1 
ATOM 918  C CZ   . ARG B 2 1  ? -11.681 -9.723  -5.120  1.00 0.00 ? 1  ARG B CZ   1 
ATOM 919  N NH1  . ARG B 2 1  ? -11.605 -9.814  -3.821  1.00 0.00 ? 1  ARG B NH1  1 
ATOM 920  N NH2  . ARG B 2 1  ? -12.562 -8.931  -5.668  1.00 0.00 ? 1  ARG B NH2  1 
ATOM 921  H H1   . ARG B 2 1  ? -8.117  -13.176 -8.556  1.00 0.00 ? 1  ARG B H1   1 
ATOM 922  H H2   . ARG B 2 1  ? -6.633  -13.580 -7.833  1.00 0.00 ? 1  ARG B H2   1 
ATOM 923  H H3   . ARG B 2 1  ? -7.966  -13.161 -6.866  1.00 0.00 ? 1  ARG B H3   1 
ATOM 924  H HA   . ARG B 2 1  ? -7.684  -11.011 -8.516  1.00 0.00 ? 1  ARG B HA   1 
ATOM 925  H HB2  . ARG B 2 1  ? -7.274  -11.704 -5.681  1.00 0.00 ? 1  ARG B HB2  1 
ATOM 926  H HB3  . ARG B 2 1  ? -6.360  -10.292 -6.216  1.00 0.00 ? 1  ARG B HB3  1 
ATOM 927  H HG2  . ARG B 2 1  ? -8.246  -9.076  -6.053  1.00 0.00 ? 1  ARG B HG2  1 
ATOM 928  H HG3  . ARG B 2 1  ? -8.925  -10.035 -7.367  1.00 0.00 ? 1  ARG B HG3  1 
ATOM 929  H HD2  . ARG B 2 1  ? -9.329  -11.774 -5.373  1.00 0.00 ? 1  ARG B HD2  1 
ATOM 930  H HD3  . ARG B 2 1  ? -9.343  -10.288 -4.424  1.00 0.00 ? 1  ARG B HD3  1 
ATOM 931  H HE   . ARG B 2 1  ? -11.182 -10.764 -6.737  1.00 0.00 ? 1  ARG B HE   1 
ATOM 932  H HH11 . ARG B 2 1  ? -10.930 -10.421 -3.401  1.00 0.00 ? 1  ARG B HH11 1 
ATOM 933  H HH12 . ARG B 2 1  ? -12.221 -9.276  -3.246  1.00 0.00 ? 1  ARG B HH12 1 
ATOM 934  H HH21 . ARG B 2 1  ? -12.619 -8.861  -6.665  1.00 0.00 ? 1  ARG B HH21 1 
ATOM 935  H HH22 . ARG B 2 1  ? -13.178 -8.395  -5.093  1.00 0.00 ? 1  ARG B HH22 1 
ATOM 936  N N    . HIS B 2 2  ? -5.026  -10.281 -8.199  1.00 0.00 ? 2  HIS B N    1 
ATOM 937  C CA   . HIS B 2 2  ? -3.603  -10.130 -8.612  1.00 0.00 ? 2  HIS B CA   1 
ATOM 938  C C    . HIS B 2 2  ? -2.837  -9.376  -7.523  1.00 0.00 ? 2  HIS B C    1 
ATOM 939  O O    . HIS B 2 2  ? -2.095  -8.454  -7.795  1.00 0.00 ? 2  HIS B O    1 
ATOM 940  C CB   . HIS B 2 2  ? -3.532  -9.351  -9.927  1.00 0.00 ? 2  HIS B CB   1 
ATOM 941  C CG   . HIS B 2 2  ? -3.532  -10.316 -11.081 1.00 0.00 ? 2  HIS B CG   1 
ATOM 942  N ND1  . HIS B 2 2  ? -3.661  -9.896  -12.395 1.00 0.00 ? 2  HIS B ND1  1 
ATOM 943  C CD2  . HIS B 2 2  ? -3.418  -11.684 -11.134 1.00 0.00 ? 2  HIS B CD2  1 
ATOM 944  C CE1  . HIS B 2 2  ? -3.623  -10.992 -13.177 1.00 0.00 ? 2  HIS B CE1  1 
ATOM 945  N NE2  . HIS B 2 2  ? -3.476  -12.108 -12.458 1.00 0.00 ? 2  HIS B NE2  1 
ATOM 946  H H    . HIS B 2 2  ? -5.532  -9.503  -7.886  1.00 0.00 ? 2  HIS B H    1 
ATOM 947  H HA   . HIS B 2 2  ? -3.164  -11.107 -8.749  1.00 0.00 ? 2  HIS B HA   1 
ATOM 948  H HB2  . HIS B 2 2  ? -4.387  -8.696  -10.004 1.00 0.00 ? 2  HIS B HB2  1 
ATOM 949  H HB3  . HIS B 2 2  ? -2.626  -8.764  -9.948  1.00 0.00 ? 2  HIS B HB3  1 
ATOM 950  H HD1  . HIS B 2 2  ? -3.762  -8.970  -12.700 1.00 0.00 ? 2  HIS B HD1  1 
ATOM 951  H HD2  . HIS B 2 2  ? -3.302  -12.332 -10.277 1.00 0.00 ? 2  HIS B HD2  1 
ATOM 952  H HE1  . HIS B 2 2  ? -3.702  -10.971 -14.253 1.00 0.00 ? 2  HIS B HE1  1 
ATOM 953  N N    . TYR B 2 3  ? -3.011  -9.768  -6.290  1.00 0.00 ? 3  TYR B N    1 
ATOM 954  C CA   . TYR B 2 3  ? -2.295  -9.082  -5.178  1.00 0.00 ? 3  TYR B CA   1 
ATOM 955  C C    . TYR B 2 3  ? -0.794  -9.134  -5.427  1.00 0.00 ? 3  TYR B C    1 
ATOM 956  O O    . TYR B 2 3  ? -0.060  -8.278  -4.983  1.00 0.00 ? 3  TYR B O    1 
ATOM 957  C CB   . TYR B 2 3  ? -2.633  -9.765  -3.862  1.00 0.00 ? 3  TYR B CB   1 
ATOM 958  C CG   . TYR B 2 3  ? -4.047  -9.413  -3.528  1.00 0.00 ? 3  TYR B CG   1 
ATOM 959  C CD1  . TYR B 2 3  ? -4.462  -8.093  -3.678  1.00 0.00 ? 3  TYR B CD1  1 
ATOM 960  C CD2  . TYR B 2 3  ? -4.944  -10.390 -3.092  1.00 0.00 ? 3  TYR B CD2  1 
ATOM 961  C CE1  . TYR B 2 3  ? -5.768  -7.739  -3.394  1.00 0.00 ? 3  TYR B CE1  1 
ATOM 962  C CE2  . TYR B 2 3  ? -6.266  -10.037 -2.805  1.00 0.00 ? 3  TYR B CE2  1 
ATOM 963  C CZ   . TYR B 2 3  ? -6.681  -8.706  -2.957  1.00 0.00 ? 3  TYR B CZ   1 
ATOM 964  O OH   . TYR B 2 3  ? -7.983  -8.351  -2.675  1.00 0.00 ? 3  TYR B OH   1 
ATOM 965  H H    . TYR B 2 3  ? -3.614  -10.515 -6.096  1.00 0.00 ? 3  TYR B H    1 
ATOM 966  H HA   . TYR B 2 3  ? -2.612  -8.051  -5.118  1.00 0.00 ? 3  TYR B HA   1 
ATOM 967  H HB2  . TYR B 2 3  ? -2.531  -10.834 -3.960  1.00 0.00 ? 3  TYR B HB2  1 
ATOM 968  H HB3  . TYR B 2 3  ? -1.982  -9.397  -3.087  1.00 0.00 ? 3  TYR B HB3  1 
ATOM 969  H HD1  . TYR B 2 3  ? -3.766  -7.339  -4.008  1.00 0.00 ? 3  TYR B HD1  1 
ATOM 970  H HD2  . TYR B 2 3  ? -4.618  -11.413 -2.978  1.00 0.00 ? 3  TYR B HD2  1 
ATOM 971  H HE1  . TYR B 2 3  ? -6.072  -6.720  -3.523  1.00 0.00 ? 3  TYR B HE1  1 
ATOM 972  H HE2  . TYR B 2 3  ? -6.962  -10.786 -2.468  1.00 0.00 ? 3  TYR B HE2  1 
ATOM 973  H HH   . TYR B 2 3  ? -8.364  -7.963  -3.465  1.00 0.00 ? 3  TYR B HH   1 
ATOM 974  N N    . ARG B 2 4  ? -0.324  -10.125 -6.136  1.00 0.00 ? 4  ARG B N    1 
ATOM 975  C CA   . ARG B 2 4  ? 1.139   -10.197 -6.395  1.00 0.00 ? 4  ARG B CA   1 
ATOM 976  C C    . ARG B 2 4  ? 1.831   -10.627 -5.103  1.00 0.00 ? 4  ARG B C    1 
ATOM 977  O O    . ARG B 2 4  ? 1.401   -10.272 -4.025  1.00 0.00 ? 4  ARG B O    1 
ATOM 978  C CB   . ARG B 2 4  ? 1.629   -8.800  -6.806  1.00 0.00 ? 4  ARG B CB   1 
ATOM 979  C CG   . ARG B 2 4  ? 2.564   -8.876  -8.016  1.00 0.00 ? 4  ARG B CG   1 
ATOM 980  C CD   . ARG B 2 4  ? 1.964   -9.779  -9.097  1.00 0.00 ? 4  ARG B CD   1 
ATOM 981  N NE   . ARG B 2 4  ? 2.802   -11.003 -9.255  1.00 0.00 ? 4  ARG B NE   1 
ATOM 982  C CZ   . ARG B 2 4  ? 3.888   -10.969 -9.981  1.00 0.00 ? 4  ARG B CZ   1 
ATOM 983  N NH1  . ARG B 2 4  ? 4.792   -10.048 -9.778  1.00 0.00 ? 4  ARG B NH1  1 
ATOM 984  N NH2  . ARG B 2 4  ? 4.076   -11.864 -10.911 1.00 0.00 ? 4  ARG B NH2  1 
ATOM 985  H H    . ARG B 2 4  ? -0.927  -10.809 -6.494  1.00 0.00 ? 4  ARG B H    1 
ATOM 986  H HA   . ARG B 2 4  ? 1.348   -10.912 -7.178  1.00 0.00 ? 4  ARG B HA   1 
ATOM 987  H HB2  . ARG B 2 4  ? 0.777   -8.186  -7.056  1.00 0.00 ? 4  ARG B HB2  1 
ATOM 988  H HB3  . ARG B 2 4  ? 2.157   -8.352  -5.977  1.00 0.00 ? 4  ARG B HB3  1 
ATOM 989  H HG2  . ARG B 2 4  ? 2.701   -7.883  -8.418  1.00 0.00 ? 4  ARG B HG2  1 
ATOM 990  H HG3  . ARG B 2 4  ? 3.515   -9.266  -7.704  1.00 0.00 ? 4  ARG B HG3  1 
ATOM 991  H HD2  . ARG B 2 4  ? 0.962   -10.064 -8.812  1.00 0.00 ? 4  ARG B HD2  1 
ATOM 992  H HD3  . ARG B 2 4  ? 1.930   -9.244  -10.035 1.00 0.00 ? 4  ARG B HD3  1 
ATOM 993  H HE   . ARG B 2 4  ? 2.531   -11.837 -8.821  1.00 0.00 ? 4  ARG B HE   1 
ATOM 994  H HH11 . ARG B 2 4  ? 4.658   -9.363  -9.065  1.00 0.00 ? 4  ARG B HH11 1 
ATOM 995  H HH12 . ARG B 2 4  ? 5.621   -10.030 -10.336 1.00 0.00 ? 4  ARG B HH12 1 
ATOM 996  H HH21 . ARG B 2 4  ? 3.390   -12.574 -11.068 1.00 0.00 ? 4  ARG B HH21 1 
ATOM 997  H HH22 . ARG B 2 4  ? 4.907   -11.840 -11.467 1.00 0.00 ? 4  ARG B HH22 1 
ATOM 998  N N    . PRO B 2 5  ? 2.884   -11.378 -5.249  1.00 0.00 ? 5  PRO B N    1 
ATOM 999  C CA   . PRO B 2 5  ? 3.664   -11.867 -4.108  1.00 0.00 ? 5  PRO B CA   1 
ATOM 1000 C C    . PRO B 2 5  ? 4.472   -10.720 -3.500  1.00 0.00 ? 5  PRO B C    1 
ATOM 1001 O O    . PRO B 2 5  ? 5.272   -10.091 -4.164  1.00 0.00 ? 5  PRO B O    1 
ATOM 1002 C CB   . PRO B 2 5  ? 4.562   -12.944 -4.719  1.00 0.00 ? 5  PRO B CB   1 
ATOM 1003 C CG   . PRO B 2 5  ? 4.636   -12.636 -6.229  1.00 0.00 ? 5  PRO B CG   1 
ATOM 1004 C CD   . PRO B 2 5  ? 3.395   -11.801 -6.563  1.00 0.00 ? 5  PRO B CD   1 
ATOM 1005 H HA   . PRO B 2 5  ? 3.017   -12.307 -3.371  1.00 0.00 ? 5  PRO B HA   1 
ATOM 1006 H HB2  . PRO B 2 5  ? 5.550   -12.899 -4.277  1.00 0.00 ? 5  PRO B HB2  1 
ATOM 1007 H HB3  . PRO B 2 5  ? 4.129   -13.920 -4.567  1.00 0.00 ? 5  PRO B HB3  1 
ATOM 1008 H HG2  . PRO B 2 5  ? 5.530   -12.076 -6.448  1.00 0.00 ? 5  PRO B HG2  1 
ATOM 1009 H HG3  . PRO B 2 5  ? 4.617   -13.550 -6.795  1.00 0.00 ? 5  PRO B HG3  1 
ATOM 1010 H HD2  . PRO B 2 5  ? 3.667   -10.948 -7.161  1.00 0.00 ? 5  PRO B HD2  1 
ATOM 1011 H HD3  . PRO B 2 5  ? 2.659   -12.404 -7.071  1.00 0.00 ? 5  PRO B HD3  1 
ATOM 1012 N N    . LEU B 2 6  ? 4.240   -10.439 -2.244  1.00 0.00 ? 6  LEU B N    1 
ATOM 1013 C CA   . LEU B 2 6  ? 4.958   -9.326  -1.554  1.00 0.00 ? 6  LEU B CA   1 
ATOM 1014 C C    . LEU B 2 6  ? 6.384   -9.187  -2.099  1.00 0.00 ? 6  LEU B C    1 
ATOM 1015 O O    . LEU B 2 6  ? 7.158   -10.122 -2.038  1.00 0.00 ? 6  LEU B O    1 
ATOM 1016 C CB   . LEU B 2 6  ? 5.024   -9.638  -0.057  1.00 0.00 ? 6  LEU B CB   1 
ATOM 1017 C CG   . LEU B 2 6  ? 4.337   -8.525  0.735   1.00 0.00 ? 6  LEU B CG   1 
ATOM 1018 C CD1  . LEU B 2 6  ? 4.339   -8.880  2.223   1.00 0.00 ? 6  LEU B CD1  1 
ATOM 1019 C CD2  . LEU B 2 6  ? 5.094   -7.214  0.526   1.00 0.00 ? 6  LEU B CD2  1 
ATOM 1020 H H    . LEU B 2 6  ? 3.573   -10.962 -1.750  1.00 0.00 ? 6  LEU B H    1 
ATOM 1021 H HA   . LEU B 2 6  ? 4.415   -8.406  -1.700  1.00 0.00 ? 6  LEU B HA   1 
ATOM 1022 H HB2  . LEU B 2 6  ? 4.525   -10.578 0.137   1.00 0.00 ? 6  LEU B HB2  1 
ATOM 1023 H HB3  . LEU B 2 6  ? 6.057   -9.710  0.250   1.00 0.00 ? 6  LEU B HB3  1 
ATOM 1024 H HG   . LEU B 2 6  ? 3.319   -8.415  0.391   1.00 0.00 ? 6  LEU B HG   1 
ATOM 1025 H HD11 . LEU B 2 6  ? 4.179   -9.942  2.340   1.00 0.00 ? 6  LEU B HD11 1 
ATOM 1026 H HD12 . LEU B 2 6  ? 5.291   -8.610  2.656   1.00 0.00 ? 6  LEU B HD12 1 
ATOM 1027 H HD13 . LEU B 2 6  ? 3.549   -8.340  2.723   1.00 0.00 ? 6  LEU B HD13 1 
ATOM 1028 H HD21 . LEU B 2 6  ? 4.512   -6.561  -0.105  1.00 0.00 ? 6  LEU B HD21 1 
ATOM 1029 H HD22 . LEU B 2 6  ? 5.260   -6.737  1.479   1.00 0.00 ? 6  LEU B HD22 1 
ATOM 1030 H HD23 . LEU B 2 6  ? 6.044   -7.417  0.055   1.00 0.00 ? 6  LEU B HD23 1 
ATOM 1031 N N    . PRO B 2 7  ? 6.700   -8.018  -2.610  1.00 0.00 ? 7  PRO B N    1 
ATOM 1032 C CA   . PRO B 2 7  ? 8.037   -7.736  -3.161  1.00 0.00 ? 7  PRO B CA   1 
ATOM 1033 C C    . PRO B 2 7  ? 9.041   -7.535  -2.020  1.00 0.00 ? 7  PRO B C    1 
ATOM 1034 O O    . PRO B 2 7  ? 8.658   -7.325  -0.886  1.00 0.00 ? 7  PRO B O    1 
ATOM 1035 C CB   . PRO B 2 7  ? 7.834   -6.447  -3.965  1.00 0.00 ? 7  PRO B CB   1 
ATOM 1036 C CG   . PRO B 2 7  ? 6.568   -5.768  -3.391  1.00 0.00 ? 7  PRO B CG   1 
ATOM 1037 C CD   . PRO B 2 7  ? 5.762   -6.875  -2.684  1.00 0.00 ? 7  PRO B CD   1 
ATOM 1038 H HA   . PRO B 2 7  ? 8.356   -8.533  -3.812  1.00 0.00 ? 7  PRO B HA   1 
ATOM 1039 H HB2  . PRO B 2 7  ? 8.694   -5.801  -3.848  1.00 0.00 ? 7  PRO B HB2  1 
ATOM 1040 H HB3  . PRO B 2 7  ? 7.681   -6.680  -5.007  1.00 0.00 ? 7  PRO B HB3  1 
ATOM 1041 H HG2  . PRO B 2 7  ? 6.849   -5.001  -2.682  1.00 0.00 ? 7  PRO B HG2  1 
ATOM 1042 H HG3  . PRO B 2 7  ? 5.978   -5.340  -4.189  1.00 0.00 ? 7  PRO B HG3  1 
ATOM 1043 H HD2  . PRO B 2 7  ? 5.471   -6.554  -1.696  1.00 0.00 ? 7  PRO B HD2  1 
ATOM 1044 H HD3  . PRO B 2 7  ? 4.895   -7.141  -3.270  1.00 0.00 ? 7  PRO B HD3  1 
ATOM 1045 N N    . PRO B 2 8  ? 10.298  -7.618  -2.360  1.00 0.00 ? 8  PRO B N    1 
ATOM 1046 C CA   . PRO B 2 8  ? 11.400  -7.465  -1.396  1.00 0.00 ? 8  PRO B CA   1 
ATOM 1047 C C    . PRO B 2 8  ? 11.603  -5.998  -1.008  1.00 0.00 ? 8  PRO B C    1 
ATOM 1048 O O    . PRO B 2 8  ? 11.770  -5.140  -1.851  1.00 0.00 ? 8  PRO B O    1 
ATOM 1049 C CB   . PRO B 2 8  ? 12.611  -8.010  -2.137  1.00 0.00 ? 8  PRO B CB   1 
ATOM 1050 C CG   . PRO B 2 8  ? 12.270  -7.930  -3.630  1.00 0.00 ? 8  PRO B CG   1 
ATOM 1051 C CD   . PRO B 2 8  ? 10.736  -7.869  -3.740  1.00 0.00 ? 8  PRO B CD   1 
ATOM 1052 H HA   . PRO B 2 8  ? 11.221  -8.064  -0.538  1.00 0.00 ? 8  PRO B HA   1 
ATOM 1053 H HB2  . PRO B 2 8  ? 13.483  -7.408  -1.916  1.00 0.00 ? 8  PRO B HB2  1 
ATOM 1054 H HB3  . PRO B 2 8  ? 12.787  -9.038  -1.858  1.00 0.00 ? 8  PRO B HB3  1 
ATOM 1055 H HG2  . PRO B 2 8  ? 12.706  -7.043  -4.050  1.00 0.00 ? 8  PRO B HG2  1 
ATOM 1056 H HG3  . PRO B 2 8  ? 12.634  -8.805  -4.130  1.00 0.00 ? 8  PRO B HG3  1 
ATOM 1057 H HD2  . PRO B 2 8  ? 10.435  -7.060  -4.390  1.00 0.00 ? 8  PRO B HD2  1 
ATOM 1058 H HD3  . PRO B 2 8  ? 10.342  -8.809  -4.092  1.00 0.00 ? 8  PRO B HD3  1 
ATOM 1059 N N    . LEU B 2 9  ? 11.595  -5.706  0.265   1.00 0.00 ? 9  LEU B N    1 
ATOM 1060 C CA   . LEU B 2 9  ? 11.792  -4.297  0.709   1.00 0.00 ? 9  LEU B CA   1 
ATOM 1061 C C    . LEU B 2 9  ? 13.244  -3.886  0.453   1.00 0.00 ? 9  LEU B C    1 
ATOM 1062 O O    . LEU B 2 9  ? 14.127  -4.719  0.405   1.00 0.00 ? 9  LEU B O    1 
ATOM 1063 C CB   . LEU B 2 9  ? 11.485  -4.182  2.206   1.00 0.00 ? 9  LEU B CB   1 
ATOM 1064 C CG   . LEU B 2 9  ? 10.006  -4.486  2.451   1.00 0.00 ? 9  LEU B CG   1 
ATOM 1065 C CD1  . LEU B 2 9  ? 9.710   -4.426  3.952   1.00 0.00 ? 9  LEU B CD1  1 
ATOM 1066 C CD2  . LEU B 2 9  ? 9.145   -3.451  1.724   1.00 0.00 ? 9  LEU B CD2  1 
ATOM 1067 H H    . LEU B 2 9  ? 11.461  -6.415  0.930   1.00 0.00 ? 9  LEU B H    1 
ATOM 1068 H HA   . LEU B 2 9  ? 11.131  -3.649  0.154   1.00 0.00 ? 9  LEU B HA   1 
ATOM 1069 H HB2  . LEU B 2 9  ? 12.094  -4.888  2.753   1.00 0.00 ? 9  LEU B HB2  1 
ATOM 1070 H HB3  . LEU B 2 9  ? 11.705  -3.180  2.544   1.00 0.00 ? 9  LEU B HB3  1 
ATOM 1071 H HG   . LEU B 2 9  ? 9.775   -5.475  2.079   1.00 0.00 ? 9  LEU B HG   1 
ATOM 1072 H HD11 . LEU B 2 9  ? 8.748   -3.961  4.112   1.00 0.00 ? 9  LEU B HD11 1 
ATOM 1073 H HD12 . LEU B 2 9  ? 9.698   -5.427  4.356   1.00 0.00 ? 9  LEU B HD12 1 
ATOM 1074 H HD13 . LEU B 2 9  ? 10.477  -3.848  4.447   1.00 0.00 ? 9  LEU B HD13 1 
ATOM 1075 H HD21 . LEU B 2 9  ? 8.392   -3.069  2.400   1.00 0.00 ? 9  LEU B HD21 1 
ATOM 1076 H HD22 . LEU B 2 9  ? 9.769   -2.638  1.384   1.00 0.00 ? 9  LEU B HD22 1 
ATOM 1077 H HD23 . LEU B 2 9  ? 8.664   -3.914  0.876   1.00 0.00 ? 9  LEU B HD23 1 
ATOM 1078 N N    . PRO B 2 10 ? 13.439  -2.606  0.292   1.00 0.00 ? 10 PRO B N    1 
ATOM 1079 C CA   . PRO B 2 10 ? 14.768  -2.026  0.033   1.00 0.00 ? 10 PRO B CA   1 
ATOM 1080 C C    . PRO B 2 10 ? 15.586  -1.953  1.325   1.00 0.00 ? 10 PRO B C    1 
ATOM 1081 O O    . PRO B 2 10 ? 15.481  -2.872  2.123   1.00 0.00 ? 10 PRO B O    1 
ATOM 1082 C CB   . PRO B 2 10 ? 14.452  -0.625  -0.492  1.00 0.00 ? 10 PRO B CB   1 
ATOM 1083 C CG   . PRO B 2 10 ? 13.034  -0.281  0.018   1.00 0.00 ? 10 PRO B CG   1 
ATOM 1084 C CD   . PRO B 2 10 ? 12.348  -1.618  0.354   1.00 0.00 ? 10 PRO B CD   1 
ATOM 1085 O OXT  . PRO B 2 10 ? 16.305  -0.983  1.495   1.00 0.00 ? 10 PRO B OXT  1 
ATOM 1086 H HA   . PRO B 2 10 ? 15.289  -2.589  -0.720  1.00 0.00 ? 10 PRO B HA   1 
ATOM 1087 H HB2  . PRO B 2 10 ? 15.171  0.085   -0.109  1.00 0.00 ? 10 PRO B HB2  1 
ATOM 1088 H HB3  . PRO B 2 10 ? 14.460  -0.621  -1.571  1.00 0.00 ? 10 PRO B HB3  1 
ATOM 1089 H HG2  . PRO B 2 10 ? 13.103  0.337   0.902   1.00 0.00 ? 10 PRO B HG2  1 
ATOM 1090 H HG3  . PRO B 2 10 ? 12.479  0.229   -0.751  1.00 0.00 ? 10 PRO B HG3  1 
ATOM 1091 H HD2  . PRO B 2 10 ? 11.920  -1.583  1.347   1.00 0.00 ? 10 PRO B HD2  1 
ATOM 1092 H HD3  . PRO B 2 10 ? 11.591  -1.850  -0.379  1.00 0.00 ? 10 PRO B HD3  1 
# 
